data_7N5E
#
_entry.id   7N5E
#
_cell.length_a   1.00
_cell.length_b   1.00
_cell.length_c   1.00
_cell.angle_alpha   90.00
_cell.angle_beta   90.00
_cell.angle_gamma   90.00
#
_symmetry.space_group_name_H-M   'P 1'
#
loop_
_entity.id
_entity.type
_entity.pdbx_description
1 polymer 'Mechanosensitive ion channel Flycatcher1'
2 non-polymer 'PALMITIC ACID'
#
_entity_poly.entity_id   1
_entity_poly.type   'polypeptide(L)'
_entity_poly.pdbx_seq_one_letter_code
;MGSYLHEPPGDEPSMRIEQPKTADRAPEQVAIHICEPSKVVTESFPFSETAEPEAKSKNCPCPEIARIGPCPNKPPKIPI
NRGLSRISTNKSRPKSRFGEPSWPVESSLDLTSQSPVSPYREEAFSVENCGTAGSRRGSFARGTTSRAASSSRKDETKEG
PDEKEVYQRVTAQLSARNQKRMTVKLMIELSVFLCLLGCLVCSLTVDGFKRYTVIGLDIWKWFLLLLVIFSGMLITHWIV
HVAVFFVEWKFLMRKNVLYFTHGLKTSVEVFIWITVVLATWVMLIKPDVNQPHQTRKILEFVTWTIVTVLIGAFLWLVKT
TLLKILASSFHLNRFFDRIQESVFHHSVLQTLAGRPVVELAQGISRTESQDGAGQVSFMEHTKTQNKKVVDVGKLHQMKQ
EKVPAWTMQLLVDVVSNSGLSTMSGMLDEDMVEGGVELDDDEITNEEQAIATAVRIFDNIVQDKVDQSYIDRVDLHRFLI
WEEVDHLFPLFEVNEKGQISLKAFAKWVVKVYNDQAALKHALNDNKTAVKQLNKLVTAILIVMMIVIWLIVTGIATTKLI
VLLSSQLVVAAFIFGNTCKTIFEAIIFVFVMHPFDVGDRCVIDGNKMLVEEMNILTTVFLKWDKEKVYYPNSILCTKAIG
NFFRSPDQGDVLEFSVDFTTPVLKIGDLKDRIKMYLEQNLNFWHPQHNMVVKEIENVNKIKMALFVNHTINFQDFAEKNR
RRSELVLELKKIFEELDIKYNLLPQEISIRNMGSGSLEVLFQ
;
_entity_poly.pdbx_strand_id   A,B,C,D,E,F,G
#
loop_
_chem_comp.id
_chem_comp.type
_chem_comp.name
_chem_comp.formula
PLM non-polymer 'PALMITIC ACID' 'C16 H32 O2'
#
# COMPACT_ATOMS: atom_id res chain seq x y z
N SER A 96 -6.35 -36.05 1.50
CA SER A 96 -7.10 -35.16 0.65
C SER A 96 -8.08 -35.97 -0.23
N ARG A 97 -9.09 -35.27 -0.81
CA ARG A 97 -10.06 -35.86 -1.77
C ARG A 97 -9.48 -35.92 -3.19
N PHE A 98 -8.57 -34.99 -3.51
CA PHE A 98 -7.95 -34.96 -4.82
C PHE A 98 -6.46 -34.87 -4.63
N GLY A 99 -5.70 -35.48 -5.53
CA GLY A 99 -4.24 -35.35 -5.47
C GLY A 99 -3.59 -36.43 -4.59
N GLU A 100 -4.42 -37.23 -3.95
CA GLU A 100 -3.98 -38.29 -3.07
C GLU A 100 -3.25 -39.34 -3.93
N PRO A 101 -2.10 -39.99 -3.50
CA PRO A 101 -1.42 -41.09 -4.19
C PRO A 101 -2.37 -42.26 -4.48
N GLN A 294 -60.71 -7.81 32.16
CA GLN A 294 -59.79 -7.22 31.19
C GLN A 294 -59.56 -8.15 29.96
N THR A 295 -60.63 -8.82 29.46
CA THR A 295 -60.58 -9.72 28.29
C THR A 295 -60.38 -8.88 27.04
N ARG A 296 -60.59 -7.60 27.23
CA ARG A 296 -60.45 -6.58 26.26
C ARG A 296 -58.99 -6.47 25.85
N LYS A 297 -58.11 -6.56 26.84
CA LYS A 297 -56.71 -6.38 26.55
C LYS A 297 -56.11 -7.72 26.19
N ILE A 298 -56.72 -8.79 26.71
CA ILE A 298 -56.24 -10.11 26.40
C ILE A 298 -56.45 -10.35 24.93
N LEU A 299 -57.61 -9.99 24.40
CA LEU A 299 -57.82 -10.17 23.00
C LEU A 299 -56.91 -9.28 22.17
N GLU A 300 -56.61 -8.05 22.60
CA GLU A 300 -55.71 -7.27 21.77
C GLU A 300 -54.37 -7.98 21.66
N PHE A 301 -53.94 -8.57 22.78
CA PHE A 301 -52.73 -9.33 22.80
C PHE A 301 -52.78 -10.49 21.84
N VAL A 302 -53.84 -11.27 21.89
CA VAL A 302 -53.92 -12.43 21.04
C VAL A 302 -53.91 -12.05 19.60
N THR A 303 -54.64 -11.00 19.24
CA THR A 303 -54.71 -10.61 17.86
C THR A 303 -53.34 -10.29 17.36
N TRP A 304 -52.57 -9.53 18.12
CA TRP A 304 -51.25 -9.21 17.68
C TRP A 304 -50.32 -10.37 17.67
N THR A 305 -50.53 -11.32 18.55
CA THR A 305 -49.68 -12.49 18.50
C THR A 305 -49.89 -13.18 17.18
N ILE A 306 -51.15 -13.30 16.75
CA ILE A 306 -51.43 -13.98 15.51
C ILE A 306 -50.79 -13.24 14.35
N VAL A 307 -50.86 -11.92 14.37
CA VAL A 307 -50.27 -11.17 13.29
C VAL A 307 -48.79 -11.41 13.24
N THR A 308 -48.14 -11.41 14.38
CA THR A 308 -46.71 -11.64 14.42
C THR A 308 -46.38 -13.00 13.85
N VAL A 309 -47.17 -13.99 14.20
CA VAL A 309 -46.92 -15.32 13.72
C VAL A 309 -47.01 -15.36 12.21
N LEU A 310 -47.98 -14.68 11.64
CA LEU A 310 -48.08 -14.62 10.20
C LEU A 310 -46.90 -13.93 9.59
N ILE A 311 -46.41 -12.85 10.20
CA ILE A 311 -45.26 -12.18 9.65
C ILE A 311 -44.13 -13.16 9.61
N GLY A 312 -44.00 -13.91 10.67
CA GLY A 312 -42.97 -14.90 10.77
C GLY A 312 -43.09 -15.87 9.61
N ALA A 313 -44.28 -16.43 9.39
CA ALA A 313 -44.43 -17.37 8.31
C ALA A 313 -44.11 -16.77 6.98
N PHE A 314 -44.45 -15.53 6.78
CA PHE A 314 -44.15 -14.89 5.54
C PHE A 314 -42.67 -14.86 5.31
N LEU A 315 -41.94 -14.40 6.31
CA LEU A 315 -40.53 -14.29 6.15
C LEU A 315 -39.92 -15.64 5.98
N TRP A 316 -40.48 -16.64 6.65
CA TRP A 316 -40.00 -17.99 6.52
C TRP A 316 -40.07 -18.39 5.08
N LEU A 317 -41.23 -18.15 4.48
CA LEU A 317 -41.44 -18.51 3.10
C LEU A 317 -40.45 -17.80 2.22
N VAL A 318 -40.17 -16.54 2.51
CA VAL A 318 -39.21 -15.84 1.69
C VAL A 318 -37.84 -16.46 1.81
N LYS A 319 -37.44 -16.74 3.03
CA LYS A 319 -36.14 -17.32 3.30
C LYS A 319 -35.98 -18.63 2.57
N THR A 320 -36.99 -19.48 2.64
CA THR A 320 -36.91 -20.77 2.03
C THR A 320 -36.77 -20.62 0.55
N THR A 321 -37.54 -19.72 -0.03
CA THR A 321 -37.50 -19.58 -1.44
C THR A 321 -36.15 -19.12 -1.91
N LEU A 322 -35.56 -18.16 -1.23
CA LEU A 322 -34.28 -17.68 -1.70
C LEU A 322 -33.21 -18.72 -1.61
N LEU A 323 -33.21 -19.51 -0.55
CA LEU A 323 -32.21 -20.54 -0.47
C LEU A 323 -32.41 -21.61 -1.52
N LYS A 324 -33.66 -21.94 -1.87
CA LYS A 324 -33.88 -22.96 -2.89
C LYS A 324 -33.39 -22.45 -4.21
N ILE A 325 -33.58 -21.17 -4.48
CA ILE A 325 -33.13 -20.65 -5.73
C ILE A 325 -31.65 -20.70 -5.81
N LEU A 326 -31.00 -20.28 -4.75
CA LEU A 326 -29.56 -20.20 -4.74
C LEU A 326 -28.95 -21.58 -4.89
N ALA A 327 -29.47 -22.53 -4.11
CA ALA A 327 -28.94 -23.86 -4.09
C ALA A 327 -29.06 -24.57 -5.40
N SER A 328 -30.17 -24.36 -6.09
CA SER A 328 -30.41 -25.01 -7.35
C SER A 328 -29.66 -24.39 -8.48
N SER A 329 -29.81 -23.08 -8.68
CA SER A 329 -29.24 -22.45 -9.84
C SER A 329 -27.74 -22.55 -9.86
N PHE A 330 -27.13 -22.65 -8.70
CA PHE A 330 -25.72 -22.79 -8.56
C PHE A 330 -25.18 -23.94 -9.40
N HIS A 331 -25.87 -25.08 -9.39
CA HIS A 331 -25.43 -26.22 -10.15
C HIS A 331 -26.22 -26.48 -11.41
N LEU A 332 -27.53 -26.28 -11.36
CA LEU A 332 -28.40 -26.62 -12.47
C LEU A 332 -28.04 -25.88 -13.75
N ASN A 333 -27.61 -24.63 -13.62
CA ASN A 333 -27.30 -23.86 -14.80
C ASN A 333 -25.80 -23.89 -15.13
N ARG A 334 -25.03 -24.73 -14.44
CA ARG A 334 -23.61 -24.79 -14.72
C ARG A 334 -23.09 -26.18 -15.12
N PHE A 335 -23.40 -27.26 -14.36
CA PHE A 335 -22.83 -28.56 -14.75
C PHE A 335 -23.81 -29.70 -15.00
N PHE A 336 -25.00 -29.39 -15.43
CA PHE A 336 -25.98 -30.41 -15.71
C PHE A 336 -25.41 -31.48 -16.63
N ASP A 337 -24.71 -31.01 -17.64
CA ASP A 337 -24.16 -31.87 -18.66
C ASP A 337 -23.06 -32.80 -18.14
N ARG A 338 -22.36 -32.43 -17.07
CA ARG A 338 -21.30 -33.30 -16.58
C ARG A 338 -21.96 -34.45 -15.86
N ILE A 339 -23.10 -34.18 -15.24
CA ILE A 339 -23.80 -35.22 -14.55
C ILE A 339 -24.28 -36.22 -15.56
N GLN A 340 -24.82 -35.74 -16.67
CA GLN A 340 -25.32 -36.68 -17.65
C GLN A 340 -24.19 -37.49 -18.28
N GLU A 341 -23.01 -36.89 -18.48
CA GLU A 341 -21.91 -37.66 -19.02
C GLU A 341 -21.53 -38.77 -18.04
N SER A 342 -21.51 -38.46 -16.75
CA SER A 342 -21.15 -39.44 -15.75
C SER A 342 -22.10 -40.61 -15.78
N VAL A 343 -23.40 -40.32 -15.89
CA VAL A 343 -24.39 -41.39 -15.92
C VAL A 343 -24.15 -42.27 -17.12
N PHE A 344 -23.88 -41.67 -18.27
CA PHE A 344 -23.60 -42.43 -19.47
C PHE A 344 -22.45 -43.37 -19.31
N HIS A 345 -21.33 -42.90 -18.78
CA HIS A 345 -20.19 -43.79 -18.69
C HIS A 345 -20.46 -44.90 -17.71
N HIS A 346 -21.18 -44.64 -16.63
CA HIS A 346 -21.46 -45.71 -15.71
C HIS A 346 -22.40 -46.72 -16.33
N SER A 347 -23.35 -46.28 -17.14
CA SER A 347 -24.25 -47.20 -17.82
C SER A 347 -23.41 -48.12 -18.70
N VAL A 348 -22.43 -47.55 -19.37
CA VAL A 348 -21.54 -48.33 -20.20
C VAL A 348 -20.75 -49.32 -19.37
N LEU A 349 -20.20 -48.91 -18.23
CA LEU A 349 -19.43 -49.85 -17.42
C LEU A 349 -20.29 -51.00 -16.96
N GLN A 350 -21.54 -50.73 -16.60
CA GLN A 350 -22.42 -51.77 -16.15
C GLN A 350 -22.69 -52.75 -17.29
N THR A 351 -22.82 -52.22 -18.49
CA THR A 351 -23.04 -53.04 -19.66
C THR A 351 -21.83 -53.89 -19.99
N LEU A 352 -20.64 -53.30 -19.92
CA LEU A 352 -19.40 -53.99 -20.27
C LEU A 352 -19.18 -55.16 -19.34
N ALA A 353 -19.58 -55.00 -18.10
CA ALA A 353 -19.45 -56.04 -17.10
C ALA A 353 -20.22 -57.34 -17.43
N GLY A 354 -21.27 -57.28 -18.30
CA GLY A 354 -22.10 -58.42 -18.68
C GLY A 354 -21.50 -59.15 -19.89
N ALA A 503 -5.22 -48.64 -23.09
CA ALA A 503 -5.59 -47.47 -22.29
C ALA A 503 -7.01 -47.58 -21.68
N PHE A 504 -7.63 -48.80 -21.68
CA PHE A 504 -8.96 -49.06 -21.11
C PHE A 504 -9.02 -48.75 -19.64
N ALA A 505 -8.03 -49.24 -18.91
CA ALA A 505 -7.98 -49.00 -17.48
C ALA A 505 -7.87 -47.52 -17.18
N LYS A 506 -7.14 -46.77 -18.03
CA LYS A 506 -6.98 -45.34 -17.77
C LYS A 506 -8.33 -44.67 -17.89
N TRP A 507 -9.10 -45.09 -18.90
CA TRP A 507 -10.45 -44.60 -19.09
C TRP A 507 -11.33 -44.92 -17.90
N VAL A 508 -11.25 -46.14 -17.40
CA VAL A 508 -12.10 -46.52 -16.29
C VAL A 508 -11.80 -45.64 -15.08
N VAL A 509 -10.52 -45.40 -14.81
CA VAL A 509 -10.17 -44.57 -13.68
C VAL A 509 -10.69 -43.17 -13.86
N LYS A 510 -10.57 -42.60 -15.05
CA LYS A 510 -11.07 -41.27 -15.27
C LYS A 510 -12.55 -41.20 -14.99
N VAL A 511 -13.31 -42.21 -15.39
CA VAL A 511 -14.74 -42.19 -15.14
C VAL A 511 -15.04 -42.14 -13.65
N TYR A 512 -14.33 -42.92 -12.85
CA TYR A 512 -14.57 -42.88 -11.41
C TYR A 512 -14.09 -41.60 -10.77
N ASN A 513 -12.99 -41.02 -11.24
CA ASN A 513 -12.53 -39.78 -10.65
C ASN A 513 -13.48 -38.63 -10.97
N ASP A 514 -14.07 -38.62 -12.16
CA ASP A 514 -15.00 -37.56 -12.48
C ASP A 514 -16.25 -37.71 -11.66
N GLN A 515 -16.71 -38.94 -11.43
CA GLN A 515 -17.89 -39.07 -10.62
C GLN A 515 -17.62 -38.56 -9.23
N ALA A 516 -16.44 -38.86 -8.69
CA ALA A 516 -16.15 -38.38 -7.36
C ALA A 516 -16.14 -36.87 -7.31
N ALA A 517 -15.59 -36.24 -8.33
CA ALA A 517 -15.56 -34.79 -8.31
C ALA A 517 -16.95 -34.21 -8.28
N LEU A 518 -17.89 -34.80 -9.01
CA LEU A 518 -19.24 -34.27 -8.97
C LEU A 518 -19.85 -34.51 -7.62
N LYS A 519 -19.60 -35.65 -7.00
CA LYS A 519 -20.16 -35.89 -5.68
C LYS A 519 -19.65 -34.88 -4.69
N HIS A 520 -18.37 -34.51 -4.79
CA HIS A 520 -17.81 -33.56 -3.85
C HIS A 520 -18.40 -32.19 -4.08
N ALA A 521 -18.58 -31.78 -5.33
CA ALA A 521 -19.15 -30.48 -5.57
C ALA A 521 -20.56 -30.40 -5.03
N LEU A 522 -21.30 -31.49 -5.18
CA LEU A 522 -22.67 -31.55 -4.74
C LEU A 522 -22.76 -31.49 -3.24
N ASN A 523 -21.87 -32.18 -2.56
CA ASN A 523 -21.92 -32.16 -1.13
C ASN A 523 -21.46 -30.83 -0.56
N ASP A 524 -20.52 -30.17 -1.21
CA ASP A 524 -20.07 -28.89 -0.66
C ASP A 524 -21.15 -27.86 -0.85
N ASN A 525 -21.90 -27.94 -1.94
CA ASN A 525 -22.97 -26.98 -2.13
C ASN A 525 -24.05 -27.20 -1.12
N LYS A 526 -24.39 -28.46 -0.85
CA LYS A 526 -25.43 -28.69 0.12
C LYS A 526 -24.98 -28.16 1.47
N THR A 527 -23.71 -28.37 1.79
CA THR A 527 -23.22 -27.90 3.05
C THR A 527 -23.27 -26.41 3.14
N ALA A 528 -22.81 -25.72 2.12
CA ALA A 528 -22.78 -24.27 2.17
C ALA A 528 -24.17 -23.72 2.31
N VAL A 529 -25.13 -24.32 1.64
CA VAL A 529 -26.47 -23.80 1.75
C VAL A 529 -27.00 -24.05 3.14
N LYS A 530 -26.72 -25.21 3.72
CA LYS A 530 -27.16 -25.44 5.08
C LYS A 530 -26.55 -24.44 6.04
N GLN A 531 -25.30 -24.03 5.80
CA GLN A 531 -24.70 -23.06 6.71
C GLN A 531 -25.41 -21.73 6.55
N LEU A 532 -25.80 -21.38 5.32
CA LEU A 532 -26.50 -20.14 5.13
C LEU A 532 -27.81 -20.21 5.81
N ASN A 533 -28.42 -21.39 5.74
CA ASN A 533 -29.69 -21.58 6.34
C ASN A 533 -29.60 -21.34 7.82
N LYS A 534 -28.58 -21.84 8.49
CA LYS A 534 -28.50 -21.59 9.91
C LYS A 534 -28.32 -20.12 10.24
N LEU A 535 -27.51 -19.40 9.47
CA LEU A 535 -27.32 -18.00 9.80
C LEU A 535 -28.57 -17.20 9.64
N VAL A 536 -29.32 -17.49 8.59
CA VAL A 536 -30.50 -16.73 8.36
C VAL A 536 -31.61 -17.14 9.28
N THR A 537 -31.71 -18.41 9.59
CA THR A 537 -32.76 -18.82 10.46
C THR A 537 -32.55 -18.18 11.79
N ALA A 538 -31.33 -18.17 12.27
CA ALA A 538 -31.11 -17.61 13.57
C ALA A 538 -31.45 -16.14 13.64
N ILE A 539 -31.13 -15.36 12.62
CA ILE A 539 -31.49 -13.97 12.73
C ILE A 539 -32.97 -13.80 12.61
N LEU A 540 -33.60 -14.61 11.78
CA LEU A 540 -35.02 -14.50 11.63
C LEU A 540 -35.71 -14.79 12.94
N ILE A 541 -35.27 -15.79 13.67
CA ILE A 541 -35.92 -16.06 14.91
C ILE A 541 -35.76 -14.91 15.86
N VAL A 542 -34.57 -14.38 15.95
CA VAL A 542 -34.37 -13.31 16.89
C VAL A 542 -35.20 -12.12 16.56
N MET A 543 -35.26 -11.73 15.30
CA MET A 543 -36.03 -10.56 15.02
C MET A 543 -37.48 -10.83 15.29
N MET A 544 -37.95 -12.06 15.13
CA MET A 544 -39.35 -12.24 15.37
C MET A 544 -39.67 -12.11 16.82
N ILE A 545 -38.73 -12.45 17.69
CA ILE A 545 -39.01 -12.31 19.10
C ILE A 545 -39.16 -10.85 19.41
N VAL A 546 -38.26 -10.05 18.88
CA VAL A 546 -38.35 -8.64 19.17
C VAL A 546 -39.62 -8.06 18.63
N ILE A 547 -40.00 -8.43 17.42
CA ILE A 547 -41.19 -7.88 16.84
C ILE A 547 -42.36 -8.20 17.72
N TRP A 548 -42.46 -9.42 18.18
CA TRP A 548 -43.56 -9.80 19.01
C TRP A 548 -43.63 -8.95 20.24
N LEU A 549 -42.51 -8.78 20.91
CA LEU A 549 -42.51 -8.03 22.14
C LEU A 549 -42.93 -6.60 21.96
N ILE A 550 -42.61 -6.01 20.84
CA ILE A 550 -42.96 -4.62 20.74
C ILE A 550 -44.36 -4.40 20.17
N VAL A 551 -44.81 -5.20 19.21
CA VAL A 551 -46.13 -4.93 18.63
C VAL A 551 -47.23 -5.26 19.60
N THR A 552 -47.01 -6.23 20.45
CA THR A 552 -47.99 -6.63 21.43
C THR A 552 -48.10 -5.68 22.58
N GLY A 553 -47.16 -4.76 22.73
CA GLY A 553 -47.19 -3.85 23.86
C GLY A 553 -46.53 -4.41 25.09
N ILE A 554 -45.95 -5.60 25.01
CA ILE A 554 -45.33 -6.16 26.18
C ILE A 554 -44.12 -5.35 26.57
N ALA A 555 -43.28 -5.03 25.61
CA ALA A 555 -42.12 -4.26 25.95
C ALA A 555 -42.57 -2.87 26.30
N THR A 556 -42.01 -2.33 27.36
CA THR A 556 -42.29 -0.99 27.80
C THR A 556 -41.24 -0.01 27.38
N THR A 557 -41.41 1.25 27.71
CA THR A 557 -40.46 2.25 27.23
C THR A 557 -39.05 1.95 27.61
N LYS A 558 -38.80 1.56 28.84
CA LYS A 558 -37.42 1.28 29.21
C LYS A 558 -36.86 0.07 28.49
N LEU A 559 -37.69 -0.91 28.16
CA LEU A 559 -37.18 -2.06 27.46
C LEU A 559 -36.87 -1.72 26.04
N ILE A 560 -37.65 -0.82 25.46
CA ILE A 560 -37.38 -0.42 24.10
C ILE A 560 -36.08 0.30 24.05
N VAL A 561 -35.82 1.16 25.01
CA VAL A 561 -34.57 1.89 25.04
C VAL A 561 -33.40 0.97 25.14
N LEU A 562 -33.47 -0.03 26.01
CA LEU A 562 -32.36 -0.95 26.11
C LEU A 562 -32.20 -1.82 24.88
N LEU A 563 -33.29 -2.27 24.27
CA LEU A 563 -33.15 -3.09 23.09
C LEU A 563 -32.56 -2.29 21.97
N SER A 564 -32.97 -1.02 21.87
CA SER A 564 -32.48 -0.16 20.84
C SER A 564 -30.99 0.01 20.96
N SER A 565 -30.53 0.24 22.18
CA SER A 565 -29.11 0.39 22.39
C SER A 565 -28.39 -0.90 22.03
N GLN A 566 -28.92 -2.05 22.44
CA GLN A 566 -28.23 -3.29 22.15
C GLN A 566 -28.07 -3.51 20.68
N LEU A 567 -29.08 -3.16 19.90
CA LEU A 567 -28.96 -3.32 18.47
C LEU A 567 -27.91 -2.40 17.92
N VAL A 568 -27.87 -1.17 18.36
CA VAL A 568 -26.88 -0.25 17.85
C VAL A 568 -25.48 -0.70 18.16
N VAL A 569 -25.26 -1.16 19.36
CA VAL A 569 -23.93 -1.58 19.69
C VAL A 569 -23.54 -2.80 18.86
N ALA A 570 -24.46 -3.75 18.72
CA ALA A 570 -24.20 -4.95 17.94
C ALA A 570 -23.90 -4.60 16.51
N ALA A 571 -24.53 -3.57 16.00
CA ALA A 571 -24.30 -3.18 14.64
C ALA A 571 -22.85 -2.87 14.40
N PHE A 572 -22.14 -2.35 15.38
CA PHE A 572 -20.74 -2.09 15.17
C PHE A 572 -19.95 -3.37 15.30
N ILE A 573 -20.23 -4.14 16.33
CA ILE A 573 -19.43 -5.32 16.64
C ILE A 573 -19.45 -6.35 15.56
N PHE A 574 -20.62 -6.60 15.04
CA PHE A 574 -20.82 -7.64 14.06
C PHE A 574 -20.90 -7.06 12.68
N GLY A 575 -20.57 -5.79 12.55
CA GLY A 575 -20.66 -5.10 11.29
C GLY A 575 -19.78 -5.69 10.24
N ASN A 576 -18.49 -5.87 10.54
CA ASN A 576 -17.61 -6.40 9.53
C ASN A 576 -17.92 -7.83 9.25
N THR A 577 -18.39 -8.55 10.26
CA THR A 577 -18.66 -9.94 10.05
C THR A 577 -19.79 -10.12 9.08
N CYS A 578 -20.85 -9.35 9.24
CA CYS A 578 -21.97 -9.49 8.35
C CYS A 578 -21.59 -9.09 6.95
N LYS A 579 -20.82 -8.03 6.80
CA LYS A 579 -20.38 -7.61 5.49
C LYS A 579 -19.56 -8.70 4.84
N THR A 580 -18.61 -9.29 5.58
CA THR A 580 -17.73 -10.31 5.06
C THR A 580 -18.48 -11.51 4.61
N ILE A 581 -19.44 -11.96 5.38
CA ILE A 581 -20.18 -13.12 4.97
C ILE A 581 -20.93 -12.79 3.71
N PHE A 582 -21.57 -11.64 3.65
CA PHE A 582 -22.31 -11.29 2.45
C PHE A 582 -21.42 -11.31 1.24
N GLU A 583 -20.25 -10.68 1.32
CA GLU A 583 -19.39 -10.66 0.16
C GLU A 583 -18.95 -12.05 -0.22
N ALA A 584 -18.68 -12.90 0.77
CA ALA A 584 -18.29 -14.25 0.49
C ALA A 584 -19.38 -15.00 -0.24
N ILE A 585 -20.63 -14.74 0.10
CA ILE A 585 -21.74 -15.39 -0.55
C ILE A 585 -21.79 -14.95 -1.99
N ILE A 586 -21.62 -13.68 -2.24
CA ILE A 586 -21.67 -13.24 -3.61
C ILE A 586 -20.52 -13.88 -4.37
N PHE A 587 -19.34 -13.90 -3.82
CA PHE A 587 -18.23 -14.50 -4.51
C PHE A 587 -18.47 -15.95 -4.84
N VAL A 588 -18.88 -16.73 -3.85
CA VAL A 588 -19.07 -18.13 -4.07
C VAL A 588 -20.22 -18.48 -4.96
N PHE A 589 -21.37 -17.87 -4.77
CA PHE A 589 -22.51 -18.29 -5.54
C PHE A 589 -22.83 -17.50 -6.76
N VAL A 590 -22.44 -16.25 -6.82
CA VAL A 590 -22.81 -15.45 -7.94
C VAL A 590 -21.68 -15.36 -8.91
N MET A 591 -20.50 -14.99 -8.43
CA MET A 591 -19.37 -14.85 -9.35
C MET A 591 -18.88 -16.23 -9.77
N HIS A 592 -18.72 -17.11 -8.80
CA HIS A 592 -18.32 -18.49 -9.01
C HIS A 592 -17.22 -18.69 -10.04
N PRO A 593 -16.01 -18.18 -9.82
CA PRO A 593 -14.87 -18.32 -10.70
C PRO A 593 -14.34 -19.74 -10.83
N PHE A 594 -14.67 -20.61 -9.89
CA PHE A 594 -14.19 -21.98 -9.93
C PHE A 594 -15.04 -22.96 -9.20
N ASP A 595 -14.90 -24.23 -9.56
CA ASP A 595 -15.56 -25.30 -8.86
C ASP A 595 -14.55 -26.18 -8.12
N VAL A 596 -15.05 -27.20 -7.44
CA VAL A 596 -14.23 -28.14 -6.72
C VAL A 596 -13.56 -29.08 -7.69
N GLY A 597 -12.25 -29.23 -7.57
CA GLY A 597 -11.48 -30.07 -8.46
C GLY A 597 -10.85 -29.30 -9.62
N ASP A 598 -11.23 -28.05 -9.82
CA ASP A 598 -10.65 -27.28 -10.91
C ASP A 598 -9.23 -26.87 -10.57
N ARG A 599 -8.36 -26.82 -11.57
CA ARG A 599 -7.01 -26.30 -11.34
C ARG A 599 -7.05 -24.82 -11.71
N CYS A 600 -6.80 -23.98 -10.71
CA CYS A 600 -6.90 -22.53 -10.76
C CYS A 600 -5.57 -21.84 -10.65
N VAL A 601 -5.48 -20.61 -11.12
CA VAL A 601 -4.22 -19.90 -10.94
C VAL A 601 -4.41 -18.61 -10.17
N ILE A 602 -3.78 -18.52 -9.00
CA ILE A 602 -3.90 -17.33 -8.17
C ILE A 602 -2.54 -16.73 -7.90
N ASP A 603 -2.31 -15.53 -8.37
CA ASP A 603 -1.03 -14.86 -8.21
C ASP A 603 0.15 -15.71 -8.66
N GLY A 604 -0.02 -16.45 -9.74
CA GLY A 604 1.04 -17.28 -10.29
C GLY A 604 1.10 -18.68 -9.70
N ASN A 605 0.32 -18.95 -8.68
CA ASN A 605 0.32 -20.24 -8.04
C ASN A 605 -0.72 -21.15 -8.63
N LYS A 606 -0.28 -22.24 -9.20
CA LYS A 606 -1.21 -23.14 -9.82
C LYS A 606 -1.68 -24.07 -8.73
N MET A 607 -2.95 -24.00 -8.41
CA MET A 607 -3.48 -24.76 -7.29
C MET A 607 -4.78 -25.47 -7.61
N LEU A 608 -4.98 -26.60 -7.00
CA LEU A 608 -6.19 -27.36 -7.21
C LEU A 608 -7.20 -27.02 -6.14
N VAL A 609 -8.46 -26.83 -6.50
CA VAL A 609 -9.43 -26.51 -5.46
C VAL A 609 -9.87 -27.77 -4.77
N GLU A 610 -9.66 -27.84 -3.48
CA GLU A 610 -10.05 -29.02 -2.76
C GLU A 610 -11.43 -28.89 -2.18
N GLU A 611 -11.70 -27.76 -1.56
CA GLU A 611 -12.97 -27.57 -0.88
C GLU A 611 -13.45 -26.14 -0.90
N MET A 612 -14.74 -25.94 -1.01
CA MET A 612 -15.28 -24.59 -0.93
C MET A 612 -16.22 -24.43 0.24
N ASN A 613 -16.06 -23.34 0.96
CA ASN A 613 -16.87 -23.00 2.10
C ASN A 613 -17.24 -21.55 1.99
N ILE A 614 -17.99 -21.06 2.93
CA ILE A 614 -18.35 -19.65 2.88
C ILE A 614 -17.20 -18.76 3.25
N LEU A 615 -16.47 -19.03 4.32
CA LEU A 615 -15.43 -18.12 4.70
C LEU A 615 -14.09 -18.39 4.05
N THR A 616 -13.82 -19.64 3.68
CA THR A 616 -12.54 -20.01 3.09
C THR A 616 -12.68 -20.92 1.89
N THR A 617 -11.62 -20.97 1.11
CA THR A 617 -11.46 -21.93 0.05
C THR A 617 -10.18 -22.68 0.36
N VAL A 618 -10.21 -23.99 0.21
CA VAL A 618 -9.01 -24.78 0.49
C VAL A 618 -8.42 -25.26 -0.80
N PHE A 619 -7.14 -24.96 -0.99
CA PHE A 619 -6.41 -25.30 -2.20
C PHE A 619 -5.21 -26.20 -1.98
N LEU A 620 -4.85 -26.97 -2.99
CA LEU A 620 -3.60 -27.74 -2.94
C LEU A 620 -2.59 -27.20 -3.92
N LYS A 621 -1.40 -26.96 -3.44
CA LYS A 621 -0.35 -26.44 -4.29
C LYS A 621 0.26 -27.54 -5.11
N TRP A 622 1.16 -27.24 -6.03
CA TRP A 622 1.74 -28.29 -6.85
C TRP A 622 2.42 -29.39 -6.02
N ASP A 623 2.91 -29.09 -4.83
CA ASP A 623 3.57 -30.04 -3.98
C ASP A 623 2.63 -30.62 -2.97
N LYS A 624 1.35 -30.37 -3.16
CA LYS A 624 0.24 -30.80 -2.35
C LYS A 624 0.19 -30.22 -0.96
N GLU A 625 0.80 -29.07 -0.76
CA GLU A 625 0.62 -28.39 0.50
C GLU A 625 -0.82 -27.91 0.55
N LYS A 626 -1.48 -28.11 1.68
CA LYS A 626 -2.86 -27.64 1.85
C LYS A 626 -2.87 -26.21 2.31
N VAL A 627 -3.59 -25.37 1.58
CA VAL A 627 -3.67 -23.95 1.86
C VAL A 627 -5.05 -23.43 2.15
N TYR A 628 -5.19 -22.75 3.27
CA TYR A 628 -6.44 -22.13 3.65
C TYR A 628 -6.39 -20.70 3.19
N TYR A 629 -7.27 -20.36 2.27
CA TYR A 629 -7.23 -19.07 1.64
C TYR A 629 -8.56 -18.32 1.84
N PRO A 630 -8.64 -17.28 2.68
CA PRO A 630 -9.86 -16.57 3.02
C PRO A 630 -10.57 -16.04 1.80
N ASN A 631 -11.88 -16.15 1.79
CA ASN A 631 -12.62 -15.66 0.65
C ASN A 631 -12.61 -14.17 0.59
N SER A 632 -12.48 -13.49 1.71
CA SER A 632 -12.49 -12.04 1.71
C SER A 632 -11.31 -11.45 0.95
N ILE A 633 -10.29 -12.25 0.71
CA ILE A 633 -9.12 -11.86 -0.04
C ILE A 633 -9.26 -12.33 -1.45
N LEU A 634 -9.71 -13.56 -1.59
CA LEU A 634 -9.84 -14.18 -2.88
C LEU A 634 -10.81 -13.37 -3.76
N CYS A 635 -11.77 -12.71 -3.12
CA CYS A 635 -12.76 -11.86 -3.78
C CYS A 635 -12.19 -10.69 -4.55
N THR A 636 -10.95 -10.31 -4.30
CA THR A 636 -10.37 -9.17 -4.99
C THR A 636 -9.30 -9.55 -5.97
N LYS A 637 -9.13 -10.83 -6.23
CA LYS A 637 -8.07 -11.26 -7.13
C LYS A 637 -8.56 -11.70 -8.47
N ALA A 638 -7.66 -11.64 -9.45
CA ALA A 638 -7.97 -12.17 -10.76
C ALA A 638 -7.67 -13.64 -10.71
N ILE A 639 -8.66 -14.46 -10.93
CA ILE A 639 -8.46 -15.89 -10.77
C ILE A 639 -8.52 -16.66 -12.06
N GLY A 640 -7.46 -17.40 -12.35
CA GLY A 640 -7.44 -18.21 -13.56
C GLY A 640 -8.14 -19.52 -13.30
N ASN A 641 -8.64 -20.15 -14.35
CA ASN A 641 -9.27 -21.45 -14.25
C ASN A 641 -8.95 -22.28 -15.49
N PHE A 642 -8.06 -23.25 -15.35
CA PHE A 642 -7.64 -24.07 -16.49
C PHE A 642 -8.72 -25.01 -16.91
N PHE A 643 -9.49 -25.50 -15.96
CA PHE A 643 -10.54 -26.46 -16.24
C PHE A 643 -11.52 -25.91 -17.24
N ARG A 644 -11.88 -24.65 -17.07
CA ARG A 644 -12.85 -23.98 -17.91
C ARG A 644 -12.27 -23.37 -19.16
N SER A 645 -10.96 -23.50 -19.37
CA SER A 645 -10.28 -22.92 -20.51
C SER A 645 -10.39 -23.78 -21.78
N PRO A 646 -10.32 -23.18 -22.95
CA PRO A 646 -10.23 -23.81 -24.24
C PRO A 646 -8.83 -24.33 -24.40
N ASP A 647 -8.54 -25.05 -25.46
CA ASP A 647 -7.20 -25.56 -25.63
C ASP A 647 -6.21 -24.44 -25.45
N GLN A 648 -5.18 -24.69 -24.67
CA GLN A 648 -4.20 -23.67 -24.35
C GLN A 648 -2.97 -23.69 -25.24
N GLY A 649 -2.28 -22.57 -25.33
CA GLY A 649 -1.06 -22.51 -26.15
C GLY A 649 0.19 -22.47 -25.32
N ASP A 650 1.35 -22.38 -25.97
CA ASP A 650 2.62 -22.33 -25.27
C ASP A 650 3.73 -21.67 -26.08
N VAL A 651 4.90 -21.47 -25.46
CA VAL A 651 6.07 -20.85 -26.11
C VAL A 651 7.41 -21.47 -25.77
N LEU A 652 8.22 -21.65 -26.78
CA LEU A 652 9.60 -22.07 -26.65
C LEU A 652 10.54 -20.95 -27.09
N GLU A 653 11.27 -20.35 -26.16
CA GLU A 653 12.17 -19.26 -26.54
C GLU A 653 13.57 -19.80 -26.72
N PHE A 654 14.29 -19.22 -27.66
CA PHE A 654 15.66 -19.62 -27.92
C PHE A 654 16.45 -18.54 -28.61
N SER A 655 17.74 -18.76 -28.72
CA SER A 655 18.60 -17.81 -29.40
C SER A 655 19.51 -18.54 -30.34
N VAL A 656 19.89 -17.86 -31.41
CA VAL A 656 20.82 -18.38 -32.38
C VAL A 656 21.87 -17.33 -32.67
N ASP A 657 22.99 -17.72 -33.26
CA ASP A 657 23.99 -16.74 -33.64
C ASP A 657 23.47 -15.80 -34.71
N PHE A 658 23.91 -14.55 -34.66
CA PHE A 658 23.60 -13.55 -35.66
C PHE A 658 24.01 -13.92 -37.05
N THR A 659 25.01 -14.76 -37.19
CA THR A 659 25.49 -15.11 -38.51
C THR A 659 24.74 -16.31 -39.09
N THR A 660 23.75 -16.84 -38.39
CA THR A 660 23.00 -17.98 -38.91
C THR A 660 22.39 -17.54 -40.23
N PRO A 661 22.66 -18.20 -41.36
CA PRO A 661 22.16 -17.87 -42.65
C PRO A 661 20.67 -17.84 -42.61
N VAL A 662 20.07 -16.97 -43.38
CA VAL A 662 18.62 -16.89 -43.40
C VAL A 662 18.02 -18.17 -43.92
N LEU A 663 18.79 -18.91 -44.70
CA LEU A 663 18.35 -20.18 -45.21
C LEU A 663 18.21 -21.19 -44.09
N LYS A 664 19.05 -21.13 -43.05
CA LYS A 664 18.95 -22.09 -41.97
C LYS A 664 17.77 -21.71 -41.14
N ILE A 665 17.48 -20.42 -41.09
CA ILE A 665 16.34 -19.96 -40.33
C ILE A 665 15.10 -20.53 -41.05
N GLY A 666 15.09 -20.44 -42.38
CA GLY A 666 14.01 -21.02 -43.18
C GLY A 666 13.88 -22.53 -43.00
N ASP A 667 15.02 -23.23 -42.92
CA ASP A 667 14.99 -24.67 -42.72
C ASP A 667 14.47 -25.00 -41.34
N LEU A 668 14.78 -24.18 -40.35
CA LEU A 668 14.30 -24.42 -39.01
C LEU A 668 12.80 -24.33 -39.00
N LYS A 669 12.25 -23.31 -39.67
CA LYS A 669 10.80 -23.18 -39.71
C LYS A 669 10.15 -24.37 -40.39
N ASP A 670 10.77 -24.87 -41.46
CA ASP A 670 10.22 -25.99 -42.20
C ASP A 670 10.29 -27.28 -41.40
N ARG A 671 11.39 -27.50 -40.68
CA ARG A 671 11.52 -28.71 -39.91
C ARG A 671 10.55 -28.73 -38.77
N ILE A 672 10.32 -27.58 -38.15
CA ILE A 672 9.38 -27.53 -37.05
C ILE A 672 8.01 -27.82 -37.55
N LYS A 673 7.62 -27.25 -38.69
CA LYS A 673 6.31 -27.54 -39.23
C LYS A 673 6.12 -29.02 -39.43
N MET A 674 7.12 -29.71 -40.00
CA MET A 674 6.97 -31.14 -40.21
C MET A 674 6.82 -31.88 -38.93
N TYR A 675 7.55 -31.51 -37.89
CA TYR A 675 7.38 -32.19 -36.64
C TYR A 675 5.98 -32.06 -36.12
N LEU A 676 5.47 -30.84 -36.09
CA LEU A 676 4.18 -30.61 -35.50
C LEU A 676 3.09 -31.35 -36.26
N GLU A 677 3.21 -31.43 -37.58
CA GLU A 677 2.21 -32.11 -38.41
C GLU A 677 2.23 -33.62 -38.28
N GLN A 678 3.26 -34.19 -37.68
CA GLN A 678 3.36 -35.62 -37.51
C GLN A 678 2.86 -36.03 -36.15
N ASN A 679 2.49 -35.05 -35.35
CA ASN A 679 2.07 -35.28 -33.99
C ASN A 679 0.80 -34.50 -33.71
N LEU A 680 -0.25 -34.77 -34.49
CA LEU A 680 -1.45 -33.97 -34.39
C LEU A 680 -2.32 -34.35 -33.24
N ASN A 681 -1.96 -35.39 -32.54
CA ASN A 681 -2.72 -35.72 -31.37
C ASN A 681 -2.30 -34.80 -30.24
N PHE A 682 -1.13 -34.15 -30.39
CA PHE A 682 -0.60 -33.26 -29.38
C PHE A 682 -0.64 -31.82 -29.81
N TRP A 683 -0.43 -31.56 -31.09
CA TRP A 683 -0.32 -30.19 -31.51
C TRP A 683 -1.27 -29.80 -32.63
N HIS A 684 -1.78 -28.60 -32.56
CA HIS A 684 -2.58 -28.09 -33.65
C HIS A 684 -1.61 -27.68 -34.73
N PRO A 685 -1.92 -27.76 -36.02
CA PRO A 685 -1.07 -27.32 -37.11
C PRO A 685 -0.62 -25.87 -37.07
N GLN A 686 -1.39 -25.01 -36.40
CA GLN A 686 -1.05 -23.60 -36.33
C GLN A 686 0.03 -23.32 -35.31
N HIS A 687 1.04 -22.60 -35.78
CA HIS A 687 2.17 -22.21 -34.98
C HIS A 687 2.78 -21.00 -35.63
N ASN A 688 3.61 -20.28 -34.89
CA ASN A 688 4.30 -19.13 -35.44
C ASN A 688 5.74 -19.06 -34.98
N MET A 689 6.62 -18.70 -35.89
CA MET A 689 8.01 -18.48 -35.53
C MET A 689 8.26 -17.00 -35.62
N VAL A 690 8.64 -16.40 -34.50
CA VAL A 690 8.82 -14.98 -34.44
C VAL A 690 10.26 -14.59 -34.18
N VAL A 691 10.78 -13.70 -35.02
CA VAL A 691 12.13 -13.20 -34.83
C VAL A 691 11.91 -11.92 -34.09
N LYS A 692 12.52 -11.80 -32.93
CA LYS A 692 12.21 -10.67 -32.07
C LYS A 692 13.28 -9.61 -31.94
N GLU A 693 14.52 -10.01 -31.89
CA GLU A 693 15.52 -9.01 -31.58
C GLU A 693 16.92 -9.30 -32.03
N ILE A 694 17.64 -8.27 -32.43
CA ILE A 694 19.06 -8.41 -32.72
C ILE A 694 19.86 -7.74 -31.62
N GLU A 695 20.62 -8.53 -30.88
CA GLU A 695 21.45 -8.02 -29.80
C GLU A 695 22.87 -7.87 -30.30
N ASN A 696 23.40 -6.66 -30.20
CA ASN A 696 24.70 -6.35 -30.75
C ASN A 696 24.60 -6.85 -32.17
N VAL A 697 25.57 -7.60 -32.63
CA VAL A 697 25.46 -8.22 -33.92
C VAL A 697 25.80 -9.65 -33.67
N ASN A 698 25.51 -10.09 -32.46
CA ASN A 698 25.88 -11.40 -32.05
C ASN A 698 24.73 -12.36 -31.86
N LYS A 699 23.58 -11.85 -31.45
CA LYS A 699 22.52 -12.80 -31.12
C LYS A 699 21.17 -12.45 -31.67
N ILE A 700 20.48 -13.47 -32.19
CA ILE A 700 19.12 -13.28 -32.63
C ILE A 700 18.20 -14.01 -31.69
N LYS A 701 17.29 -13.28 -31.12
CA LYS A 701 16.34 -13.84 -30.19
C LYS A 701 15.10 -14.22 -30.96
N MET A 702 14.63 -15.44 -30.73
CA MET A 702 13.47 -15.99 -31.41
C MET A 702 12.50 -16.69 -30.49
N ALA A 703 11.25 -16.80 -30.90
CA ALA A 703 10.32 -17.58 -30.13
C ALA A 703 9.37 -18.36 -30.99
N LEU A 704 9.13 -19.59 -30.57
CA LEU A 704 8.19 -20.49 -31.21
C LEU A 704 6.90 -20.57 -30.44
N PHE A 705 5.82 -20.25 -31.10
CA PHE A 705 4.49 -20.27 -30.51
C PHE A 705 3.73 -21.45 -31.04
N VAL A 706 3.25 -22.29 -30.15
CA VAL A 706 2.52 -23.50 -30.51
C VAL A 706 1.21 -23.62 -29.79
N ASN A 707 0.35 -24.49 -30.29
CA ASN A 707 -0.94 -24.72 -29.69
C ASN A 707 -1.18 -26.17 -29.31
N HIS A 708 -1.50 -26.40 -28.05
CA HIS A 708 -1.74 -27.72 -27.52
C HIS A 708 -3.13 -28.14 -27.84
N THR A 709 -3.37 -29.44 -27.88
CA THR A 709 -4.70 -30.00 -28.10
C THR A 709 -5.49 -30.22 -26.82
N ILE A 710 -4.92 -29.78 -25.71
CA ILE A 710 -5.55 -29.88 -24.39
C ILE A 710 -5.53 -28.55 -23.63
N ASN A 711 -6.35 -28.42 -22.62
CA ASN A 711 -6.22 -27.28 -21.72
C ASN A 711 -5.23 -27.75 -20.69
N PHE A 712 -4.92 -26.97 -19.67
CA PHE A 712 -3.88 -27.40 -18.74
C PHE A 712 -4.35 -27.95 -17.43
N GLN A 713 -5.55 -28.52 -17.38
CA GLN A 713 -6.01 -29.13 -16.15
C GLN A 713 -5.07 -30.27 -15.77
N ASP A 714 -4.57 -31.01 -16.75
CA ASP A 714 -3.60 -32.07 -16.48
C ASP A 714 -2.23 -31.47 -16.72
N PHE A 715 -1.64 -30.97 -15.66
CA PHE A 715 -0.45 -30.20 -15.83
C PHE A 715 0.73 -31.08 -16.21
N ALA A 716 0.79 -32.26 -15.63
CA ALA A 716 1.89 -33.14 -15.93
C ALA A 716 1.89 -33.54 -17.39
N GLU A 717 0.70 -33.74 -17.97
CA GLU A 717 0.65 -34.12 -19.37
C GLU A 717 1.12 -32.97 -20.24
N LYS A 718 0.77 -31.75 -19.87
CA LYS A 718 1.24 -30.61 -20.63
C LYS A 718 2.75 -30.60 -20.69
N ASN A 719 3.40 -30.79 -19.54
CA ASN A 719 4.84 -30.76 -19.52
C ASN A 719 5.47 -31.89 -20.28
N ARG A 720 4.87 -33.07 -20.28
CA ARG A 720 5.45 -34.15 -21.05
C ARG A 720 5.44 -33.85 -22.53
N ARG A 721 4.35 -33.27 -23.02
CA ARG A 721 4.28 -32.96 -24.44
C ARG A 721 5.26 -31.87 -24.81
N ARG A 722 5.40 -30.86 -23.94
CA ARG A 722 6.30 -29.77 -24.22
C ARG A 722 7.73 -30.26 -24.21
N SER A 723 8.05 -31.15 -23.28
CA SER A 723 9.39 -31.69 -23.12
C SER A 723 9.83 -32.36 -24.42
N GLU A 724 8.94 -33.12 -25.05
CA GLU A 724 9.31 -33.73 -26.33
C GLU A 724 9.57 -32.70 -27.41
N LEU A 725 8.78 -31.62 -27.44
CA LEU A 725 9.01 -30.56 -28.43
C LEU A 725 10.35 -29.90 -28.22
N VAL A 726 10.75 -29.71 -26.95
CA VAL A 726 12.02 -29.08 -26.67
C VAL A 726 13.14 -29.98 -27.18
N LEU A 727 13.03 -31.29 -26.96
CA LEU A 727 14.06 -32.19 -27.48
C LEU A 727 14.05 -32.24 -29.01
N GLU A 728 12.90 -32.06 -29.64
CA GLU A 728 12.90 -32.01 -31.09
C GLU A 728 13.66 -30.79 -31.57
N LEU A 729 13.48 -29.66 -30.88
CA LEU A 729 14.18 -28.45 -31.28
C LEU A 729 15.67 -28.68 -31.18
N LYS A 730 16.09 -29.36 -30.12
CA LYS A 730 17.50 -29.70 -29.94
C LYS A 730 18.02 -30.44 -31.15
N LYS A 731 17.29 -31.48 -31.55
CA LYS A 731 17.66 -32.31 -32.67
C LYS A 731 17.75 -31.54 -33.97
N ILE A 732 16.81 -30.65 -34.21
CA ILE A 732 16.83 -29.89 -35.43
C ILE A 732 18.05 -29.00 -35.46
N PHE A 733 18.37 -28.33 -34.35
CA PHE A 733 19.54 -27.46 -34.35
C PHE A 733 20.77 -28.27 -34.66
N GLU A 734 20.89 -29.47 -34.10
CA GLU A 734 22.10 -30.23 -34.39
C GLU A 734 22.19 -30.61 -35.86
N GLU A 735 21.09 -31.06 -36.45
CA GLU A 735 21.09 -31.50 -37.83
C GLU A 735 21.35 -30.39 -38.81
N LEU A 736 20.85 -29.20 -38.52
CA LEU A 736 21.01 -28.06 -39.39
C LEU A 736 22.28 -27.29 -39.06
N ASP A 737 23.03 -27.74 -38.06
CA ASP A 737 24.23 -27.07 -37.58
C ASP A 737 24.00 -25.61 -37.14
N ILE A 738 22.94 -25.38 -36.36
CA ILE A 738 22.65 -24.06 -35.81
C ILE A 738 23.39 -23.90 -34.51
N LYS A 739 24.20 -22.86 -34.44
CA LYS A 739 25.11 -22.58 -33.34
C LYS A 739 24.93 -21.20 -32.75
N TYR A 740 25.47 -20.99 -31.55
CA TYR A 740 25.60 -19.68 -30.92
C TYR A 740 27.02 -19.46 -30.39
N ASN A 741 27.70 -18.41 -30.86
CA ASN A 741 29.05 -18.10 -30.41
C ASN A 741 29.10 -16.81 -29.61
N LEU A 742 30.08 -16.72 -28.73
CA LEU A 742 30.36 -15.48 -28.01
C LEU A 742 31.16 -14.52 -28.86
N LEU A 743 30.99 -13.21 -28.64
CA LEU A 743 31.78 -12.22 -29.34
C LEU A 743 33.25 -12.43 -29.04
N PRO A 744 34.15 -12.27 -30.02
CA PRO A 744 35.58 -12.42 -29.90
C PRO A 744 36.17 -11.31 -29.07
N GLN A 745 37.22 -11.63 -28.36
CA GLN A 745 37.89 -10.66 -27.52
C GLN A 745 39.30 -10.38 -27.97
N GLU A 746 39.56 -9.12 -28.25
CA GLU A 746 40.90 -8.72 -28.65
C GLU A 746 41.75 -8.52 -27.44
N ILE A 747 42.96 -9.07 -27.49
CA ILE A 747 43.94 -9.03 -26.42
C ILE A 747 45.22 -8.33 -26.81
N SER A 748 45.69 -7.48 -25.93
CA SER A 748 46.95 -6.78 -26.10
C SER A 748 47.90 -7.28 -25.04
N ILE A 749 49.14 -7.61 -25.37
CA ILE A 749 50.03 -8.13 -24.33
C ILE A 749 51.17 -7.21 -24.02
N ARG A 750 51.28 -6.84 -22.76
CA ARG A 750 52.37 -5.99 -22.35
C ARG A 750 53.40 -6.86 -21.63
N ASN A 751 54.55 -7.13 -22.31
CA ASN A 751 55.64 -8.01 -21.86
C ASN A 751 55.13 -9.41 -21.49
N ASN B 290 -51.83 -5.28 51.96
CA ASN B 290 -52.04 -4.80 53.32
C ASN B 290 -51.46 -3.38 53.51
N GLN B 291 -50.20 -3.18 53.09
CA GLN B 291 -49.44 -1.93 53.14
C GLN B 291 -48.81 -1.68 51.76
N PRO B 292 -49.63 -1.49 50.69
CA PRO B 292 -49.20 -1.47 49.30
C PRO B 292 -48.21 -0.39 48.91
N HIS B 293 -48.23 0.70 49.65
CA HIS B 293 -47.37 1.83 49.41
C HIS B 293 -46.10 1.83 50.22
N GLN B 294 -46.02 0.92 51.18
CA GLN B 294 -44.92 0.96 52.13
C GLN B 294 -44.12 -0.31 52.27
N THR B 295 -44.77 -1.43 52.55
CA THR B 295 -43.99 -2.63 52.80
C THR B 295 -44.25 -3.67 51.76
N ARG B 296 -45.37 -3.59 51.05
CA ARG B 296 -45.67 -4.59 50.02
C ARG B 296 -44.59 -4.54 48.95
N LYS B 297 -44.05 -3.37 48.72
CA LYS B 297 -43.03 -3.16 47.73
C LYS B 297 -41.80 -4.01 48.03
N ILE B 298 -41.52 -4.33 49.29
CA ILE B 298 -40.35 -5.15 49.52
C ILE B 298 -40.63 -6.54 48.99
N LEU B 299 -41.88 -6.98 49.01
CA LEU B 299 -42.15 -8.30 48.53
C LEU B 299 -41.92 -8.30 47.04
N GLU B 300 -42.26 -7.19 46.36
CA GLU B 300 -42.00 -7.14 44.91
C GLU B 300 -40.50 -7.18 44.65
N PHE B 301 -39.73 -6.49 45.46
CA PHE B 301 -38.31 -6.48 45.31
C PHE B 301 -37.77 -7.87 45.40
N VAL B 302 -38.18 -8.59 46.43
CA VAL B 302 -37.72 -9.94 46.65
C VAL B 302 -38.18 -10.85 45.54
N THR B 303 -39.42 -10.70 45.10
CA THR B 303 -39.90 -11.56 44.06
C THR B 303 -39.04 -11.45 42.85
N TRP B 304 -38.77 -10.24 42.44
CA TRP B 304 -38.05 -10.07 41.21
C TRP B 304 -36.58 -10.31 41.34
N THR B 305 -36.00 -10.10 42.51
CA THR B 305 -34.61 -10.41 42.67
C THR B 305 -34.43 -11.88 42.53
N ILE B 306 -35.32 -12.68 43.10
CA ILE B 306 -35.17 -14.11 42.99
C ILE B 306 -35.32 -14.49 41.53
N VAL B 307 -36.28 -13.91 40.82
CA VAL B 307 -36.45 -14.23 39.42
C VAL B 307 -35.21 -13.91 38.61
N THR B 308 -34.60 -12.76 38.86
CA THR B 308 -33.40 -12.39 38.13
C THR B 308 -32.35 -13.43 38.34
N VAL B 309 -32.20 -13.89 39.57
CA VAL B 309 -31.21 -14.88 39.87
C VAL B 309 -31.48 -16.15 39.11
N LEU B 310 -32.74 -16.56 39.03
CA LEU B 310 -33.05 -17.75 38.26
C LEU B 310 -32.73 -17.56 36.78
N ILE B 311 -32.99 -16.37 36.22
CA ILE B 311 -32.68 -16.12 34.81
C ILE B 311 -31.20 -16.24 34.61
N GLY B 312 -30.44 -15.68 35.53
CA GLY B 312 -29.00 -15.72 35.48
C GLY B 312 -28.53 -17.15 35.48
N ALA B 313 -29.03 -17.96 36.40
CA ALA B 313 -28.61 -19.34 36.44
C ALA B 313 -28.94 -20.05 35.16
N PHE B 314 -30.08 -19.75 34.58
CA PHE B 314 -30.44 -20.39 33.35
C PHE B 314 -29.44 -20.09 32.26
N LEU B 315 -29.11 -18.82 32.08
CA LEU B 315 -28.20 -18.46 31.02
C LEU B 315 -26.85 -19.02 31.28
N TRP B 316 -26.46 -19.08 32.52
CA TRP B 316 -25.19 -19.62 32.91
C TRP B 316 -25.11 -21.06 32.44
N LEU B 317 -26.15 -21.81 32.71
CA LEU B 317 -26.20 -23.21 32.32
C LEU B 317 -26.13 -23.36 30.81
N VAL B 318 -26.82 -22.50 30.09
CA VAL B 318 -26.78 -22.58 28.64
C VAL B 318 -25.37 -22.31 28.14
N LYS B 319 -24.73 -21.28 28.70
CA LYS B 319 -23.39 -20.94 28.34
C LYS B 319 -22.47 -22.10 28.52
N THR B 320 -22.57 -22.77 29.65
CA THR B 320 -21.66 -23.84 29.92
C THR B 320 -21.85 -24.94 28.92
N THR B 321 -23.09 -25.28 28.62
CA THR B 321 -23.30 -26.36 27.68
C THR B 321 -22.71 -26.04 26.34
N LEU B 322 -22.95 -24.84 25.85
CA LEU B 322 -22.48 -24.52 24.53
C LEU B 322 -20.96 -24.47 24.45
N LEU B 323 -20.30 -24.00 25.49
CA LEU B 323 -18.87 -23.96 25.46
C LEU B 323 -18.28 -25.35 25.55
N LYS B 324 -18.95 -26.30 26.21
CA LYS B 324 -18.45 -27.66 26.25
C LYS B 324 -18.53 -28.27 24.86
N ILE B 325 -19.60 -27.94 24.14
CA ILE B 325 -19.75 -28.42 22.80
C ILE B 325 -18.64 -27.86 21.93
N LEU B 326 -18.34 -26.57 22.07
CA LEU B 326 -17.28 -25.95 21.29
C LEU B 326 -15.96 -26.61 21.55
N ALA B 327 -15.67 -26.87 22.81
CA ALA B 327 -14.41 -27.47 23.19
C ALA B 327 -14.21 -28.81 22.54
N SER B 328 -15.28 -29.57 22.29
CA SER B 328 -15.09 -30.89 21.72
C SER B 328 -14.49 -30.82 20.31
N SER B 329 -14.59 -29.68 19.64
CA SER B 329 -14.09 -29.53 18.29
C SER B 329 -12.59 -29.41 18.29
N PHE B 330 -12.02 -29.20 19.46
CA PHE B 330 -10.59 -29.05 19.63
C PHE B 330 -9.97 -30.32 20.15
N HIS B 331 -10.76 -31.38 20.22
CA HIS B 331 -10.18 -32.64 20.62
C HIS B 331 -9.38 -33.15 19.46
N LEU B 332 -8.17 -33.60 19.70
CA LEU B 332 -7.38 -34.09 18.61
C LEU B 332 -7.28 -35.60 18.67
N ASN B 333 -7.40 -36.23 17.51
CA ASN B 333 -7.32 -37.69 17.44
C ASN B 333 -5.91 -38.17 17.20
N ARG B 334 -4.98 -37.24 17.14
CA ARG B 334 -3.56 -37.54 16.93
C ARG B 334 -3.00 -38.22 18.17
N PHE B 335 -3.73 -38.13 19.26
CA PHE B 335 -3.34 -38.69 20.54
C PHE B 335 -4.12 -39.97 20.80
N PHE B 336 -4.86 -40.48 19.81
CA PHE B 336 -5.67 -41.66 20.05
C PHE B 336 -4.88 -42.82 20.61
N ASP B 337 -3.72 -43.11 20.03
CA ASP B 337 -2.94 -44.24 20.51
C ASP B 337 -2.45 -44.02 21.92
N ARG B 338 -2.10 -42.78 22.27
CA ARG B 338 -1.60 -42.49 23.60
C ARG B 338 -2.71 -42.65 24.61
N ILE B 339 -3.91 -42.26 24.22
CA ILE B 339 -5.06 -42.36 25.08
C ILE B 339 -5.36 -43.81 25.36
N GLN B 340 -5.33 -44.65 24.32
CA GLN B 340 -5.64 -46.04 24.55
C GLN B 340 -4.59 -46.73 25.41
N GLU B 341 -3.30 -46.38 25.26
CA GLU B 341 -2.29 -46.99 26.11
C GLU B 341 -2.48 -46.58 27.56
N SER B 342 -2.83 -45.31 27.79
CA SER B 342 -3.06 -44.85 29.14
C SER B 342 -4.26 -45.53 29.77
N VAL B 343 -5.34 -45.74 29.01
CA VAL B 343 -6.50 -46.40 29.59
C VAL B 343 -6.13 -47.79 30.04
N PHE B 344 -5.39 -48.53 29.21
CA PHE B 344 -4.98 -49.86 29.59
C PHE B 344 -4.13 -49.86 30.84
N HIS B 345 -3.13 -48.99 30.90
CA HIS B 345 -2.25 -48.97 32.04
C HIS B 345 -2.97 -48.59 33.32
N HIS B 346 -3.91 -47.66 33.25
CA HIS B 346 -4.60 -47.27 34.45
C HIS B 346 -5.59 -48.32 34.87
N SER B 347 -6.12 -49.09 33.92
CA SER B 347 -7.02 -50.16 34.27
C SER B 347 -6.29 -51.25 35.05
N VAL B 348 -5.09 -51.64 34.58
CA VAL B 348 -4.35 -52.68 35.28
C VAL B 348 -3.84 -52.21 36.65
N LEU B 349 -3.56 -50.93 36.79
CA LEU B 349 -3.11 -50.42 38.09
C LEU B 349 -4.21 -50.43 39.14
N GLN B 350 -5.46 -50.72 38.77
CA GLN B 350 -6.48 -50.76 39.80
C GLN B 350 -6.53 -52.14 40.46
N THR B 351 -6.04 -53.19 39.78
CA THR B 351 -6.15 -54.54 40.36
C THR B 351 -4.84 -55.28 40.51
N LEU B 352 -3.83 -54.97 39.69
CA LEU B 352 -2.57 -55.70 39.74
C LEU B 352 -1.51 -54.93 40.51
N ALA B 353 -1.88 -53.77 41.00
CA ALA B 353 -0.98 -52.91 41.74
C ALA B 353 -0.76 -53.46 43.15
N GLY B 354 0.45 -53.24 43.72
CA GLY B 354 0.81 -53.63 45.06
C GLY B 354 2.23 -53.13 45.34
N TRP B 507 8.01 -48.83 36.54
CA TRP B 507 6.97 -48.98 35.53
C TRP B 507 5.73 -48.12 35.87
N VAL B 508 5.25 -48.20 37.13
CA VAL B 508 4.05 -47.52 37.64
C VAL B 508 4.24 -46.01 37.55
N VAL B 509 5.44 -45.56 37.87
CA VAL B 509 5.77 -44.16 37.81
C VAL B 509 5.76 -43.67 36.36
N LYS B 510 6.13 -44.51 35.41
CA LYS B 510 6.13 -44.12 34.01
C LYS B 510 4.70 -43.90 33.60
N VAL B 511 3.80 -44.78 34.05
CA VAL B 511 2.40 -44.64 33.69
C VAL B 511 1.85 -43.33 34.18
N TYR B 512 2.16 -42.94 35.41
CA TYR B 512 1.63 -41.67 35.89
C TYR B 512 2.29 -40.47 35.21
N ASN B 513 3.58 -40.55 34.87
CA ASN B 513 4.22 -39.43 34.21
C ASN B 513 3.67 -39.26 32.78
N ASP B 514 3.37 -40.38 32.11
CA ASP B 514 2.81 -40.32 30.77
C ASP B 514 1.40 -39.79 30.83
N GLN B 515 0.64 -40.15 31.88
CA GLN B 515 -0.71 -39.65 32.00
C GLN B 515 -0.68 -38.14 32.10
N ALA B 516 0.23 -37.60 32.90
CA ALA B 516 0.30 -36.17 33.04
C ALA B 516 0.66 -35.50 31.72
N ALA B 517 1.60 -36.09 30.97
CA ALA B 517 2.01 -35.52 29.71
C ALA B 517 0.86 -35.46 28.72
N LEU B 518 0.02 -36.49 28.73
CA LEU B 518 -1.11 -36.55 27.85
C LEU B 518 -2.18 -35.55 28.24
N LYS B 519 -2.46 -35.41 29.54
CA LYS B 519 -3.46 -34.45 29.95
C LYS B 519 -3.05 -33.05 29.54
N HIS B 520 -1.76 -32.74 29.63
CA HIS B 520 -1.34 -31.41 29.22
C HIS B 520 -1.44 -31.29 27.71
N ALA B 521 -1.05 -32.32 26.96
CA ALA B 521 -1.09 -32.22 25.52
C ALA B 521 -2.50 -31.94 25.01
N LEU B 522 -3.49 -32.52 25.67
CA LEU B 522 -4.87 -32.31 25.31
C LEU B 522 -5.38 -30.95 25.76
N ASN B 523 -5.00 -30.52 26.98
CA ASN B 523 -5.47 -29.23 27.51
C ASN B 523 -4.88 -28.05 26.78
N ASP B 524 -3.70 -28.23 26.20
CA ASP B 524 -3.04 -27.19 25.46
C ASP B 524 -3.81 -26.76 24.23
N ASN B 525 -4.71 -27.59 23.70
CA ASN B 525 -5.40 -27.15 22.50
C ASN B 525 -6.75 -26.54 22.86
N LYS B 526 -7.03 -26.37 24.16
CA LYS B 526 -8.29 -25.80 24.60
C LYS B 526 -8.16 -24.46 25.29
N THR B 527 -6.99 -23.85 25.22
CA THR B 527 -6.75 -22.61 25.91
C THR B 527 -7.58 -21.46 25.36
N ALA B 528 -7.87 -21.50 24.08
CA ALA B 528 -8.68 -20.46 23.49
C ALA B 528 -10.10 -20.53 24.03
N VAL B 529 -10.58 -21.74 24.36
CA VAL B 529 -11.93 -21.89 24.82
C VAL B 529 -12.03 -21.33 26.20
N LYS B 530 -11.04 -21.60 27.01
CA LYS B 530 -11.06 -21.06 28.37
C LYS B 530 -11.10 -19.54 28.35
N GLN B 531 -10.36 -18.93 27.43
CA GLN B 531 -10.34 -17.49 27.31
C GLN B 531 -11.67 -16.95 26.86
N LEU B 532 -12.31 -17.66 25.95
CA LEU B 532 -13.59 -17.22 25.48
C LEU B 532 -14.54 -17.30 26.63
N ASN B 533 -14.47 -18.36 27.43
CA ASN B 533 -15.37 -18.47 28.55
C ASN B 533 -15.29 -17.28 29.46
N LYS B 534 -14.09 -16.82 29.77
CA LYS B 534 -13.97 -15.67 30.65
C LYS B 534 -14.61 -14.44 30.06
N LEU B 535 -14.45 -14.25 28.76
CA LEU B 535 -15.00 -13.10 28.08
C LEU B 535 -16.51 -13.13 28.08
N VAL B 536 -17.05 -14.29 27.78
CA VAL B 536 -18.48 -14.45 27.72
C VAL B 536 -19.08 -14.24 29.06
N THR B 537 -18.46 -14.78 30.08
CA THR B 537 -18.96 -14.65 31.41
C THR B 537 -18.98 -13.21 31.81
N ALA B 538 -17.93 -12.46 31.54
CA ALA B 538 -17.96 -11.08 31.95
C ALA B 538 -19.13 -10.35 31.32
N ILE B 539 -19.41 -10.66 30.07
CA ILE B 539 -20.51 -10.03 29.39
C ILE B 539 -21.81 -10.44 30.03
N LEU B 540 -21.96 -11.73 30.32
CA LEU B 540 -23.15 -12.24 30.94
C LEU B 540 -23.43 -11.62 32.28
N ILE B 541 -22.41 -11.40 33.09
CA ILE B 541 -22.64 -10.78 34.37
C ILE B 541 -23.17 -9.39 34.19
N VAL B 542 -22.59 -8.64 33.28
CA VAL B 542 -23.10 -7.32 33.07
C VAL B 542 -24.52 -7.36 32.61
N MET B 543 -24.86 -8.26 31.70
CA MET B 543 -26.23 -8.31 31.25
C MET B 543 -27.16 -8.60 32.40
N MET B 544 -26.77 -9.47 33.31
CA MET B 544 -27.65 -9.77 34.43
C MET B 544 -27.80 -8.62 35.40
N ILE B 545 -26.79 -7.77 35.53
CA ILE B 545 -26.95 -6.63 36.40
C ILE B 545 -27.99 -5.75 35.81
N VAL B 546 -27.89 -5.53 34.51
CA VAL B 546 -28.87 -4.67 33.90
C VAL B 546 -30.24 -5.29 34.03
N ILE B 547 -30.38 -6.58 33.82
CA ILE B 547 -31.69 -7.18 33.97
C ILE B 547 -32.22 -6.98 35.35
N TRP B 548 -31.40 -7.17 36.37
CA TRP B 548 -31.87 -6.98 37.73
C TRP B 548 -32.38 -5.58 37.93
N LEU B 549 -31.65 -4.60 37.46
CA LEU B 549 -32.06 -3.23 37.64
C LEU B 549 -33.39 -2.93 36.97
N ILE B 550 -33.66 -3.57 35.87
CA ILE B 550 -34.90 -3.33 35.19
C ILE B 550 -36.08 -4.15 35.71
N VAL B 551 -35.91 -5.44 35.89
CA VAL B 551 -37.03 -6.29 36.29
C VAL B 551 -37.53 -6.02 37.69
N THR B 552 -36.67 -5.59 38.60
CA THR B 552 -37.18 -5.31 39.94
C THR B 552 -37.80 -3.93 40.00
N GLY B 553 -37.62 -3.13 38.95
CA GLY B 553 -38.14 -1.79 38.90
C GLY B 553 -37.30 -0.79 39.65
N ILE B 554 -36.16 -1.21 40.15
CA ILE B 554 -35.33 -0.30 40.92
C ILE B 554 -34.79 0.85 40.10
N ALA B 555 -34.47 0.61 38.84
CA ALA B 555 -33.99 1.68 38.02
C ALA B 555 -35.15 2.52 37.51
N THR B 556 -34.90 3.81 37.35
CA THR B 556 -35.87 4.70 36.78
C THR B 556 -35.51 4.96 35.36
N THR B 557 -36.39 5.62 34.64
CA THR B 557 -36.16 5.83 33.25
C THR B 557 -35.23 6.93 32.85
N LYS B 558 -34.98 7.89 33.70
CA LYS B 558 -34.04 8.89 33.25
C LYS B 558 -32.63 8.34 33.26
N LEU B 559 -32.38 7.45 34.20
CA LEU B 559 -31.06 6.88 34.34
C LEU B 559 -30.89 5.83 33.29
N ILE B 560 -31.96 5.12 32.94
CA ILE B 560 -31.86 4.14 31.89
C ILE B 560 -31.53 4.84 30.60
N VAL B 561 -32.18 5.96 30.34
CA VAL B 561 -31.83 6.65 29.14
C VAL B 561 -30.41 7.16 29.16
N LEU B 562 -29.93 7.73 30.26
CA LEU B 562 -28.54 8.19 30.27
C LEU B 562 -27.56 7.03 30.11
N LEU B 563 -27.89 5.87 30.68
CA LEU B 563 -27.05 4.68 30.58
C LEU B 563 -26.93 4.22 29.15
N SER B 564 -28.06 4.15 28.44
CA SER B 564 -28.01 3.74 27.06
C SER B 564 -27.31 4.75 26.20
N SER B 565 -27.48 6.03 26.49
CA SER B 565 -26.82 7.04 25.70
C SER B 565 -25.31 6.92 25.80
N GLN B 566 -24.79 6.73 27.02
CA GLN B 566 -23.35 6.62 27.16
C GLN B 566 -22.82 5.35 26.52
N LEU B 567 -23.59 4.27 26.55
CA LEU B 567 -23.15 3.05 25.92
C LEU B 567 -23.00 3.22 24.44
N VAL B 568 -23.92 3.92 23.83
CA VAL B 568 -23.80 4.15 22.42
C VAL B 568 -22.55 4.95 22.11
N VAL B 569 -22.23 5.96 22.91
CA VAL B 569 -21.01 6.71 22.66
C VAL B 569 -19.79 5.81 22.80
N ALA B 570 -19.76 4.95 23.81
CA ALA B 570 -18.63 4.06 23.95
C ALA B 570 -18.51 3.16 22.75
N ALA B 571 -19.61 2.67 22.22
CA ALA B 571 -19.52 1.82 21.06
C ALA B 571 -18.97 2.57 19.90
N PHE B 572 -19.36 3.81 19.75
CA PHE B 572 -18.87 4.61 18.67
C PHE B 572 -17.36 4.68 18.69
N ILE B 573 -16.81 4.96 19.87
CA ILE B 573 -15.38 5.12 20.00
C ILE B 573 -14.57 3.81 19.99
N PHE B 574 -15.00 2.81 20.74
CA PHE B 574 -14.21 1.58 20.89
C PHE B 574 -14.75 0.39 20.13
N GLY B 575 -15.77 0.59 19.32
CA GLY B 575 -16.39 -0.46 18.55
C GLY B 575 -15.39 -1.15 17.66
N ASN B 576 -14.41 -0.42 17.16
CA ASN B 576 -13.41 -1.02 16.29
C ASN B 576 -12.52 -2.02 17.00
N THR B 577 -12.36 -1.88 18.30
CA THR B 577 -11.53 -2.85 18.98
C THR B 577 -12.35 -4.09 19.12
N CYS B 578 -13.64 -3.92 19.41
CA CYS B 578 -14.52 -5.07 19.56
C CYS B 578 -14.65 -5.83 18.24
N LYS B 579 -14.65 -5.12 17.12
CA LYS B 579 -14.72 -5.79 15.83
C LYS B 579 -13.53 -6.69 15.68
N THR B 580 -12.36 -6.20 16.07
CA THR B 580 -11.14 -6.99 15.96
C THR B 580 -11.18 -8.22 16.83
N ILE B 581 -11.68 -8.08 18.05
CA ILE B 581 -11.74 -9.22 18.93
C ILE B 581 -12.65 -10.25 18.35
N PHE B 582 -13.80 -9.82 17.86
CA PHE B 582 -14.76 -10.74 17.30
C PHE B 582 -14.22 -11.45 16.08
N GLU B 583 -13.55 -10.74 15.19
CA GLU B 583 -13.00 -11.40 14.02
C GLU B 583 -11.96 -12.43 14.42
N ALA B 584 -11.16 -12.14 15.43
CA ALA B 584 -10.18 -13.09 15.89
C ALA B 584 -10.86 -14.35 16.41
N ILE B 585 -12.02 -14.20 17.05
CA ILE B 585 -12.78 -15.34 17.54
C ILE B 585 -13.25 -16.18 16.38
N ILE B 586 -13.72 -15.56 15.31
CA ILE B 586 -14.12 -16.33 14.14
C ILE B 586 -12.95 -17.07 13.54
N PHE B 587 -11.81 -16.42 13.41
CA PHE B 587 -10.65 -17.09 12.87
C PHE B 587 -10.28 -18.32 13.67
N VAL B 588 -10.19 -18.18 14.98
CA VAL B 588 -9.80 -19.29 15.82
C VAL B 588 -10.81 -20.40 15.90
N PHE B 589 -12.09 -20.08 16.05
CA PHE B 589 -13.06 -21.13 16.25
C PHE B 589 -13.86 -21.57 15.04
N VAL B 590 -13.94 -20.78 13.99
CA VAL B 590 -14.73 -21.20 12.85
C VAL B 590 -13.85 -21.56 11.68
N MET B 591 -12.97 -20.66 11.27
CA MET B 591 -12.14 -20.93 10.11
C MET B 591 -11.18 -22.05 10.46
N HIS B 592 -10.54 -21.91 11.62
CA HIS B 592 -9.66 -22.90 12.22
C HIS B 592 -8.63 -23.55 11.29
N PRO B 593 -7.70 -22.79 10.68
CA PRO B 593 -6.67 -23.24 9.76
C PRO B 593 -5.59 -24.13 10.36
N PHE B 594 -5.46 -24.13 11.68
CA PHE B 594 -4.44 -24.94 12.34
C PHE B 594 -4.72 -25.23 13.79
N ASP B 595 -4.06 -26.26 14.30
CA ASP B 595 -4.08 -26.57 15.72
C ASP B 595 -2.69 -26.52 16.32
N VAL B 596 -2.59 -26.75 17.62
CA VAL B 596 -1.31 -26.72 18.27
C VAL B 596 -0.46 -27.90 17.86
N GLY B 597 0.77 -27.61 17.49
CA GLY B 597 1.71 -28.60 17.05
C GLY B 597 1.80 -28.74 15.53
N ASP B 598 0.89 -28.13 14.80
CA ASP B 598 0.95 -28.24 13.35
C ASP B 598 2.08 -27.40 12.81
N ARG B 599 2.74 -27.87 11.76
CA ARG B 599 3.73 -27.04 11.10
C ARG B 599 3.04 -26.36 9.93
N CYS B 600 2.99 -25.04 9.99
CA CYS B 600 2.28 -24.20 9.06
C CYS B 600 3.18 -23.31 8.25
N VAL B 601 2.74 -22.84 7.10
CA VAL B 601 3.58 -21.95 6.34
C VAL B 601 2.90 -20.61 6.15
N ILE B 602 3.52 -19.57 6.68
CA ILE B 602 2.95 -18.23 6.59
C ILE B 602 3.94 -17.29 5.93
N ASP B 603 3.57 -16.73 4.80
CA ASP B 603 4.47 -15.84 4.04
C ASP B 603 5.82 -16.48 3.77
N GLY B 604 5.81 -17.76 3.48
CA GLY B 604 7.01 -18.51 3.17
C GLY B 604 7.78 -19.04 4.39
N ASN B 605 7.34 -18.67 5.59
CA ASN B 605 7.99 -19.07 6.81
C ASN B 605 7.40 -20.31 7.38
N LYS B 606 8.21 -21.34 7.52
CA LYS B 606 7.72 -22.60 8.03
C LYS B 606 7.82 -22.54 9.53
N MET B 607 6.70 -22.58 10.20
CA MET B 607 6.68 -22.41 11.65
C MET B 607 5.78 -23.40 12.35
N LEU B 608 6.14 -23.75 13.55
CA LEU B 608 5.34 -24.67 14.31
C LEU B 608 4.41 -23.91 15.23
N VAL B 609 3.15 -24.32 15.35
CA VAL B 609 2.25 -23.60 16.24
C VAL B 609 2.49 -24.05 17.66
N GLU B 610 2.89 -23.14 18.53
CA GLU B 610 3.16 -23.51 19.89
C GLU B 610 1.92 -23.39 20.74
N GLU B 611 1.22 -22.29 20.58
CA GLU B 611 -0.01 -22.08 21.32
C GLU B 611 -0.95 -21.19 20.58
N MET B 612 -2.23 -21.32 20.88
CA MET B 612 -3.24 -20.48 20.29
C MET B 612 -4.01 -19.74 21.35
N ASN B 613 -4.31 -18.49 21.08
CA ASN B 613 -5.11 -17.70 21.99
C ASN B 613 -6.09 -16.94 21.14
N ILE B 614 -6.97 -16.18 21.77
CA ILE B 614 -7.91 -15.40 20.99
C ILE B 614 -7.28 -14.24 20.28
N LEU B 615 -6.40 -13.49 20.90
CA LEU B 615 -5.85 -12.35 20.20
C LEU B 615 -4.57 -12.61 19.46
N THR B 616 -3.86 -13.66 19.82
CA THR B 616 -2.58 -13.92 19.20
C THR B 616 -2.28 -15.40 19.05
N THR B 617 -1.44 -15.72 18.08
CA THR B 617 -0.94 -17.08 17.87
C THR B 617 0.56 -17.07 18.01
N VAL B 618 1.09 -18.03 18.75
CA VAL B 618 2.51 -18.09 18.98
C VAL B 618 3.11 -19.23 18.20
N PHE B 619 4.11 -18.90 17.40
CA PHE B 619 4.79 -19.84 16.54
C PHE B 619 6.27 -19.98 16.80
N LEU B 620 6.85 -21.12 16.47
CA LEU B 620 8.30 -21.28 16.53
C LEU B 620 8.88 -21.38 15.14
N LYS B 621 9.86 -20.55 14.85
CA LYS B 621 10.49 -20.61 13.55
C LYS B 621 11.41 -21.79 13.46
N TRP B 622 11.99 -22.05 12.30
CA TRP B 622 12.87 -23.20 12.17
C TRP B 622 14.03 -23.19 13.17
N ASP B 623 14.47 -22.01 13.62
CA ASP B 623 15.56 -21.90 14.55
C ASP B 623 15.07 -21.78 15.97
N LYS B 624 13.79 -22.02 16.15
CA LYS B 624 13.05 -21.98 17.40
C LYS B 624 12.88 -20.61 18.03
N GLU B 625 13.01 -19.55 17.27
CA GLU B 625 12.65 -18.25 17.79
C GLU B 625 11.16 -18.24 18.03
N LYS B 626 10.72 -17.73 19.17
CA LYS B 626 9.30 -17.62 19.47
C LYS B 626 8.73 -16.35 18.89
N VAL B 627 7.70 -16.49 18.07
CA VAL B 627 7.09 -15.36 17.38
C VAL B 627 5.64 -15.17 17.67
N TYR B 628 5.29 -13.96 18.02
CA TYR B 628 3.91 -13.61 18.32
C TYR B 628 3.21 -12.87 17.18
N TYR B 629 2.20 -13.50 16.59
CA TYR B 629 1.40 -12.89 15.52
C TYR B 629 0.05 -12.46 16.01
N PRO B 630 -0.40 -11.25 15.75
CA PRO B 630 -1.74 -10.86 16.04
C PRO B 630 -2.66 -11.72 15.21
N ASN B 631 -3.78 -12.16 15.76
CA ASN B 631 -4.69 -12.93 14.94
C ASN B 631 -5.29 -12.04 13.90
N SER B 632 -5.38 -10.75 14.18
CA SER B 632 -5.94 -9.81 13.23
C SER B 632 -5.14 -9.73 11.93
N ILE B 633 -3.89 -10.16 11.92
CA ILE B 633 -3.15 -10.14 10.67
C ILE B 633 -3.22 -11.54 10.07
N LEU B 634 -3.23 -12.59 10.89
CA LEU B 634 -3.32 -13.94 10.34
C LEU B 634 -4.64 -14.15 9.61
N CYS B 635 -5.66 -13.44 10.04
CA CYS B 635 -6.98 -13.50 9.45
C CYS B 635 -6.99 -13.09 7.99
N THR B 636 -5.93 -12.42 7.52
CA THR B 636 -5.88 -11.98 6.16
C THR B 636 -4.78 -12.67 5.37
N LYS B 637 -4.28 -13.79 5.86
CA LYS B 637 -3.22 -14.48 5.16
C LYS B 637 -3.62 -15.85 4.67
N ALA B 638 -2.97 -16.30 3.61
CA ALA B 638 -3.17 -17.67 3.15
C ALA B 638 -2.23 -18.53 3.97
N ILE B 639 -2.77 -19.51 4.65
CA ILE B 639 -1.95 -20.31 5.55
C ILE B 639 -1.78 -21.75 5.12
N GLY B 640 -0.54 -22.17 4.93
CA GLY B 640 -0.30 -23.56 4.55
C GLY B 640 -0.33 -24.38 5.82
N ASN B 641 -0.74 -25.63 5.73
CA ASN B 641 -0.72 -26.51 6.88
C ASN B 641 -0.20 -27.88 6.46
N PHE B 642 1.03 -28.19 6.85
CA PHE B 642 1.65 -29.44 6.46
C PHE B 642 1.04 -30.61 7.18
N PHE B 643 0.68 -30.43 8.43
CA PHE B 643 0.13 -31.52 9.22
C PHE B 643 -1.06 -32.13 8.53
N ARG B 644 -1.92 -31.28 8.01
CA ARG B 644 -3.16 -31.70 7.38
C ARG B 644 -3.00 -32.08 5.90
N SER B 645 -1.82 -31.94 5.35
CA SER B 645 -1.57 -32.22 3.95
C SER B 645 -1.42 -33.71 3.64
N PRO B 646 -1.72 -34.15 2.42
CA PRO B 646 -1.51 -35.46 1.90
C PRO B 646 -0.04 -35.59 1.62
N ASP B 647 0.43 -36.76 1.24
CA ASP B 647 1.84 -36.91 0.95
C ASP B 647 2.26 -35.82 -0.01
N GLN B 648 3.37 -35.17 0.30
CA GLN B 648 3.83 -34.04 -0.49
C GLN B 648 4.87 -34.40 -1.53
N GLY B 649 4.99 -33.57 -2.54
CA GLY B 649 5.98 -33.84 -3.59
C GLY B 649 7.16 -32.91 -3.52
N ASP B 650 8.08 -33.05 -4.46
CA ASP B 650 9.27 -32.21 -4.48
C ASP B 650 9.89 -32.09 -5.87
N VAL B 651 10.90 -31.24 -6.00
CA VAL B 651 11.62 -31.03 -7.27
C VAL B 651 13.12 -30.88 -7.15
N LEU B 652 13.84 -31.53 -8.04
CA LEU B 652 15.27 -31.38 -8.18
C LEU B 652 15.60 -30.77 -9.53
N GLU B 653 16.09 -29.54 -9.54
CA GLU B 653 16.39 -28.92 -10.83
C GLU B 653 17.85 -29.08 -11.13
N PHE B 654 18.18 -29.22 -12.40
CA PHE B 654 19.56 -29.37 -12.83
C PHE B 654 19.74 -28.96 -14.28
N SER B 655 20.98 -28.88 -14.72
CA SER B 655 21.25 -28.54 -16.10
C SER B 655 22.38 -29.39 -16.64
N VAL B 656 22.33 -29.62 -17.93
CA VAL B 656 23.33 -30.41 -18.63
C VAL B 656 23.80 -29.70 -19.88
N ASP B 657 24.91 -30.12 -20.45
CA ASP B 657 25.35 -29.54 -21.70
C ASP B 657 24.37 -29.85 -22.82
N PHE B 658 24.23 -28.90 -23.73
CA PHE B 658 23.43 -29.04 -24.94
C PHE B 658 23.82 -30.20 -25.82
N THR B 659 25.07 -30.62 -25.76
CA THR B 659 25.52 -31.69 -26.62
C THR B 659 25.33 -33.06 -26.01
N THR B 660 24.73 -33.15 -24.82
CA THR B 660 24.50 -34.44 -24.22
C THR B 660 23.60 -35.23 -25.16
N PRO B 661 23.99 -36.42 -25.65
CA PRO B 661 23.22 -37.22 -26.56
C PRO B 661 21.89 -37.53 -25.95
N VAL B 662 20.86 -37.63 -26.77
CA VAL B 662 19.54 -37.93 -26.27
C VAL B 662 19.52 -39.30 -25.63
N LEU B 663 20.45 -40.14 -26.02
CA LEU B 663 20.57 -41.46 -25.46
C LEU B 663 20.99 -41.38 -24.01
N LYS B 664 21.82 -40.39 -23.63
CA LYS B 664 22.24 -40.29 -22.25
C LYS B 664 21.11 -39.73 -21.46
N ILE B 665 20.30 -38.89 -22.11
CA ILE B 665 19.15 -38.34 -21.44
C ILE B 665 18.22 -39.51 -21.13
N GLY B 666 18.03 -40.41 -22.09
CA GLY B 666 17.21 -41.59 -21.86
C GLY B 666 17.78 -42.50 -20.77
N ASP B 667 19.10 -42.65 -20.70
CA ASP B 667 19.71 -43.47 -19.67
C ASP B 667 19.52 -42.86 -18.31
N LEU B 668 19.56 -41.53 -18.24
CA LEU B 668 19.37 -40.82 -16.99
C LEU B 668 17.99 -41.11 -16.47
N LYS B 669 16.99 -41.06 -17.35
CA LYS B 669 15.64 -41.33 -16.91
C LYS B 669 15.48 -42.75 -16.39
N ASP B 670 16.11 -43.73 -17.05
CA ASP B 670 15.99 -45.10 -16.57
C ASP B 670 16.70 -45.33 -15.26
N ARG B 671 17.84 -44.69 -15.07
CA ARG B 671 18.55 -44.88 -13.84
C ARG B 671 17.77 -44.32 -12.67
N ILE B 672 17.12 -43.18 -12.88
CA ILE B 672 16.32 -42.57 -11.85
C ILE B 672 15.16 -43.45 -11.50
N LYS B 673 14.48 -43.99 -12.51
CA LYS B 673 13.38 -44.86 -12.26
C LYS B 673 13.79 -46.01 -11.37
N MET B 674 14.93 -46.64 -11.64
CA MET B 674 15.36 -47.73 -10.80
C MET B 674 15.62 -47.31 -9.38
N TYR B 675 16.24 -46.17 -9.18
CA TYR B 675 16.50 -45.71 -7.84
C TYR B 675 15.23 -45.55 -7.05
N LEU B 676 14.25 -44.89 -7.64
CA LEU B 676 13.04 -44.64 -6.90
C LEU B 676 12.34 -45.95 -6.55
N GLU B 677 12.36 -46.92 -7.47
CA GLU B 677 11.73 -48.23 -7.26
C GLU B 677 12.43 -49.08 -6.21
N GLN B 678 13.70 -48.85 -6.00
CA GLN B 678 14.44 -49.58 -5.00
C GLN B 678 14.30 -48.97 -3.63
N ASN B 679 13.62 -47.84 -3.52
CA ASN B 679 13.46 -47.13 -2.27
C ASN B 679 12.02 -46.72 -2.05
N LEU B 680 11.12 -47.69 -2.03
CA LEU B 680 9.70 -47.37 -1.98
C LEU B 680 9.20 -47.02 -0.62
N ASN B 681 10.04 -47.11 0.37
CA ASN B 681 9.62 -46.67 1.68
C ASN B 681 9.71 -45.16 1.72
N PHE B 682 10.46 -44.57 0.79
CA PHE B 682 10.65 -43.14 0.71
C PHE B 682 9.96 -42.51 -0.46
N TRP B 683 9.91 -43.20 -1.60
CA TRP B 683 9.38 -42.57 -2.78
C TRP B 683 8.25 -43.34 -3.42
N HIS B 684 7.28 -42.62 -3.92
CA HIS B 684 6.23 -43.22 -4.71
C HIS B 684 6.85 -43.46 -6.06
N PRO B 685 6.48 -44.48 -6.81
CA PRO B 685 7.03 -44.77 -8.12
C PRO B 685 6.75 -43.72 -9.20
N GLN B 686 5.73 -42.89 -9.03
CA GLN B 686 5.43 -41.90 -10.03
C GLN B 686 6.38 -40.72 -9.94
N HIS B 687 6.90 -40.34 -11.09
CA HIS B 687 7.80 -39.23 -11.20
C HIS B 687 7.79 -38.75 -12.63
N ASN B 688 8.29 -37.56 -12.85
CA ASN B 688 8.43 -37.02 -14.19
C ASN B 688 9.73 -36.30 -14.39
N MET B 689 10.30 -36.42 -15.57
CA MET B 689 11.42 -35.58 -15.86
C MET B 689 11.04 -34.70 -17.01
N VAL B 690 11.23 -33.43 -16.83
CA VAL B 690 10.83 -32.44 -17.80
C VAL B 690 11.99 -31.67 -18.35
N VAL B 691 12.08 -31.62 -19.66
CA VAL B 691 13.11 -30.82 -20.29
C VAL B 691 12.42 -29.51 -20.51
N LYS B 692 13.00 -28.43 -20.01
CA LYS B 692 12.36 -27.13 -20.08
C LYS B 692 12.86 -26.25 -21.19
N GLU B 693 14.15 -26.07 -21.29
CA GLU B 693 14.57 -25.14 -22.32
C GLU B 693 15.98 -25.28 -22.77
N ILE B 694 16.24 -24.72 -23.93
CA ILE B 694 17.56 -24.66 -24.49
C ILE B 694 18.07 -23.23 -24.43
N GLU B 695 19.13 -23.01 -23.68
CA GLU B 695 19.74 -21.71 -23.54
C GLU B 695 20.91 -21.65 -24.50
N ASN B 696 20.89 -20.68 -25.39
CA ASN B 696 21.87 -20.56 -26.45
C ASN B 696 21.89 -21.94 -27.06
N VAL B 697 23.04 -22.53 -27.25
CA VAL B 697 23.08 -23.88 -27.72
C VAL B 697 24.01 -24.55 -26.76
N ASN B 698 24.03 -24.02 -25.56
CA ASN B 698 24.96 -24.50 -24.58
C ASN B 698 24.33 -25.26 -23.43
N LYS B 699 23.13 -24.90 -23.06
CA LYS B 699 22.60 -25.51 -21.86
C LYS B 699 21.18 -26.00 -21.96
N ILE B 700 20.94 -27.17 -21.41
CA ILE B 700 19.59 -27.67 -21.33
C ILE B 700 19.16 -27.71 -19.89
N LYS B 701 18.07 -27.05 -19.61
CA LYS B 701 17.56 -27.00 -18.28
C LYS B 701 16.51 -28.06 -18.11
N MET B 702 16.62 -28.82 -17.03
CA MET B 702 15.72 -29.93 -16.73
C MET B 702 15.27 -29.95 -15.29
N ALA B 703 14.14 -30.61 -15.04
CA ALA B 703 13.74 -30.80 -13.66
C ALA B 703 13.12 -32.15 -13.43
N LEU B 704 13.45 -32.70 -12.28
CA LEU B 704 12.90 -33.96 -11.82
C LEU B 704 11.84 -33.76 -10.76
N PHE B 705 10.67 -34.30 -11.02
CA PHE B 705 9.54 -34.19 -10.11
C PHE B 705 9.27 -35.53 -9.46
N VAL B 706 9.31 -35.55 -8.14
CA VAL B 706 9.11 -36.77 -7.36
C VAL B 706 8.06 -36.63 -6.30
N ASN B 707 7.63 -37.76 -5.76
CA ASN B 707 6.63 -37.80 -4.72
C ASN B 707 7.09 -38.54 -3.49
N HIS B 708 7.02 -37.87 -2.35
CA HIS B 708 7.43 -38.44 -1.06
C HIS B 708 6.33 -39.28 -0.50
N THR B 709 6.67 -40.21 0.36
CA THR B 709 5.71 -41.06 1.06
C THR B 709 5.22 -40.46 2.37
N ILE B 710 5.65 -39.23 2.64
CA ILE B 710 5.28 -38.47 3.83
C ILE B 710 4.81 -37.05 3.49
N ASN B 711 4.13 -36.40 4.42
CA ASN B 711 3.86 -34.98 4.26
C ASN B 711 5.06 -34.30 4.89
N PHE B 712 5.08 -32.98 4.99
CA PHE B 712 6.29 -32.33 5.50
C PHE B 712 6.23 -31.86 6.92
N GLN B 713 5.39 -32.48 7.74
CA GLN B 713 5.37 -32.12 9.14
C GLN B 713 6.72 -32.41 9.76
N ASP B 714 7.37 -33.51 9.37
CA ASP B 714 8.70 -33.81 9.87
C ASP B 714 9.66 -33.31 8.81
N PHE B 715 10.08 -32.09 9.00
CA PHE B 715 10.81 -31.42 7.96
C PHE B 715 12.20 -31.99 7.83
N ALA B 716 12.81 -32.34 8.95
CA ALA B 716 14.15 -32.88 8.91
C ALA B 716 14.18 -34.19 8.16
N GLU B 717 13.15 -35.01 8.32
CA GLU B 717 13.12 -36.27 7.61
C GLU B 717 12.99 -36.03 6.13
N LYS B 718 12.19 -35.04 5.74
CA LYS B 718 12.05 -34.72 4.34
C LYS B 718 13.41 -34.40 3.74
N ASN B 719 14.18 -33.55 4.42
CA ASN B 719 15.46 -33.15 3.88
C ASN B 719 16.45 -34.29 3.83
N ARG B 720 16.41 -35.20 4.78
CA ARG B 720 17.33 -36.32 4.71
C ARG B 720 17.04 -37.18 3.50
N ARG B 721 15.76 -37.41 3.19
CA ARG B 721 15.43 -38.24 2.06
C ARG B 721 15.78 -37.56 0.75
N ARG B 722 15.56 -36.26 0.68
CA ARG B 722 15.87 -35.51 -0.52
C ARG B 722 17.36 -35.49 -0.75
N SER B 723 18.14 -35.35 0.32
CA SER B 723 19.58 -35.30 0.26
C SER B 723 20.13 -36.56 -0.38
N GLU B 724 19.58 -37.73 -0.01
CA GLU B 724 20.02 -38.96 -0.63
C GLU B 724 19.70 -39.00 -2.13
N LEU B 725 18.54 -38.49 -2.52
CA LEU B 725 18.19 -38.44 -3.94
C LEU B 725 19.14 -37.54 -4.71
N VAL B 726 19.55 -36.41 -4.12
CA VAL B 726 20.46 -35.51 -4.81
C VAL B 726 21.79 -36.21 -5.02
N LEU B 727 22.29 -36.94 -4.01
CA LEU B 727 23.53 -37.66 -4.20
C LEU B 727 23.40 -38.79 -5.22
N GLU B 728 22.22 -39.41 -5.34
CA GLU B 728 22.07 -40.41 -6.36
C GLU B 728 22.18 -39.77 -7.73
N LEU B 729 21.61 -38.58 -7.89
CA LEU B 729 21.68 -37.92 -9.19
C LEU B 729 23.13 -37.64 -9.53
N LYS B 730 23.92 -37.22 -8.54
CA LYS B 730 25.35 -36.99 -8.72
C LYS B 730 26.02 -38.22 -9.26
N LYS B 731 25.77 -39.36 -8.62
CA LYS B 731 26.34 -40.63 -9.00
C LYS B 731 25.97 -41.03 -10.42
N ILE B 732 24.73 -40.82 -10.80
CA ILE B 732 24.29 -41.17 -12.13
C ILE B 732 25.02 -40.31 -13.14
N PHE B 733 25.13 -39.01 -12.89
CA PHE B 733 25.82 -38.18 -13.86
C PHE B 733 27.24 -38.64 -14.01
N GLU B 734 27.90 -39.02 -12.92
CA GLU B 734 29.27 -39.47 -13.06
C GLU B 734 29.38 -40.76 -13.87
N GLU B 735 28.50 -41.72 -13.61
CA GLU B 735 28.55 -43.01 -14.29
C GLU B 735 28.19 -42.94 -15.76
N LEU B 736 27.29 -42.05 -16.10
CA LEU B 736 26.87 -41.91 -17.47
C LEU B 736 27.71 -40.89 -18.20
N ASP B 737 28.70 -40.29 -17.53
CA ASP B 737 29.54 -39.26 -18.10
C ASP B 737 28.76 -38.04 -18.63
N ILE B 738 27.84 -37.51 -17.82
CA ILE B 738 27.08 -36.31 -18.16
C ILE B 738 27.77 -35.07 -17.62
N LYS B 739 28.05 -34.13 -18.51
CA LYS B 739 28.78 -32.90 -18.20
C LYS B 739 28.08 -31.65 -18.66
N TYR B 740 28.58 -30.50 -18.17
CA TYR B 740 28.22 -29.15 -18.63
C TYR B 740 29.47 -28.33 -18.92
N ASN B 741 29.60 -27.83 -20.15
CA ASN B 741 30.74 -27.00 -20.52
C ASN B 741 30.33 -25.57 -20.80
N LEU B 742 31.27 -24.66 -20.61
CA LEU B 742 31.08 -23.26 -20.96
C LEU B 742 31.29 -23.04 -22.45
N LEU B 743 30.62 -22.06 -23.03
CA LEU B 743 30.86 -21.74 -24.42
C LEU B 743 32.29 -21.31 -24.60
N PRO B 744 32.95 -21.68 -25.70
CA PRO B 744 34.31 -21.33 -26.04
C PRO B 744 34.45 -19.87 -26.35
N GLN B 745 35.61 -19.33 -26.07
CA GLN B 745 35.90 -17.94 -26.33
C GLN B 745 37.01 -17.76 -27.34
N GLU B 746 36.72 -17.05 -28.39
CA GLU B 746 37.71 -16.76 -29.40
C GLU B 746 38.53 -15.55 -29.04
N ILE B 747 39.84 -15.70 -29.15
CA ILE B 747 40.82 -14.67 -28.86
C ILE B 747 41.63 -14.23 -30.05
N SER B 748 41.81 -12.95 -30.14
CA SER B 748 42.63 -12.41 -31.19
C SER B 748 43.70 -11.58 -30.56
N ILE B 749 44.93 -12.00 -30.66
CA ILE B 749 45.97 -11.25 -30.01
C ILE B 749 46.57 -10.26 -30.96
N ARG B 750 46.43 -9.02 -30.57
CA ARG B 750 46.93 -7.85 -31.28
C ARG B 750 48.46 -7.72 -31.17
N ASN B 751 49.04 -8.12 -30.01
CA ASN B 751 50.44 -8.09 -29.60
C ASN B 751 50.77 -6.70 -29.10
N ASN C 290 -37.13 22.75 59.73
CA ASN C 290 -38.53 22.55 59.33
C ASN C 290 -38.98 23.46 58.14
N GLN C 291 -38.09 24.37 57.65
CA GLN C 291 -38.38 25.28 56.54
C GLN C 291 -38.36 24.51 55.18
N PRO C 292 -39.49 24.47 54.45
CA PRO C 292 -39.74 23.63 53.28
C PRO C 292 -38.86 23.81 52.07
N HIS C 293 -38.22 24.95 51.88
CA HIS C 293 -37.38 25.01 50.71
C HIS C 293 -36.17 25.81 51.08
N GLN C 294 -36.28 26.51 52.19
CA GLN C 294 -35.21 27.37 52.63
C GLN C 294 -34.14 26.54 53.28
N THR C 295 -34.53 25.48 53.98
CA THR C 295 -33.57 24.62 54.62
C THR C 295 -33.64 23.23 54.04
N ARG C 296 -34.83 22.78 53.65
CA ARG C 296 -34.93 21.42 53.15
C ARG C 296 -34.01 21.18 51.97
N LYS C 297 -33.89 22.15 51.07
CA LYS C 297 -33.05 22.01 49.91
C LYS C 297 -31.60 21.99 50.31
N ILE C 298 -31.24 22.69 51.37
CA ILE C 298 -29.86 22.68 51.80
C ILE C 298 -29.53 21.31 52.28
N LEU C 299 -30.42 20.73 53.04
CA LEU C 299 -30.17 19.41 53.54
C LEU C 299 -30.11 18.40 52.41
N GLU C 300 -30.93 18.55 51.36
CA GLU C 300 -30.85 17.63 50.23
C GLU C 300 -29.50 17.76 49.54
N PHE C 301 -29.02 18.97 49.39
CA PHE C 301 -27.74 19.21 48.77
C PHE C 301 -26.66 18.51 49.52
N VAL C 302 -26.66 18.68 50.83
CA VAL C 302 -25.63 18.07 51.62
C VAL C 302 -25.73 16.59 51.52
N THR C 303 -26.93 16.05 51.60
CA THR C 303 -27.09 14.62 51.54
C THR C 303 -26.50 14.06 50.29
N TRP C 304 -26.82 14.64 49.17
CA TRP C 304 -26.31 14.05 47.96
C TRP C 304 -24.85 14.31 47.71
N THR C 305 -24.32 15.40 48.22
CA THR C 305 -22.92 15.63 48.07
C THR C 305 -22.17 14.58 48.82
N ILE C 306 -22.59 14.29 50.03
CA ILE C 306 -21.85 13.33 50.80
C ILE C 306 -22.01 11.93 50.21
N VAL C 307 -23.15 11.64 49.59
CA VAL C 307 -23.29 10.36 48.94
C VAL C 307 -22.36 10.22 47.75
N THR C 308 -22.24 11.25 46.93
CA THR C 308 -21.37 11.15 45.79
C THR C 308 -19.94 10.93 46.26
N VAL C 309 -19.54 11.61 47.33
CA VAL C 309 -18.20 11.42 47.82
C VAL C 309 -17.98 9.97 48.19
N LEU C 310 -18.96 9.35 48.83
CA LEU C 310 -18.79 7.95 49.12
C LEU C 310 -18.69 7.06 47.90
N ILE C 311 -19.48 7.29 46.85
CA ILE C 311 -19.33 6.37 45.72
C ILE C 311 -17.99 6.59 45.07
N GLY C 312 -17.48 7.81 45.15
CA GLY C 312 -16.17 8.13 44.64
C GLY C 312 -15.14 7.29 45.35
N ALA C 313 -15.18 7.28 46.68
CA ALA C 313 -14.22 6.49 47.42
C ALA C 313 -14.34 5.03 47.10
N PHE C 314 -15.55 4.55 46.89
CA PHE C 314 -15.73 3.16 46.57
C PHE C 314 -15.03 2.79 45.28
N LEU C 315 -15.28 3.58 44.25
CA LEU C 315 -14.69 3.29 42.96
C LEU C 315 -13.21 3.45 43.01
N TRP C 316 -12.74 4.37 43.81
CA TRP C 316 -11.33 4.57 43.96
C TRP C 316 -10.73 3.27 44.44
N LEU C 317 -11.34 2.64 45.46
CA LEU C 317 -10.84 1.36 45.94
C LEU C 317 -10.87 0.29 44.90
N VAL C 318 -11.92 0.26 44.09
CA VAL C 318 -11.97 -0.76 43.08
C VAL C 318 -10.83 -0.58 42.12
N LYS C 319 -10.60 0.66 41.70
CA LYS C 319 -9.52 0.99 40.80
C LYS C 319 -8.20 0.54 41.35
N THR C 320 -7.96 0.85 42.61
CA THR C 320 -6.69 0.54 43.20
C THR C 320 -6.45 -0.93 43.27
N THR C 321 -7.44 -1.68 43.68
CA THR C 321 -7.24 -3.09 43.80
C THR C 321 -6.96 -3.71 42.46
N LEU C 322 -7.73 -3.33 41.46
CA LEU C 322 -7.55 -3.94 40.17
C LEU C 322 -6.22 -3.60 39.54
N LEU C 323 -5.74 -2.38 39.70
CA LEU C 323 -4.47 -2.04 39.13
C LEU C 323 -3.34 -2.78 39.84
N LYS C 324 -3.47 -3.06 41.14
CA LYS C 324 -2.43 -3.82 41.82
C LYS C 324 -2.41 -5.25 41.30
N ILE C 325 -3.58 -5.78 41.00
CA ILE C 325 -3.65 -7.11 40.45
C ILE C 325 -2.99 -7.12 39.11
N LEU C 326 -3.26 -6.12 38.27
CA LEU C 326 -2.66 -6.05 36.96
C LEU C 326 -1.17 -5.98 37.05
N ALA C 327 -0.66 -5.16 37.96
CA ALA C 327 0.75 -4.98 38.12
C ALA C 327 1.46 -6.26 38.45
N SER C 328 0.82 -7.16 39.18
CA SER C 328 1.50 -8.39 39.56
C SER C 328 1.87 -9.25 38.37
N SER C 329 1.21 -9.06 37.22
CA SER C 329 1.48 -9.87 36.05
C SER C 329 2.78 -9.44 35.40
N PHE C 330 3.29 -8.29 35.82
CA PHE C 330 4.50 -7.75 35.28
C PHE C 330 5.66 -8.03 36.18
N HIS C 331 5.44 -8.84 37.22
CA HIS C 331 6.54 -9.20 38.07
C HIS C 331 7.46 -10.09 37.29
N LEU C 332 8.74 -9.82 37.37
CA LEU C 332 9.69 -10.62 36.64
C LEU C 332 10.42 -11.64 37.51
N ASN C 333 10.19 -12.91 37.21
CA ASN C 333 10.74 -14.02 37.98
C ASN C 333 12.17 -14.31 37.63
N ARG C 334 12.68 -13.59 36.64
CA ARG C 334 14.06 -13.69 36.21
C ARG C 334 14.97 -13.17 37.31
N PHE C 335 14.39 -12.42 38.26
CA PHE C 335 15.12 -11.86 39.37
C PHE C 335 14.91 -12.69 40.62
N PHE C 336 14.27 -13.85 40.54
CA PHE C 336 14.00 -14.62 41.75
C PHE C 336 15.23 -14.86 42.59
N ASP C 337 16.32 -15.29 41.95
CA ASP C 337 17.53 -15.59 42.69
C ASP C 337 18.15 -14.35 43.32
N ARG C 338 18.02 -13.20 42.65
CA ARG C 338 18.58 -11.95 43.14
C ARG C 338 17.76 -11.43 44.30
N ILE C 339 16.47 -11.70 44.26
CA ILE C 339 15.55 -11.31 45.30
C ILE C 339 15.85 -12.12 46.53
N GLN C 340 16.05 -13.43 46.38
CA GLN C 340 16.34 -14.22 47.55
C GLN C 340 17.68 -13.86 48.16
N GLU C 341 18.68 -13.55 47.34
CA GLU C 341 19.96 -13.13 47.90
C GLU C 341 19.82 -11.81 48.65
N SER C 342 19.05 -10.88 48.08
CA SER C 342 18.83 -9.59 48.69
C SER C 342 18.16 -9.71 50.04
N VAL C 343 17.14 -10.59 50.15
CA VAL C 343 16.45 -10.79 51.41
C VAL C 343 17.40 -11.32 52.45
N PHE C 344 18.22 -12.30 52.08
CA PHE C 344 19.18 -12.83 53.02
C PHE C 344 20.10 -11.77 53.57
N HIS C 345 20.70 -10.97 52.70
CA HIS C 345 21.64 -10.01 53.19
C HIS C 345 20.94 -8.97 54.04
N HIS C 346 19.74 -8.58 53.65
CA HIS C 346 19.02 -7.59 54.39
C HIS C 346 18.76 -8.08 55.80
N SER C 347 18.32 -9.34 55.92
CA SER C 347 18.02 -9.92 57.22
C SER C 347 19.23 -9.99 58.14
N VAL C 348 20.38 -10.42 57.62
CA VAL C 348 21.54 -10.52 58.50
C VAL C 348 22.03 -9.15 58.95
N LEU C 349 21.82 -8.12 58.14
CA LEU C 349 22.23 -6.79 58.55
C LEU C 349 21.39 -6.20 59.66
N GLN C 350 20.26 -6.83 60.01
CA GLN C 350 19.43 -6.23 61.03
C GLN C 350 19.83 -6.73 62.43
N THR C 351 20.38 -7.95 62.50
CA THR C 351 20.73 -8.53 63.78
C THR C 351 22.20 -8.92 63.97
N LEU C 352 22.94 -9.12 62.88
CA LEU C 352 24.31 -9.59 62.96
C LEU C 352 25.33 -8.51 62.59
N ALA C 353 24.91 -7.26 62.52
CA ALA C 353 25.82 -6.20 62.13
C ALA C 353 25.47 -4.87 62.82
N GLY C 354 26.48 -4.00 62.99
CA GLY C 354 26.35 -2.67 63.58
C GLY C 354 27.73 -2.03 63.63
N TRP C 507 31.26 -4.10 52.32
CA TRP C 507 30.25 -5.14 52.18
C TRP C 507 28.83 -4.64 52.50
N VAL C 508 28.62 -3.93 53.63
CA VAL C 508 27.28 -3.45 54.08
C VAL C 508 26.71 -2.48 53.05
N VAL C 509 27.58 -1.61 52.55
CA VAL C 509 27.22 -0.65 51.54
C VAL C 509 26.90 -1.34 50.22
N LYS C 510 27.58 -2.45 49.92
CA LYS C 510 27.33 -3.17 48.69
C LYS C 510 25.94 -3.74 48.76
N VAL C 511 25.56 -4.25 49.93
CA VAL C 511 24.24 -4.82 50.05
C VAL C 511 23.19 -3.77 49.79
N TYR C 512 23.35 -2.57 50.34
CA TYR C 512 22.33 -1.58 50.09
C TYR C 512 22.33 -1.08 48.66
N ASN C 513 23.50 -0.98 48.02
CA ASN C 513 23.52 -0.54 46.64
C ASN C 513 22.87 -1.57 45.71
N ASP C 514 23.05 -2.86 46.03
CA ASP C 514 22.45 -3.92 45.24
C ASP C 514 20.94 -3.94 45.45
N GLN C 515 20.48 -3.63 46.67
CA GLN C 515 19.05 -3.59 46.89
C GLN C 515 18.43 -2.51 46.06
N ALA C 516 19.10 -1.35 45.98
CA ALA C 516 18.55 -0.27 45.20
C ALA C 516 18.48 -0.65 43.73
N ALA C 517 19.52 -1.31 43.23
CA ALA C 517 19.54 -1.69 41.83
C ALA C 517 18.42 -2.66 41.50
N LEU C 518 18.14 -3.58 42.41
CA LEU C 518 17.09 -4.55 42.19
C LEU C 518 15.72 -3.89 42.23
N LYS C 519 15.50 -2.98 43.18
CA LYS C 519 14.23 -2.30 43.27
C LYS C 519 13.95 -1.52 42.00
N HIS C 520 14.97 -0.90 41.42
CA HIS C 520 14.75 -0.18 40.18
C HIS C 520 14.48 -1.15 39.06
N ALA C 521 15.22 -2.25 38.99
CA ALA C 521 15.02 -3.19 37.89
C ALA C 521 13.61 -3.72 37.84
N LEU C 522 13.02 -3.95 39.01
CA LEU C 522 11.67 -4.44 39.08
C LEU C 522 10.65 -3.32 38.81
N ASN C 523 10.91 -2.10 39.30
CA ASN C 523 9.98 -0.99 39.11
C ASN C 523 9.94 -0.54 37.66
N ASP C 524 11.01 -0.77 36.93
CA ASP C 524 11.09 -0.41 35.52
C ASP C 524 10.10 -1.19 34.68
N ASN C 525 9.60 -2.33 35.15
CA ASN C 525 8.68 -3.07 34.31
C ASN C 525 7.23 -2.73 34.70
N LYS C 526 7.03 -1.73 35.57
CA LYS C 526 5.71 -1.33 36.01
C LYS C 526 5.31 0.06 35.56
N THR C 527 6.11 0.64 34.69
CA THR C 527 5.88 1.99 34.20
C THR C 527 4.55 2.13 33.51
N ALA C 528 4.21 1.17 32.67
CA ALA C 528 2.97 1.27 31.94
C ALA C 528 1.78 1.23 32.88
N VAL C 529 1.89 0.50 33.99
CA VAL C 529 0.77 0.41 34.89
C VAL C 529 0.55 1.76 35.53
N LYS C 530 1.63 2.40 35.92
CA LYS C 530 1.51 3.71 36.53
C LYS C 530 0.86 4.71 35.58
N GLN C 531 1.20 4.64 34.31
CA GLN C 531 0.62 5.54 33.33
C GLN C 531 -0.85 5.27 33.16
N LEU C 532 -1.22 4.00 33.21
CA LEU C 532 -2.61 3.66 33.10
C LEU C 532 -3.32 4.20 34.30
N ASN C 533 -2.74 4.08 35.48
CA ASN C 533 -3.41 4.60 36.65
C ASN C 533 -3.74 6.07 36.49
N LYS C 534 -2.82 6.87 35.95
CA LYS C 534 -3.11 8.28 35.79
C LYS C 534 -4.29 8.51 34.87
N LEU C 535 -4.36 7.74 33.80
CA LEU C 535 -5.44 7.87 32.83
C LEU C 535 -6.76 7.45 33.41
N VAL C 536 -6.78 6.34 34.11
CA VAL C 536 -8.00 5.82 34.68
C VAL C 536 -8.51 6.76 35.72
N THR C 537 -7.62 7.29 36.53
CA THR C 537 -7.99 8.21 37.57
C THR C 537 -8.62 9.45 36.99
N ALA C 538 -8.03 10.00 35.94
CA ALA C 538 -8.62 11.20 35.37
C ALA C 538 -10.03 10.95 34.89
N ILE C 539 -10.25 9.79 34.31
CA ILE C 539 -11.56 9.45 33.82
C ILE C 539 -12.52 9.30 34.96
N LEU C 540 -12.10 8.64 36.02
CA LEU C 540 -12.93 8.44 37.18
C LEU C 540 -13.33 9.76 37.80
N ILE C 541 -12.42 10.73 37.88
CA ILE C 541 -12.74 12.02 38.47
C ILE C 541 -13.80 12.71 37.65
N VAL C 542 -13.68 12.68 36.35
CA VAL C 542 -14.68 13.31 35.56
C VAL C 542 -16.00 12.63 35.76
N MET C 543 -16.01 11.32 35.80
CA MET C 543 -17.28 10.67 35.99
C MET C 543 -17.90 11.10 37.29
N MET C 544 -17.10 11.23 38.36
CA MET C 544 -17.70 11.66 39.62
C MET C 544 -18.24 13.05 39.62
N ILE C 545 -17.60 14.00 38.93
CA ILE C 545 -18.20 15.32 38.97
C ILE C 545 -19.48 15.29 38.19
N VAL C 546 -19.54 14.53 37.12
CA VAL C 546 -20.76 14.49 36.40
C VAL C 546 -21.83 13.87 37.24
N ILE C 547 -21.52 12.79 37.94
CA ILE C 547 -22.55 12.20 38.77
C ILE C 547 -23.00 13.14 39.83
N TRP C 548 -22.10 13.86 40.48
CA TRP C 548 -22.50 14.80 41.51
C TRP C 548 -23.47 15.80 40.96
N LEU C 549 -23.18 16.34 39.80
CA LEU C 549 -24.07 17.31 39.24
C LEU C 549 -25.45 16.73 38.97
N ILE C 550 -25.51 15.49 38.53
CA ILE C 550 -26.81 14.90 38.27
C ILE C 550 -27.57 14.48 39.53
N VAL C 551 -26.92 13.77 40.44
CA VAL C 551 -27.60 13.21 41.59
C VAL C 551 -28.08 14.23 42.59
N THR C 552 -27.34 15.31 42.74
CA THR C 552 -27.76 16.35 43.68
C THR C 552 -28.92 17.16 43.13
N GLY C 553 -29.18 17.03 41.83
CA GLY C 553 -30.22 17.79 41.19
C GLY C 553 -29.78 19.18 40.83
N ILE C 554 -28.50 19.49 41.06
CA ILE C 554 -28.04 20.83 40.76
C ILE C 554 -28.06 21.05 39.28
N ALA C 555 -27.79 20.01 38.53
CA ALA C 555 -27.85 20.10 37.10
C ALA C 555 -29.30 20.19 36.67
N THR C 556 -29.53 20.99 35.66
CA THR C 556 -30.85 21.07 35.08
C THR C 556 -30.84 20.33 33.80
N THR C 557 -31.99 20.07 33.25
CA THR C 557 -32.04 19.29 32.05
C THR C 557 -31.70 19.89 30.71
N LYS C 558 -31.76 21.20 30.54
CA LYS C 558 -31.36 21.66 29.22
C LYS C 558 -29.84 21.74 29.11
N LEU C 559 -29.17 21.72 30.26
CA LEU C 559 -27.73 21.78 30.27
C LEU C 559 -27.27 20.37 30.17
N ILE C 560 -28.02 19.43 30.74
CA ILE C 560 -27.63 18.05 30.60
C ILE C 560 -27.72 17.73 29.13
N VAL C 561 -28.78 18.18 28.47
CA VAL C 561 -28.88 17.93 27.07
C VAL C 561 -27.78 18.60 26.28
N LEU C 562 -27.46 19.86 26.57
CA LEU C 562 -26.39 20.48 25.81
C LEU C 562 -25.05 19.79 26.02
N LEU C 563 -24.75 19.38 27.25
CA LEU C 563 -23.50 18.72 27.54
C LEU C 563 -23.39 17.43 26.78
N SER C 564 -24.46 16.63 26.75
CA SER C 564 -24.41 15.38 26.03
C SER C 564 -24.21 15.63 24.54
N SER C 565 -24.81 16.67 24.00
CA SER C 565 -24.63 16.96 22.60
C SER C 565 -23.17 17.28 22.27
N GLN C 566 -22.52 18.07 23.12
CA GLN C 566 -21.13 18.44 22.94
C GLN C 566 -20.22 17.23 23.04
N LEU C 567 -20.56 16.30 23.93
CA LEU C 567 -19.82 15.07 24.08
C LEU C 567 -19.86 14.26 22.84
N VAL C 568 -21.01 14.16 22.23
CA VAL C 568 -21.10 13.39 21.03
C VAL C 568 -20.24 13.97 19.97
N VAL C 569 -20.23 15.28 19.83
CA VAL C 569 -19.34 15.82 18.83
C VAL C 569 -17.89 15.53 19.19
N ALA C 570 -17.49 15.69 20.43
CA ALA C 570 -16.11 15.40 20.72
C ALA C 570 -15.77 13.97 20.37
N ALA C 571 -16.68 13.05 20.62
CA ALA C 571 -16.41 11.68 20.27
C ALA C 571 -16.26 11.53 18.79
N PHE C 572 -17.06 12.25 18.06
CA PHE C 572 -17.02 12.19 16.62
C PHE C 572 -15.66 12.61 16.11
N ILE C 573 -15.17 13.72 16.64
CA ILE C 573 -13.93 14.28 16.17
C ILE C 573 -12.71 13.49 16.63
N PHE C 574 -12.65 13.12 17.93
CA PHE C 574 -11.47 12.48 18.49
C PHE C 574 -11.60 11.01 18.85
N GLY C 575 -12.68 10.37 18.46
CA GLY C 575 -12.89 8.96 18.79
C GLY C 575 -11.75 8.11 18.27
N ASN C 576 -11.17 8.49 17.16
CA ASN C 576 -10.07 7.74 16.60
C ASN C 576 -8.78 7.80 17.41
N THR C 577 -8.56 8.85 18.20
CA THR C 577 -7.32 8.81 18.93
C THR C 577 -7.57 8.09 20.23
N CYS C 578 -8.83 8.07 20.66
CA CYS C 578 -9.18 7.33 21.85
C CYS C 578 -9.06 5.85 21.55
N LYS C 579 -9.47 5.47 20.34
CA LYS C 579 -9.39 4.11 19.88
C LYS C 579 -7.96 3.66 19.89
N THR C 580 -7.04 4.51 19.40
CA THR C 580 -5.63 4.17 19.36
C THR C 580 -5.08 3.93 20.74
N ILE C 581 -5.45 4.76 21.69
CA ILE C 581 -4.93 4.55 23.02
C ILE C 581 -5.41 3.22 23.54
N PHE C 582 -6.68 2.92 23.36
CA PHE C 582 -7.24 1.68 23.85
C PHE C 582 -6.57 0.48 23.22
N GLU C 583 -6.35 0.51 21.92
CA GLU C 583 -5.68 -0.58 21.26
C GLU C 583 -4.30 -0.78 21.85
N ALA C 584 -3.59 0.31 22.14
CA ALA C 584 -2.28 0.22 22.76
C ALA C 584 -2.35 -0.44 24.12
N ILE C 585 -3.44 -0.20 24.86
CA ILE C 585 -3.60 -0.82 26.16
C ILE C 585 -3.72 -2.31 25.98
N ILE C 586 -4.48 -2.76 25.00
CA ILE C 586 -4.62 -4.19 24.80
C ILE C 586 -3.27 -4.79 24.42
N PHE C 587 -2.52 -4.14 23.56
CA PHE C 587 -1.23 -4.67 23.20
C PHE C 587 -0.31 -4.84 24.39
N VAL C 588 -0.19 -3.80 25.19
CA VAL C 588 0.71 -3.85 26.32
C VAL C 588 0.27 -4.76 27.44
N PHE C 589 -1.00 -4.71 27.81
CA PHE C 589 -1.43 -5.46 28.97
C PHE C 589 -2.10 -6.78 28.71
N VAL C 590 -2.52 -7.07 27.49
CA VAL C 590 -3.19 -8.33 27.24
C VAL C 590 -2.33 -9.21 26.35
N MET C 591 -1.91 -8.69 25.20
CA MET C 591 -1.13 -9.52 24.31
C MET C 591 0.25 -9.75 24.91
N HIS C 592 0.87 -8.69 25.40
CA HIS C 592 2.14 -8.75 26.12
C HIS C 592 3.24 -9.60 25.51
N PRO C 593 3.71 -9.30 24.29
CA PRO C 593 4.74 -10.02 23.56
C PRO C 593 6.15 -9.96 24.14
N PHE C 594 6.41 -8.98 25.00
CA PHE C 594 7.73 -8.81 25.60
C PHE C 594 7.75 -8.02 26.89
N ASP C 595 8.85 -8.16 27.63
CA ASP C 595 9.10 -7.34 28.82
C ASP C 595 10.39 -6.56 28.69
N VAL C 596 10.70 -5.76 29.70
CA VAL C 596 11.92 -4.99 29.64
C VAL C 596 13.14 -5.85 29.77
N GLY C 597 14.08 -5.65 28.86
CA GLY C 597 15.31 -6.39 28.82
C GLY C 597 15.28 -7.55 27.83
N ASP C 598 14.12 -7.88 27.28
CA ASP C 598 14.08 -8.98 26.33
C ASP C 598 14.68 -8.55 25.03
N ARG C 599 15.38 -9.45 24.35
CA ARG C 599 15.87 -9.16 23.01
C ARG C 599 14.84 -9.70 22.04
N CYS C 600 14.27 -8.79 21.27
CA CYS C 600 13.18 -9.05 20.36
C CYS C 600 13.54 -8.85 18.91
N VAL C 601 12.78 -9.44 18.00
CA VAL C 601 13.09 -9.21 16.61
C VAL C 601 11.90 -8.61 15.89
N ILE C 602 12.06 -7.40 15.36
CA ILE C 602 10.96 -6.74 14.68
C ILE C 602 11.40 -6.37 13.28
N ASP C 603 10.73 -6.89 12.26
CA ASP C 603 11.11 -6.66 10.87
C ASP C 603 12.57 -7.00 10.61
N GLY C 604 13.04 -8.06 11.24
CA GLY C 604 14.41 -8.53 11.07
C GLY C 604 15.43 -7.79 11.95
N ASN C 605 15.00 -6.77 12.68
CA ASN C 605 15.88 -5.98 13.51
C ASN C 605 15.96 -6.51 14.89
N LYS C 606 17.14 -6.89 15.30
CA LYS C 606 17.28 -7.46 16.63
C LYS C 606 17.48 -6.29 17.58
N MET C 607 16.54 -6.12 18.49
CA MET C 607 16.57 -4.98 19.38
C MET C 607 16.26 -5.33 20.80
N LEU C 608 16.85 -4.62 21.72
CA LEU C 608 16.61 -4.87 23.12
C LEU C 608 15.54 -3.93 23.64
N VAL C 609 14.60 -4.42 24.42
CA VAL C 609 13.56 -3.53 24.94
C VAL C 609 14.11 -2.76 26.12
N GLU C 610 14.14 -1.45 26.02
CA GLU C 610 14.67 -0.63 27.10
C GLU C 610 13.58 -0.27 28.07
N GLU C 611 12.44 0.17 27.54
CA GLU C 611 11.33 0.54 28.39
C GLU C 611 10.02 0.38 27.67
N MET C 612 8.96 0.20 28.43
CA MET C 612 7.65 0.14 27.83
C MET C 612 6.76 1.19 28.39
N ASN C 613 5.96 1.79 27.53
CA ASN C 613 5.01 2.77 27.93
C ASN C 613 3.73 2.44 27.20
N ILE C 614 2.69 3.21 27.45
CA ILE C 614 1.43 2.98 26.74
C ILE C 614 1.45 3.40 25.30
N LEU C 615 1.99 4.54 24.95
CA LEU C 615 1.94 4.90 23.54
C LEU C 615 3.13 4.45 22.75
N THR C 616 4.28 4.28 23.39
CA THR C 616 5.50 3.87 22.71
C THR C 616 6.25 2.78 23.42
N THR C 617 7.12 2.11 22.67
CA THR C 617 8.09 1.16 23.20
C THR C 617 9.45 1.64 22.75
N VAL C 618 10.40 1.65 23.68
CA VAL C 618 11.71 2.12 23.35
C VAL C 618 12.67 0.98 23.28
N PHE C 619 13.36 0.88 22.16
CA PHE C 619 14.29 -0.20 21.89
C PHE C 619 15.70 0.26 21.60
N LEU C 620 16.67 -0.60 21.84
CA LEU C 620 18.04 -0.33 21.44
C LEU C 620 18.46 -1.26 20.33
N LYS C 621 19.00 -0.69 19.28
CA LYS C 621 19.47 -1.51 18.17
C LYS C 621 20.80 -2.13 18.52
N TRP C 622 21.32 -3.00 17.65
CA TRP C 622 22.60 -3.64 17.94
C TRP C 622 23.74 -2.66 18.20
N ASP C 623 23.68 -1.45 17.62
CA ASP C 623 24.71 -0.47 17.80
C ASP C 623 24.34 0.51 18.89
N LYS C 624 23.30 0.19 19.64
CA LYS C 624 22.72 0.94 20.74
C LYS C 624 22.05 2.24 20.38
N GLU C 625 21.68 2.43 19.13
CA GLU C 625 20.86 3.58 18.81
C GLU C 625 19.53 3.39 19.50
N LYS C 626 19.03 4.43 20.13
CA LYS C 626 17.73 4.38 20.79
C LYS C 626 16.67 4.66 19.76
N VAL C 627 15.66 3.80 19.70
CA VAL C 627 14.57 3.92 18.74
C VAL C 627 13.21 3.91 19.39
N TYR C 628 12.38 4.87 19.02
CA TYR C 628 11.04 4.97 19.55
C TYR C 628 9.97 4.49 18.59
N TYR C 629 9.29 3.40 18.96
CA TYR C 629 8.21 2.83 18.16
C TYR C 629 6.85 3.11 18.72
N PRO C 630 5.90 3.62 17.95
CA PRO C 630 4.55 3.74 18.37
C PRO C 630 4.00 2.37 18.64
N ASN C 631 3.22 2.21 19.68
CA ASN C 631 2.63 0.93 19.94
C ASN C 631 1.60 0.64 18.89
N SER C 632 1.02 1.68 18.32
CA SER C 632 0.03 1.54 17.29
C SER C 632 0.56 0.89 16.03
N ILE C 633 1.88 0.84 15.83
CA ILE C 633 2.39 0.16 14.65
C ILE C 633 2.86 -1.23 15.10
N LEU C 634 3.37 -1.36 16.32
CA LEU C 634 3.81 -2.67 16.79
C LEU C 634 2.66 -3.64 16.90
N CYS C 635 1.46 -3.12 17.15
CA CYS C 635 0.26 -3.93 17.28
C CYS C 635 -0.05 -4.77 16.05
N THR C 636 0.50 -4.44 14.89
CA THR C 636 0.20 -5.21 13.69
C THR C 636 1.39 -5.99 13.18
N LYS C 637 2.45 -6.09 13.97
CA LYS C 637 3.62 -6.82 13.51
C LYS C 637 3.82 -8.13 14.21
N ALA C 638 4.51 -9.04 13.54
CA ALA C 638 4.89 -10.29 14.16
C ALA C 638 6.17 -10.03 14.92
N ILE C 639 6.15 -10.28 16.21
CA ILE C 639 7.31 -9.96 17.03
C ILE C 639 8.03 -11.16 17.60
N GLY C 640 9.31 -11.28 17.31
CA GLY C 640 10.09 -12.38 17.85
C GLY C 640 10.54 -12.05 19.25
N ASN C 641 10.72 -13.04 20.09
CA ASN C 641 11.23 -12.83 21.42
C ASN C 641 12.22 -13.91 21.77
N PHE C 642 13.51 -13.56 21.79
CA PHE C 642 14.57 -14.52 22.05
C PHE C 642 14.59 -14.92 23.50
N PHE C 643 14.30 -14.00 24.38
CA PHE C 643 14.35 -14.26 25.81
C PHE C 643 13.48 -15.43 26.15
N ARG C 644 12.29 -15.44 25.60
CA ARG C 644 11.30 -16.45 25.89
C ARG C 644 11.46 -17.74 25.08
N SER C 645 12.40 -17.77 24.14
CA SER C 645 12.60 -18.90 23.26
C SER C 645 13.34 -20.07 23.94
N PRO C 646 13.13 -21.30 23.48
CA PRO C 646 13.83 -22.49 23.87
C PRO C 646 15.17 -22.44 23.19
N ASP C 647 16.05 -23.38 23.48
CA ASP C 647 17.35 -23.36 22.85
C ASP C 647 17.17 -23.23 21.35
N GLN C 648 17.92 -22.32 20.76
CA GLN C 648 17.79 -22.03 19.35
C GLN C 648 18.79 -22.76 18.48
N GLY C 649 18.46 -22.92 17.20
CA GLY C 649 19.38 -23.58 16.29
C GLY C 649 20.02 -22.64 15.31
N ASP C 650 20.82 -23.18 14.41
CA ASP C 650 21.51 -22.36 13.43
C ASP C 650 21.89 -23.14 12.17
N VAL C 651 22.43 -22.44 11.18
CA VAL C 651 22.87 -23.03 9.91
C VAL C 651 24.17 -22.49 9.36
N LEU C 652 25.01 -23.39 8.90
CA LEU C 652 26.24 -23.07 8.20
C LEU C 652 26.17 -23.55 6.77
N GLU C 653 26.09 -22.64 5.81
CA GLU C 653 25.99 -23.08 4.42
C GLU C 653 27.36 -23.07 3.79
N PHE C 654 27.57 -23.98 2.86
CA PHE C 654 28.83 -24.09 2.15
C PHE C 654 28.67 -24.80 0.83
N SER C 655 29.72 -24.80 0.03
CA SER C 655 29.67 -25.50 -1.22
C SER C 655 30.99 -26.20 -1.49
N VAL C 656 30.91 -27.28 -2.25
CA VAL C 656 32.09 -28.06 -2.62
C VAL C 656 32.09 -28.37 -4.12
N ASP C 657 33.23 -28.76 -4.66
CA ASP C 657 33.33 -29.20 -6.05
C ASP C 657 32.46 -30.43 -6.29
N PHE C 658 31.77 -30.48 -7.41
CA PHE C 658 30.95 -31.62 -7.83
C PHE C 658 31.73 -32.91 -7.93
N THR C 659 33.03 -32.82 -8.15
CA THR C 659 33.86 -33.99 -8.31
C THR C 659 34.34 -34.55 -6.98
N THR C 660 33.97 -33.94 -5.88
CA THR C 660 34.34 -34.43 -4.58
C THR C 660 33.76 -35.84 -4.44
N PRO C 661 34.56 -36.87 -4.09
CA PRO C 661 34.13 -38.22 -3.86
C PRO C 661 33.11 -38.26 -2.76
N VAL C 662 32.17 -39.18 -2.85
CA VAL C 662 31.14 -39.30 -1.82
C VAL C 662 31.76 -39.71 -0.50
N LEU C 663 32.93 -40.31 -0.57
CA LEU C 663 33.66 -40.71 0.60
C LEU C 663 34.14 -39.50 1.37
N LYS C 664 34.45 -38.39 0.69
CA LYS C 664 34.91 -37.20 1.38
C LYS C 664 33.73 -36.60 2.05
N ILE C 665 32.57 -36.72 1.42
CA ILE C 665 31.36 -36.21 2.01
C ILE C 665 31.07 -37.01 3.28
N GLY C 666 31.22 -38.33 3.21
CA GLY C 666 31.02 -39.16 4.37
C GLY C 666 32.00 -38.83 5.49
N ASP C 667 33.27 -38.56 5.15
CA ASP C 667 34.25 -38.21 6.16
C ASP C 667 33.93 -36.87 6.77
N LEU C 668 33.41 -35.93 5.98
CA LEU C 668 33.06 -34.63 6.47
C LEU C 668 31.99 -34.78 7.52
N LYS C 669 30.98 -35.60 7.25
CA LYS C 669 29.93 -35.80 8.22
C LYS C 669 30.44 -36.40 9.51
N ASP C 670 31.36 -37.36 9.44
CA ASP C 670 31.87 -37.95 10.67
C ASP C 670 32.74 -36.99 11.45
N ARG C 671 33.51 -36.17 10.76
CA ARG C 671 34.37 -35.24 11.45
C ARG C 671 33.55 -34.22 12.20
N ILE C 672 32.45 -33.78 11.60
CA ILE C 672 31.58 -32.83 12.26
C ILE C 672 30.93 -33.46 13.46
N LYS C 673 30.45 -34.69 13.32
CA LYS C 673 29.83 -35.33 14.44
C LYS C 673 30.79 -35.35 15.62
N MET C 674 32.05 -35.69 15.38
CA MET C 674 32.99 -35.72 16.49
C MET C 674 33.19 -34.36 17.12
N TYR C 675 33.28 -33.31 16.31
CA TYR C 675 33.46 -31.98 16.87
C TYR C 675 32.33 -31.62 17.77
N LEU C 676 31.11 -31.84 17.33
CA LEU C 676 29.98 -31.42 18.12
C LEU C 676 29.95 -32.21 19.43
N GLU C 677 30.29 -33.49 19.38
CA GLU C 677 30.31 -34.35 20.58
C GLU C 677 31.38 -33.99 21.59
N GLN C 678 32.45 -33.39 21.13
CA GLN C 678 33.52 -32.97 22.02
C GLN C 678 33.24 -31.62 22.63
N ASN C 679 32.16 -30.97 22.22
CA ASN C 679 31.82 -29.64 22.67
C ASN C 679 30.37 -29.55 23.09
N LEU C 680 29.97 -30.39 24.03
CA LEU C 680 28.57 -30.48 24.39
C LEU C 680 28.09 -29.39 25.29
N ASN C 681 29.00 -28.54 25.74
CA ASN C 681 28.56 -27.43 26.53
C ASN C 681 28.00 -26.37 25.59
N PHE C 682 28.35 -26.45 24.31
CA PHE C 682 27.92 -25.51 23.31
C PHE C 682 26.91 -26.06 22.35
N TRP C 683 27.04 -27.33 21.98
CA TRP C 683 26.18 -27.87 20.96
C TRP C 683 25.46 -29.12 21.41
N HIS C 684 24.22 -29.27 20.97
CA HIS C 684 23.49 -30.49 21.23
C HIS C 684 23.99 -31.54 20.26
N PRO C 685 23.99 -32.84 20.60
CA PRO C 685 24.39 -33.93 19.72
C PRO C 685 23.68 -33.98 18.37
N GLN C 686 22.44 -33.53 18.31
CA GLN C 686 21.66 -33.58 17.08
C GLN C 686 22.03 -32.53 16.08
N HIS C 687 22.21 -32.97 14.86
CA HIS C 687 22.55 -32.11 13.75
C HIS C 687 22.18 -32.82 12.48
N ASN C 688 22.10 -32.07 11.40
CA ASN C 688 21.85 -32.64 10.09
C ASN C 688 22.69 -32.02 9.03
N MET C 689 23.13 -32.80 8.08
CA MET C 689 23.79 -32.22 6.94
C MET C 689 22.98 -32.57 5.72
N VAL C 690 22.63 -31.56 4.96
CA VAL C 690 21.78 -31.71 3.82
C VAL C 690 22.44 -31.31 2.52
N VAL C 691 22.40 -32.19 1.55
CA VAL C 691 22.90 -31.89 0.23
C VAL C 691 21.68 -31.34 -0.48
N LYS C 692 21.80 -30.17 -1.07
CA LYS C 692 20.65 -29.56 -1.67
C LYS C 692 20.64 -29.47 -3.18
N GLU C 693 21.74 -29.04 -3.77
CA GLU C 693 21.70 -28.84 -5.22
C GLU C 693 22.94 -29.20 -5.95
N ILE C 694 22.78 -29.57 -7.20
CA ILE C 694 23.91 -29.71 -8.10
C ILE C 694 23.77 -28.61 -9.13
N GLU C 695 24.70 -27.67 -9.12
CA GLU C 695 24.69 -26.56 -10.06
C GLU C 695 25.61 -26.92 -11.20
N ASN C 696 25.08 -26.85 -12.42
CA ASN C 696 25.82 -27.30 -13.59
C ASN C 696 26.29 -28.67 -13.18
N VAL C 697 27.55 -28.97 -13.36
CA VAL C 697 28.09 -30.21 -12.86
C VAL C 697 29.32 -29.79 -12.12
N ASN C 698 29.28 -28.57 -11.61
CA ASN C 698 30.42 -27.99 -10.99
C ASN C 698 30.30 -27.83 -9.50
N LYS C 699 29.11 -27.61 -8.99
CA LYS C 699 29.04 -27.29 -7.58
C LYS C 699 27.97 -28.00 -6.83
N ILE C 700 28.30 -28.42 -5.63
CA ILE C 700 27.31 -29.00 -4.75
C ILE C 700 27.06 -28.08 -3.61
N LYS C 701 25.80 -27.69 -3.44
CA LYS C 701 25.41 -26.80 -2.38
C LYS C 701 24.95 -27.62 -1.22
N MET C 702 25.50 -27.34 -0.05
CA MET C 702 25.25 -28.08 1.18
C MET C 702 24.97 -27.20 2.37
N ALA C 703 24.26 -27.74 3.35
CA ALA C 703 24.09 -26.98 4.58
C ALA C 703 24.12 -27.84 5.82
N LEU C 704 24.76 -27.30 6.84
CA LEU C 704 24.85 -27.91 8.14
C LEU C 704 23.91 -27.27 9.14
N PHE C 705 23.07 -28.07 9.74
CA PHE C 705 22.09 -27.64 10.72
C PHE C 705 22.50 -28.10 12.10
N VAL C 706 22.66 -27.15 13.00
CA VAL C 706 23.08 -27.43 14.37
C VAL C 706 22.18 -26.82 15.40
N ASN C 707 22.32 -27.28 16.62
CA ASN C 707 21.53 -26.79 17.73
C ASN C 707 22.37 -26.28 18.88
N HIS C 708 22.15 -25.03 19.26
CA HIS C 708 22.88 -24.38 20.34
C HIS C 708 22.28 -24.80 21.65
N THR C 709 23.06 -24.75 22.71
CA THR C 709 22.59 -25.06 24.06
C THR C 709 22.01 -23.86 24.79
N ILE C 710 21.91 -22.73 24.08
CA ILE C 710 21.36 -21.47 24.57
C ILE C 710 20.31 -20.89 23.62
N ASN C 711 19.49 -19.97 24.11
CA ASN C 711 18.62 -19.21 23.22
C ASN C 711 19.46 -18.03 22.78
N PHE C 712 18.94 -17.10 22.03
CA PHE C 712 19.80 -16.03 21.53
C PHE C 712 19.72 -14.71 22.26
N GLN C 713 19.30 -14.73 23.51
CA GLN C 713 19.28 -13.49 24.27
C GLN C 713 20.68 -12.91 24.39
N ASP C 714 21.69 -13.75 24.56
CA ASP C 714 23.07 -13.29 24.60
C ASP C 714 23.62 -13.47 23.21
N PHE C 715 23.52 -12.43 22.42
CA PHE C 715 23.79 -12.58 21.02
C PHE C 715 25.28 -12.73 20.78
N ALA C 716 26.09 -12.04 21.57
CA ALA C 716 27.53 -12.14 21.37
C ALA C 716 28.01 -13.55 21.64
N GLU C 717 27.45 -14.21 22.65
CA GLU C 717 27.88 -15.57 22.95
C GLU C 717 27.50 -16.49 21.82
N LYS C 718 26.32 -16.28 21.25
CA LYS C 718 25.86 -17.06 20.13
C LYS C 718 26.85 -16.98 18.98
N ASN C 719 27.30 -15.77 18.64
CA ASN C 719 28.23 -15.62 17.53
C ASN C 719 29.59 -16.18 17.82
N ARG C 720 30.04 -16.10 19.06
CA ARG C 720 31.34 -16.67 19.36
C ARG C 720 31.34 -18.19 19.18
N ARG C 721 30.27 -18.84 19.61
CA ARG C 721 30.24 -20.28 19.48
C ARG C 721 30.14 -20.68 18.01
N ARG C 722 29.36 -19.94 17.24
CA ARG C 722 29.21 -20.24 15.83
C ARG C 722 30.51 -20.03 15.10
N SER C 723 31.24 -18.97 15.46
CA SER C 723 32.49 -18.61 14.82
C SER C 723 33.48 -19.77 14.95
N GLU C 724 33.54 -20.38 16.14
CA GLU C 724 34.42 -21.53 16.31
C GLU C 724 34.00 -22.69 15.43
N LEU C 725 32.71 -22.93 15.28
CA LEU C 725 32.25 -24.01 14.42
C LEU C 725 32.63 -23.74 12.96
N VAL C 726 32.58 -22.50 12.52
CA VAL C 726 32.94 -22.18 11.15
C VAL C 726 34.41 -22.49 10.96
N LEU C 727 35.26 -22.12 11.93
CA LEU C 727 36.67 -22.44 11.81
C LEU C 727 36.93 -23.95 11.88
N GLU C 728 36.14 -24.72 12.62
CA GLU C 728 36.36 -26.15 12.60
C GLU C 728 36.04 -26.69 11.22
N LEU C 729 34.99 -26.17 10.58
CA LEU C 729 34.63 -26.64 9.26
C LEU C 729 35.77 -26.36 8.31
N LYS C 730 36.41 -25.19 8.45
CA LYS C 730 37.55 -24.83 7.64
C LYS C 730 38.65 -25.87 7.77
N LYS C 731 38.97 -26.22 9.01
CA LYS C 731 40.01 -27.19 9.31
C LYS C 731 39.73 -28.53 8.69
N ILE C 732 38.48 -28.97 8.77
CA ILE C 732 38.11 -30.25 8.21
C ILE C 732 38.29 -30.23 6.72
N PHE C 733 37.85 -29.17 6.05
CA PHE C 733 38.02 -29.14 4.62
C PHE C 733 39.49 -29.22 4.26
N GLU C 734 40.35 -28.53 4.98
CA GLU C 734 41.75 -28.61 4.62
C GLU C 734 42.33 -30.00 4.84
N GLU C 735 41.99 -30.64 5.94
CA GLU C 735 42.52 -31.97 6.25
C GLU C 735 42.04 -33.03 5.30
N LEU C 736 40.79 -32.92 4.85
CA LEU C 736 40.23 -33.88 3.94
C LEU C 736 40.48 -33.49 2.49
N ASP C 737 41.15 -32.38 2.26
CA ASP C 737 41.40 -31.87 0.93
C ASP C 737 40.12 -31.67 0.11
N ILE C 738 39.13 -31.01 0.71
CA ILE C 738 37.88 -30.67 0.02
C ILE C 738 38.04 -29.32 -0.62
N LYS C 739 37.84 -29.28 -1.93
CA LYS C 739 38.05 -28.08 -2.73
C LYS C 739 36.87 -27.73 -3.60
N TYR C 740 36.89 -26.51 -4.13
CA TYR C 740 35.97 -26.00 -5.13
C TYR C 740 36.79 -25.45 -6.29
N ASN C 741 36.40 -25.75 -7.52
CA ASN C 741 37.09 -25.27 -8.69
C ASN C 741 36.12 -24.68 -9.68
N LEU C 742 36.59 -23.74 -10.48
CA LEU C 742 35.81 -23.15 -11.54
C LEU C 742 35.76 -24.03 -12.77
N LEU C 743 34.68 -23.96 -13.53
CA LEU C 743 34.62 -24.70 -14.77
C LEU C 743 35.72 -24.20 -15.70
N PRO C 744 36.37 -25.08 -16.46
CA PRO C 744 37.42 -24.78 -17.41
C PRO C 744 36.88 -24.03 -18.58
N GLN C 745 37.72 -23.18 -19.15
CA GLN C 745 37.35 -22.38 -20.29
C GLN C 745 38.16 -22.71 -21.50
N GLU C 746 37.48 -23.05 -22.57
CA GLU C 746 38.15 -23.34 -23.83
C GLU C 746 38.37 -22.09 -24.62
N ILE C 747 39.59 -21.93 -25.09
CA ILE C 747 40.03 -20.81 -25.89
C ILE C 747 40.46 -21.21 -27.27
N SER C 748 40.00 -20.47 -28.25
CA SER C 748 40.44 -20.70 -29.61
C SER C 748 41.20 -19.46 -29.97
N ILE C 749 42.17 -19.56 -30.84
CA ILE C 749 42.95 -18.38 -31.16
C ILE C 749 42.98 -18.11 -32.63
N ARG C 750 42.55 -16.92 -33.00
CA ARG C 750 42.54 -16.52 -34.39
C ARG C 750 43.69 -15.60 -34.78
N ASN C 751 44.08 -14.66 -33.88
CA ASN C 751 45.13 -13.63 -34.07
C ASN C 751 44.95 -12.87 -35.40
N ASN D 290 -37.56 47.78 40.80
CA ASN D 290 -39.00 47.68 41.04
C ASN D 290 -39.84 47.49 39.74
N GLN D 291 -39.28 47.87 38.57
CA GLN D 291 -39.89 47.79 37.24
C GLN D 291 -39.48 46.45 36.55
N PRO D 292 -40.40 45.49 36.41
CA PRO D 292 -40.14 44.11 35.99
C PRO D 292 -39.55 43.88 34.62
N HIS D 293 -39.73 44.80 33.68
CA HIS D 293 -39.16 44.55 32.38
C HIS D 293 -38.28 45.70 31.97
N GLN D 294 -38.08 46.64 32.88
CA GLN D 294 -37.34 47.82 32.56
C GLN D 294 -36.06 47.89 33.34
N THR D 295 -36.14 47.53 34.62
CA THR D 295 -34.99 47.56 35.47
C THR D 295 -34.59 46.17 35.89
N ARG D 296 -35.56 45.29 36.18
CA ARG D 296 -35.15 43.97 36.65
C ARG D 296 -34.42 43.20 35.55
N LYS D 297 -34.91 43.33 34.32
CA LYS D 297 -34.30 42.65 33.20
C LYS D 297 -32.88 43.12 32.99
N ILE D 298 -32.68 44.42 33.17
CA ILE D 298 -31.38 45.00 32.98
C ILE D 298 -30.46 44.54 34.06
N LEU D 299 -30.92 44.49 35.29
CA LEU D 299 -30.06 44.04 36.32
C LEU D 299 -29.68 42.59 36.08
N GLU D 300 -30.59 41.75 35.58
CA GLU D 300 -30.25 40.36 35.31
C GLU D 300 -29.16 40.27 34.25
N PHE D 301 -29.27 41.11 33.22
CA PHE D 301 -28.27 41.12 32.19
C PHE D 301 -26.92 41.44 32.75
N VAL D 302 -26.85 42.48 33.56
CA VAL D 302 -25.60 42.90 34.12
C VAL D 302 -25.06 41.86 35.05
N THR D 303 -25.92 41.28 35.86
CA THR D 303 -25.45 40.30 36.80
C THR D 303 -24.77 39.19 36.09
N TRP D 304 -25.41 38.65 35.07
CA TRP D 304 -24.83 37.50 34.43
C TRP D 304 -23.68 37.82 33.51
N THR D 305 -23.63 39.02 32.97
CA THR D 305 -22.50 39.39 32.16
C THR D 305 -21.28 39.45 33.02
N ILE D 306 -21.41 40.00 34.22
CA ILE D 306 -20.27 40.09 35.10
C ILE D 306 -19.83 38.68 35.46
N VAL D 307 -20.78 37.80 35.75
CA VAL D 307 -20.43 36.43 36.08
C VAL D 307 -19.71 35.75 34.94
N THR D 308 -20.16 35.93 33.72
CA THR D 308 -19.49 35.31 32.60
C THR D 308 -18.06 35.76 32.54
N VAL D 309 -17.80 37.05 32.77
CA VAL D 309 -16.45 37.54 32.73
C VAL D 309 -15.64 36.84 33.80
N LEU D 310 -16.20 36.67 34.98
CA LEU D 310 -15.50 35.97 36.03
C LEU D 310 -15.16 34.53 35.65
N ILE D 311 -16.08 33.84 34.99
CA ILE D 311 -15.81 32.46 34.57
C ILE D 311 -14.67 32.46 33.62
N GLY D 312 -14.70 33.40 32.69
CA GLY D 312 -13.65 33.52 31.71
C GLY D 312 -12.32 33.75 32.39
N ALA D 313 -12.26 34.70 33.32
CA ALA D 313 -11.01 34.99 33.97
C ALA D 313 -10.48 33.76 34.68
N PHE D 314 -11.37 32.99 35.28
CA PHE D 314 -10.95 31.78 35.95
C PHE D 314 -10.29 30.82 34.99
N LEU D 315 -10.94 30.57 33.86
CA LEU D 315 -10.42 29.62 32.91
C LEU D 315 -9.11 30.09 32.34
N TRP D 316 -8.96 31.39 32.14
CA TRP D 316 -7.69 31.91 31.66
C TRP D 316 -6.59 31.64 32.63
N LEU D 317 -6.86 31.79 33.92
CA LEU D 317 -5.85 31.54 34.92
C LEU D 317 -5.47 30.08 34.93
N VAL D 318 -6.45 29.19 34.80
CA VAL D 318 -6.15 27.77 34.79
C VAL D 318 -5.35 27.39 33.57
N LYS D 319 -5.75 27.91 32.43
CA LYS D 319 -5.07 27.65 31.18
C LYS D 319 -3.64 28.03 31.24
N THR D 320 -3.39 29.22 31.75
CA THR D 320 -2.05 29.72 31.80
C THR D 320 -1.22 28.86 32.69
N THR D 321 -1.76 28.48 33.83
CA THR D 321 -0.99 27.68 34.75
C THR D 321 -0.62 26.36 34.13
N LEU D 322 -1.57 25.71 33.49
CA LEU D 322 -1.27 24.41 32.94
C LEU D 322 -0.28 24.46 31.80
N LEU D 323 -0.34 25.47 30.96
CA LEU D 323 0.62 25.55 29.89
C LEU D 323 2.00 25.85 30.43
N LYS D 324 2.10 26.67 31.49
CA LYS D 324 3.41 26.92 32.08
C LYS D 324 4.00 25.63 32.63
N ILE D 325 3.16 24.75 33.14
CA ILE D 325 3.60 23.47 33.62
C ILE D 325 4.06 22.59 32.46
N LEU D 326 3.29 22.55 31.38
CA LEU D 326 3.63 21.74 30.21
C LEU D 326 4.98 22.10 29.67
N ALA D 327 5.25 23.37 29.62
CA ALA D 327 6.49 23.89 29.09
C ALA D 327 7.70 23.43 29.86
N SER D 328 7.55 22.99 31.10
CA SER D 328 8.73 22.60 31.85
C SER D 328 9.33 21.35 31.28
N SER D 329 8.56 20.58 30.52
CA SER D 329 9.04 19.34 29.94
C SER D 329 9.98 19.62 28.79
N PHE D 330 9.98 20.85 28.33
CA PHE D 330 10.78 21.24 27.20
C PHE D 330 12.01 21.97 27.65
N HIS D 331 12.24 22.01 28.95
CA HIS D 331 13.46 22.61 29.42
C HIS D 331 14.60 21.68 29.14
N LEU D 332 15.66 22.20 28.59
CA LEU D 332 16.78 21.37 28.29
C LEU D 332 17.91 21.58 29.28
N ASN D 333 18.39 20.46 29.84
CA ASN D 333 19.45 20.50 30.83
C ASN D 333 20.82 20.37 30.20
N ARG D 334 20.85 20.31 28.88
CA ARG D 334 22.08 20.22 28.11
C ARG D 334 22.81 21.55 28.18
N PHE D 335 22.09 22.57 28.61
CA PHE D 335 22.58 23.92 28.76
C PHE D 335 22.86 24.23 30.21
N PHE D 336 22.77 23.27 31.11
CA PHE D 336 22.93 23.59 32.52
C PHE D 336 24.22 24.32 32.80
N ASP D 337 25.31 23.84 32.25
CA ASP D 337 26.59 24.46 32.51
C ASP D 337 26.66 25.86 31.93
N ARG D 338 26.01 26.08 30.79
CA ARG D 338 26.04 27.39 30.14
C ARG D 338 25.21 28.37 30.94
N ILE D 339 24.15 27.86 31.55
CA ILE D 339 23.27 28.65 32.38
C ILE D 339 24.02 29.07 33.60
N GLN D 340 24.76 28.17 34.22
CA GLN D 340 25.48 28.56 35.42
C GLN D 340 26.57 29.58 35.13
N GLU D 341 27.27 29.46 33.99
CA GLU D 341 28.29 30.47 33.69
C GLU D 341 27.64 31.81 33.42
N SER D 342 26.49 31.81 32.74
CA SER D 342 25.78 33.02 32.42
C SER D 342 25.33 33.73 33.68
N VAL D 343 24.80 33.00 34.66
CA VAL D 343 24.36 33.60 35.91
C VAL D 343 25.52 34.21 36.65
N PHE D 344 26.65 33.50 36.73
CA PHE D 344 27.79 34.04 37.42
C PHE D 344 28.28 35.33 36.80
N HIS D 345 28.42 35.36 35.47
CA HIS D 345 28.90 36.55 34.83
C HIS D 345 27.91 37.69 34.99
N HIS D 346 26.62 37.39 34.93
CA HIS D 346 25.64 38.42 35.08
C HIS D 346 25.75 39.03 36.45
N SER D 347 25.89 38.20 37.48
CA SER D 347 25.97 38.66 38.85
C SER D 347 27.19 39.56 39.10
N VAL D 348 28.36 39.18 38.59
CA VAL D 348 29.53 40.02 38.85
C VAL D 348 29.40 41.37 38.15
N LEU D 349 28.74 41.41 37.00
CA LEU D 349 28.59 42.68 36.32
C LEU D 349 27.67 43.66 37.03
N GLN D 350 26.97 43.23 38.08
CA GLN D 350 26.10 44.14 38.77
C GLN D 350 26.82 44.87 39.91
N THR D 351 27.94 44.29 40.41
CA THR D 351 28.62 44.90 41.56
C THR D 351 30.12 45.16 41.36
N LEU D 352 30.75 44.42 40.46
CA LEU D 352 32.19 44.50 40.24
C LEU D 352 32.57 45.19 38.94
N ALA D 353 31.62 45.86 38.31
CA ALA D 353 31.90 46.51 37.04
C ALA D 353 31.06 47.78 36.87
N GLY D 354 31.57 48.74 36.07
CA GLY D 354 30.91 49.98 35.73
C GLY D 354 31.84 50.79 34.82
N TRP D 507 34.94 42.10 27.19
CA TRP D 507 34.52 41.01 28.07
C TRP D 507 33.03 41.16 28.46
N VAL D 508 32.63 42.39 28.87
CA VAL D 508 31.27 42.73 29.33
C VAL D 508 30.27 42.54 28.20
N VAL D 509 30.65 42.96 27.01
CA VAL D 509 29.82 42.83 25.84
C VAL D 509 29.64 41.35 25.50
N LYS D 510 30.71 40.57 25.61
CA LYS D 510 30.63 39.15 25.32
C LYS D 510 29.65 38.50 26.26
N VAL D 511 29.65 38.89 27.54
CA VAL D 511 28.70 38.31 28.47
C VAL D 511 27.29 38.57 28.03
N TYR D 512 26.98 39.79 27.63
CA TYR D 512 25.61 40.03 27.22
C TYR D 512 25.24 39.34 25.92
N ASN D 513 26.19 39.21 24.99
CA ASN D 513 25.88 38.52 23.74
C ASN D 513 25.64 37.03 23.99
N ASP D 514 26.39 36.44 24.93
CA ASP D 514 26.21 35.04 25.26
C ASP D 514 24.89 34.83 25.97
N GLN D 515 24.46 35.81 26.80
CA GLN D 515 23.18 35.65 27.45
C GLN D 515 22.08 35.64 26.42
N ALA D 516 22.18 36.50 25.41
CA ALA D 516 21.15 36.52 24.39
C ALA D 516 21.10 35.21 23.64
N ALA D 517 22.27 34.66 23.32
CA ALA D 517 22.32 33.42 22.58
C ALA D 517 21.68 32.28 23.35
N LEU D 518 21.91 32.25 24.65
CA LEU D 518 21.34 31.21 25.48
C LEU D 518 19.84 31.36 25.61
N LYS D 519 19.35 32.59 25.78
CA LYS D 519 17.93 32.79 25.90
C LYS D 519 17.23 32.30 24.65
N HIS D 520 17.83 32.53 23.47
CA HIS D 520 17.21 32.05 22.26
C HIS D 520 17.29 30.53 22.20
N ALA D 521 18.42 29.96 22.59
CA ALA D 521 18.57 28.51 22.51
C ALA D 521 17.51 27.79 23.33
N LEU D 522 17.15 28.36 24.46
CA LEU D 522 16.17 27.77 25.31
C LEU D 522 14.75 28.04 24.78
N ASN D 523 14.49 29.24 24.25
CA ASN D 523 13.16 29.59 23.72
C ASN D 523 12.83 28.80 22.47
N ASP D 524 13.85 28.39 21.74
CA ASP D 524 13.66 27.60 20.54
C ASP D 524 13.00 26.26 20.83
N ASN D 525 13.10 25.73 22.04
CA ASN D 525 12.50 24.43 22.24
C ASN D 525 11.08 24.58 22.82
N LYS D 526 10.57 25.81 22.90
CA LYS D 526 9.24 26.07 23.43
C LYS D 526 8.26 26.58 22.39
N THR D 527 8.63 26.49 21.13
CA THR D 527 7.79 26.98 20.05
C THR D 527 6.43 26.29 20.00
N ALA D 528 6.42 24.98 20.14
CA ALA D 528 5.17 24.26 20.09
C ALA D 528 4.24 24.69 21.21
N VAL D 529 4.78 25.02 22.38
CA VAL D 529 3.92 25.39 23.47
C VAL D 529 3.24 26.69 23.15
N LYS D 530 3.99 27.63 22.60
CA LYS D 530 3.37 28.89 22.25
C LYS D 530 2.27 28.73 21.23
N GLN D 531 2.46 27.84 20.26
CA GLN D 531 1.45 27.61 19.25
C GLN D 531 0.22 26.98 19.84
N LEU D 532 0.41 26.09 20.80
CA LEU D 532 -0.71 25.48 21.45
C LEU D 532 -1.45 26.52 22.23
N ASN D 533 -0.73 27.41 22.91
CA ASN D 533 -1.41 28.44 23.67
C ASN D 533 -2.36 29.24 22.80
N LYS D 534 -1.96 29.56 21.57
CA LYS D 534 -2.86 30.32 20.70
C LYS D 534 -4.09 29.53 20.34
N LEU D 535 -3.93 28.24 20.08
CA LEU D 535 -5.04 27.38 19.70
C LEU D 535 -6.01 27.20 20.84
N VAL D 536 -5.49 26.97 22.02
CA VAL D 536 -6.31 26.75 23.18
C VAL D 536 -7.09 27.98 23.50
N THR D 537 -6.45 29.14 23.41
CA THR D 537 -7.13 30.37 23.70
C THR D 537 -8.26 30.59 22.74
N ALA D 538 -8.05 30.36 21.47
CA ALA D 538 -9.14 30.59 20.55
C ALA D 538 -10.35 29.74 20.90
N ILE D 539 -10.10 28.52 21.32
CA ILE D 539 -11.18 27.64 21.68
C ILE D 539 -11.86 28.17 22.92
N LEU D 540 -11.08 28.59 23.90
CA LEU D 540 -11.62 29.14 25.12
C LEU D 540 -12.49 30.36 24.87
N ILE D 541 -12.06 31.26 24.00
CA ILE D 541 -12.86 32.45 23.72
C ILE D 541 -14.17 32.09 23.11
N VAL D 542 -14.16 31.19 22.15
CA VAL D 542 -15.41 30.84 21.54
C VAL D 542 -16.32 30.24 22.55
N MET D 543 -15.79 29.37 23.39
CA MET D 543 -16.62 28.75 24.37
C MET D 543 -17.23 29.79 25.26
N MET D 544 -16.46 30.81 25.66
CA MET D 544 -17.01 31.83 26.53
C MET D 544 -18.08 32.68 25.88
N ILE D 545 -18.02 32.87 24.57
CA ILE D 545 -19.07 33.63 23.91
C ILE D 545 -20.33 32.85 24.01
N VAL D 546 -20.24 31.56 23.76
CA VAL D 546 -21.42 30.75 23.84
C VAL D 546 -21.95 30.74 25.26
N ILE D 547 -21.08 30.61 26.26
CA ILE D 547 -21.54 30.63 27.63
C ILE D 547 -22.24 31.90 27.94
N TRP D 548 -21.70 33.04 27.52
CA TRP D 548 -22.35 34.31 27.80
C TRP D 548 -23.75 34.34 27.29
N LEU D 549 -23.95 33.93 26.05
CA LEU D 549 -25.27 33.97 25.50
C LEU D 549 -26.24 33.07 26.22
N ILE D 550 -25.76 31.94 26.73
CA ILE D 550 -26.67 31.07 27.43
C ILE D 550 -26.95 31.56 28.86
N VAL D 551 -25.92 31.91 29.63
CA VAL D 551 -26.11 32.24 31.04
C VAL D 551 -26.84 33.54 31.27
N THR D 552 -26.70 34.50 30.36
CA THR D 552 -27.40 35.76 30.51
C THR D 552 -28.82 35.68 29.96
N GLY D 553 -29.19 34.54 29.36
CA GLY D 553 -30.51 34.39 28.80
C GLY D 553 -30.75 35.16 27.52
N ILE D 554 -29.73 35.35 26.71
CA ILE D 554 -29.94 36.10 25.49
C ILE D 554 -30.38 35.17 24.44
N ALA D 555 -29.72 34.05 24.39
CA ALA D 555 -30.04 33.08 23.41
C ALA D 555 -31.40 32.49 23.68
N THR D 556 -32.09 32.23 22.60
CA THR D 556 -33.38 31.60 22.61
C THR D 556 -33.17 30.22 22.09
N THR D 557 -34.00 29.31 22.51
CA THR D 557 -33.82 27.93 22.16
C THR D 557 -33.93 27.65 20.69
N LYS D 558 -34.66 28.45 19.94
CA LYS D 558 -34.67 28.15 18.52
C LYS D 558 -33.28 28.32 17.90
N LEU D 559 -32.51 29.30 18.36
CA LEU D 559 -31.23 29.54 17.73
C LEU D 559 -30.18 28.67 18.34
N ILE D 560 -30.40 28.26 19.59
CA ILE D 560 -29.47 27.35 20.22
C ILE D 560 -29.52 26.08 19.42
N VAL D 561 -30.71 25.65 19.07
CA VAL D 561 -30.82 24.47 18.27
C VAL D 561 -30.18 24.60 16.92
N LEU D 562 -30.38 25.71 16.21
CA LEU D 562 -29.72 25.80 14.91
C LEU D 562 -28.20 25.82 15.04
N LEU D 563 -27.66 26.46 16.07
CA LEU D 563 -26.23 26.47 16.25
C LEU D 563 -25.71 25.08 16.49
N SER D 564 -26.36 24.33 17.37
CA SER D 564 -25.88 22.99 17.64
C SER D 564 -25.97 22.13 16.42
N SER D 565 -27.01 22.30 15.62
CA SER D 565 -27.15 21.50 14.43
C SER D 565 -26.02 21.78 13.45
N GLN D 566 -25.68 23.05 13.26
CA GLN D 566 -24.61 23.38 12.35
C GLN D 566 -23.26 22.88 12.83
N LEU D 567 -23.03 22.87 14.14
CA LEU D 567 -21.77 22.38 14.68
C LEU D 567 -21.64 20.93 14.38
N VAL D 568 -22.72 20.20 14.43
CA VAL D 568 -22.64 18.80 14.10
C VAL D 568 -22.25 18.63 12.66
N VAL D 569 -22.82 19.42 11.76
CA VAL D 569 -22.42 19.30 10.37
C VAL D 569 -20.96 19.66 10.18
N ALA D 570 -20.48 20.72 10.81
CA ALA D 570 -19.09 21.07 10.67
C ALA D 570 -18.21 19.95 11.16
N ALA D 571 -18.61 19.29 12.22
CA ALA D 571 -17.84 18.20 12.71
C ALA D 571 -17.81 17.09 11.72
N PHE D 572 -18.94 16.84 11.11
CA PHE D 572 -19.03 15.78 10.16
C PHE D 572 -18.01 15.96 9.05
N ILE D 573 -17.94 17.16 8.54
CA ILE D 573 -17.08 17.45 7.43
C ILE D 573 -15.60 17.66 7.77
N PHE D 574 -15.30 18.44 8.80
CA PHE D 574 -13.91 18.78 9.08
C PHE D 574 -13.33 18.07 10.29
N GLY D 575 -14.07 17.16 10.87
CA GLY D 575 -13.63 16.45 12.05
C GLY D 575 -12.36 15.68 11.86
N ASN D 576 -12.12 15.18 10.68
CA ASN D 576 -10.91 14.43 10.43
C ASN D 576 -9.69 15.33 10.42
N THR D 577 -9.88 16.61 10.15
CA THR D 577 -8.74 17.49 10.16
C THR D 577 -8.41 17.76 11.60
N CYS D 578 -9.43 17.97 12.40
CA CYS D 578 -9.24 18.24 13.82
C CYS D 578 -8.62 17.04 14.51
N LYS D 579 -8.99 15.84 14.07
CA LYS D 579 -8.42 14.62 14.60
C LYS D 579 -6.94 14.65 14.40
N THR D 580 -6.50 15.01 13.18
CA THR D 580 -5.09 15.08 12.84
C THR D 580 -4.35 16.09 13.67
N ILE D 581 -4.93 17.23 13.90
CA ILE D 581 -4.24 18.22 14.68
C ILE D 581 -4.03 17.69 16.06
N PHE D 582 -5.06 17.09 16.64
CA PHE D 582 -4.94 16.53 17.97
C PHE D 582 -3.90 15.45 18.04
N GLU D 583 -3.89 14.53 17.08
CA GLU D 583 -2.90 13.49 17.10
C GLU D 583 -1.50 14.07 17.10
N ALA D 584 -1.28 15.15 16.34
CA ALA D 584 0.01 15.83 16.31
C ALA D 584 0.37 16.38 17.69
N ILE D 585 -0.62 16.83 18.46
CA ILE D 585 -0.37 17.33 19.80
C ILE D 585 0.12 16.20 20.66
N ILE D 586 -0.47 15.03 20.53
CA ILE D 586 -0.02 13.90 21.32
C ILE D 586 1.41 13.55 20.95
N PHE D 587 1.72 13.51 19.68
CA PHE D 587 3.07 13.21 19.27
C PHE D 587 4.10 14.18 19.84
N VAL D 588 3.85 15.46 19.69
CA VAL D 588 4.80 16.45 20.15
C VAL D 588 4.91 16.55 21.65
N PHE D 589 3.80 16.54 22.37
CA PHE D 589 3.87 16.77 23.80
C PHE D 589 3.81 15.55 24.69
N VAL D 590 3.37 14.41 24.20
CA VAL D 590 3.29 13.24 25.04
C VAL D 590 4.34 12.23 24.64
N MET D 591 4.38 11.86 23.37
CA MET D 591 5.34 10.84 22.95
C MET D 591 6.73 11.44 23.04
N HIS D 592 6.90 12.64 22.51
CA HIS D 592 8.13 13.41 22.58
C HIS D 592 9.43 12.65 22.28
N PRO D 593 9.60 12.08 21.09
CA PRO D 593 10.76 11.32 20.65
C PRO D 593 12.06 12.11 20.47
N PHE D 594 11.98 13.42 20.35
CA PHE D 594 13.15 14.25 20.16
C PHE D 594 12.98 15.70 20.54
N ASP D 595 14.11 16.39 20.73
CA ASP D 595 14.11 17.83 20.95
C ASP D 595 14.90 18.54 19.89
N VAL D 596 14.94 19.87 19.97
CA VAL D 596 15.68 20.62 18.99
C VAL D 596 17.16 20.47 19.20
N GLY D 597 17.86 20.17 18.11
CA GLY D 597 19.28 19.95 18.09
C GLY D 597 19.66 18.49 18.14
N ASP D 598 18.71 17.59 18.41
CA ASP D 598 19.04 16.18 18.45
C ASP D 598 19.27 15.66 17.06
N ARG D 599 20.22 14.74 16.89
CA ARG D 599 20.40 14.09 15.60
C ARG D 599 19.60 12.80 15.65
N CYS D 600 18.59 12.72 14.80
CA CYS D 600 17.61 11.65 14.75
C CYS D 600 17.68 10.85 13.48
N VAL D 601 17.16 9.63 13.50
CA VAL D 601 17.20 8.86 12.28
C VAL D 601 15.83 8.43 11.82
N ILE D 602 15.44 8.87 10.62
CA ILE D 602 14.14 8.50 10.08
C ILE D 602 14.32 7.81 8.77
N ASP D 603 13.94 6.54 8.70
CA ASP D 603 14.11 5.73 7.51
C ASP D 603 15.53 5.72 6.98
N GLY D 604 16.49 5.71 7.87
CA GLY D 604 17.89 5.69 7.49
C GLY D 604 18.49 7.07 7.26
N ASN D 605 17.66 8.11 7.27
CA ASN D 605 18.14 9.45 7.03
C ASN D 605 18.54 10.09 8.31
N LYS D 606 19.81 10.41 8.42
CA LYS D 606 20.29 10.98 9.66
C LYS D 606 20.08 12.47 9.54
N MET D 607 19.22 13.02 10.38
CA MET D 607 18.85 14.41 10.29
C MET D 607 18.85 15.13 11.61
N LEU D 608 19.17 16.39 11.57
CA LEU D 608 19.20 17.19 12.78
C LEU D 608 17.88 17.91 12.96
N VAL D 609 17.31 17.92 14.16
CA VAL D 609 16.04 18.63 14.34
C VAL D 609 16.28 20.11 14.49
N GLU D 610 15.67 20.92 13.64
CA GLU D 610 15.83 22.35 13.70
C GLU D 610 14.65 23.05 14.36
N GLU D 611 13.44 22.61 14.06
CA GLU D 611 12.24 23.22 14.63
C GLU D 611 11.22 22.19 14.99
N MET D 612 10.47 22.46 16.04
CA MET D 612 9.38 21.59 16.37
C MET D 612 8.09 22.34 16.48
N ASN D 613 7.28 22.30 15.44
CA ASN D 613 6.03 23.00 15.48
C ASN D 613 4.99 21.94 15.75
N ILE D 614 3.76 22.36 15.91
CA ILE D 614 2.69 21.41 16.08
C ILE D 614 2.39 20.59 14.85
N LEU D 615 2.39 21.17 13.68
CA LEU D 615 2.06 20.39 12.50
C LEU D 615 3.26 19.87 11.74
N THR D 616 4.38 20.56 11.81
CA THR D 616 5.55 20.18 11.01
C THR D 616 6.84 20.17 11.82
N THR D 617 7.67 19.17 11.63
CA THR D 617 8.99 19.16 12.22
C THR D 617 9.96 19.51 11.12
N VAL D 618 10.88 20.41 11.40
CA VAL D 618 11.83 20.80 10.37
C VAL D 618 13.16 20.21 10.70
N PHE D 619 13.73 19.50 9.74
CA PHE D 619 14.99 18.82 9.92
C PHE D 619 16.04 19.21 8.91
N LEU D 620 17.31 19.09 9.26
CA LEU D 620 18.38 19.27 8.30
C LEU D 620 19.06 17.98 7.96
N LYS D 621 19.21 17.71 6.69
CA LYS D 621 19.88 16.50 6.26
C LYS D 621 21.38 16.64 6.38
N TRP D 622 22.13 15.58 6.13
CA TRP D 622 23.58 15.67 6.25
C TRP D 622 24.20 16.77 5.40
N ASP D 623 23.58 17.13 4.27
CA ASP D 623 24.10 18.15 3.40
C ASP D 623 23.47 19.49 3.68
N LYS D 624 22.74 19.56 4.79
CA LYS D 624 22.04 20.71 5.31
C LYS D 624 20.83 21.15 4.50
N GLU D 625 20.29 20.29 3.67
CA GLU D 625 19.04 20.62 3.03
C GLU D 625 17.97 20.68 4.09
N LYS D 626 17.14 21.70 4.03
CA LYS D 626 16.05 21.85 5.00
C LYS D 626 14.82 21.13 4.55
N VAL D 627 14.33 20.27 5.41
CA VAL D 627 13.18 19.44 5.12
C VAL D 627 12.00 19.63 6.05
N TYR D 628 10.86 19.87 5.46
CA TYR D 628 9.62 20.05 6.18
C TYR D 628 8.91 18.71 6.22
N TYR D 629 8.74 18.18 7.41
CA TYR D 629 8.21 16.85 7.56
C TYR D 629 6.97 16.81 8.50
N PRO D 630 5.75 16.58 8.00
CA PRO D 630 4.50 16.59 8.75
C PRO D 630 4.48 15.67 9.95
N ASN D 631 3.89 16.14 11.04
CA ASN D 631 3.81 15.36 12.25
C ASN D 631 2.84 14.22 12.11
N SER D 632 1.92 14.34 11.17
CA SER D 632 0.91 13.32 10.92
C SER D 632 1.53 12.06 10.33
N ILE D 633 2.75 12.18 9.86
CA ILE D 633 3.51 11.08 9.32
C ILE D 633 4.51 10.62 10.34
N LEU D 634 5.19 11.55 11.00
CA LEU D 634 6.21 11.13 11.94
C LEU D 634 5.63 10.31 13.06
N CYS D 635 4.40 10.59 13.44
CA CYS D 635 3.80 9.85 14.53
C CYS D 635 3.57 8.38 14.25
N THR D 636 3.72 7.94 13.00
CA THR D 636 3.53 6.53 12.68
C THR D 636 4.85 5.85 12.34
N LYS D 637 5.96 6.55 12.54
CA LYS D 637 7.25 5.97 12.21
C LYS D 637 8.10 5.68 13.42
N ALA D 638 9.02 4.74 13.26
CA ALA D 638 9.98 4.47 14.30
C ALA D 638 11.10 5.47 14.16
N ILE D 639 11.36 6.23 15.19
CA ILE D 639 12.35 7.29 15.10
C ILE D 639 13.56 7.08 15.98
N GLY D 640 14.73 7.11 15.39
CA GLY D 640 15.96 6.96 16.15
C GLY D 640 16.36 8.30 16.75
N ASN D 641 17.10 8.27 17.84
CA ASN D 641 17.61 9.48 18.46
C ASN D 641 19.00 9.24 19.01
N PHE D 642 20.01 9.78 18.33
CA PHE D 642 21.39 9.56 18.73
C PHE D 642 21.71 10.33 19.98
N PHE D 643 21.16 11.52 20.13
CA PHE D 643 21.46 12.37 21.27
C PHE D 643 21.18 11.65 22.56
N ARG D 644 20.06 10.98 22.61
CA ARG D 644 19.62 10.29 23.80
C ARG D 644 20.22 8.89 23.98
N SER D 645 21.00 8.43 23.01
CA SER D 645 21.58 7.09 23.04
C SER D 645 22.80 6.97 23.95
N PRO D 646 23.08 5.78 24.49
CA PRO D 646 24.26 5.44 25.24
C PRO D 646 25.38 5.29 24.24
N ASP D 647 26.60 5.11 24.70
CA ASP D 647 27.71 4.97 23.76
C ASP D 647 27.36 3.94 22.72
N GLN D 648 27.59 4.28 21.47
CA GLN D 648 27.22 3.42 20.36
C GLN D 648 28.34 2.55 19.85
N GLY D 649 27.99 1.47 19.19
CA GLY D 649 29.00 0.58 18.63
C GLY D 649 29.10 0.66 17.14
N ASP D 650 29.96 -0.15 16.55
CA ASP D 650 30.14 -0.14 15.11
C ASP D 650 30.69 -1.46 14.58
N VAL D 651 30.77 -1.58 13.25
CA VAL D 651 31.30 -2.78 12.59
C VAL D 651 32.18 -2.51 11.40
N LEU D 652 33.28 -3.24 11.35
CA LEU D 652 34.16 -3.24 10.21
C LEU D 652 34.15 -4.61 9.56
N GLU D 653 33.56 -4.72 8.36
CA GLU D 653 33.52 -6.02 7.73
C GLU D 653 34.67 -6.15 6.77
N PHE D 654 35.18 -7.36 6.63
CA PHE D 654 36.29 -7.63 5.74
C PHE D 654 36.31 -9.09 5.33
N SER D 655 37.14 -9.41 4.38
CA SER D 655 37.27 -10.79 3.96
C SER D 655 38.72 -11.13 3.73
N VAL D 656 39.05 -12.39 3.92
CA VAL D 656 40.39 -12.89 3.73
C VAL D 656 40.40 -14.17 2.91
N ASP D 657 41.55 -14.53 2.37
CA ASP D 657 41.73 -15.79 1.65
C ASP D 657 41.46 -16.99 2.56
N PHE D 658 40.75 -17.98 2.05
CA PHE D 658 40.48 -19.23 2.76
C PHE D 658 41.75 -19.89 3.27
N THR D 659 42.82 -19.78 2.51
CA THR D 659 44.07 -20.43 2.84
C THR D 659 44.82 -19.72 3.96
N THR D 660 44.35 -18.57 4.42
CA THR D 660 45.01 -17.86 5.50
C THR D 660 45.09 -18.79 6.70
N PRO D 661 46.28 -19.08 7.25
CA PRO D 661 46.48 -19.94 8.38
C PRO D 661 45.68 -19.43 9.54
N VAL D 662 45.19 -20.34 10.36
CA VAL D 662 44.40 -19.93 11.52
C VAL D 662 45.27 -19.14 12.49
N LEU D 663 46.57 -19.33 12.39
CA LEU D 663 47.52 -18.61 13.20
C LEU D 663 47.52 -17.13 12.83
N LYS D 664 47.28 -16.79 11.55
CA LYS D 664 47.27 -15.41 11.14
C LYS D 664 46.01 -14.80 11.67
N ILE D 665 44.95 -15.60 11.73
CA ILE D 665 43.70 -15.12 12.25
C ILE D 665 43.91 -14.81 13.73
N GLY D 666 44.59 -15.69 14.45
CA GLY D 666 44.88 -15.44 15.86
C GLY D 666 45.75 -14.20 16.04
N ASP D 667 46.72 -13.98 15.15
CA ASP D 667 47.57 -12.80 15.26
C ASP D 667 46.78 -11.55 14.97
N LEU D 668 45.83 -11.62 14.04
CA LEU D 668 45.01 -10.48 13.70
C LEU D 668 44.22 -10.08 14.91
N LYS D 669 43.64 -11.05 15.61
CA LYS D 669 42.88 -10.72 16.80
C LYS D 669 43.74 -10.06 17.86
N ASP D 670 44.97 -10.54 18.06
CA ASP D 670 45.81 -9.92 19.08
C ASP D 670 46.26 -8.53 18.70
N ARG D 671 46.55 -8.32 17.42
CA ARG D 671 46.99 -7.01 17.01
C ARG D 671 45.87 -5.99 17.20
N ILE D 672 44.64 -6.38 16.91
CA ILE D 672 43.53 -5.51 17.09
C ILE D 672 43.31 -5.19 18.54
N LYS D 673 43.40 -6.20 19.40
CA LYS D 673 43.23 -5.95 20.82
C LYS D 673 44.23 -4.91 21.28
N MET D 674 45.48 -5.03 20.86
CA MET D 674 46.44 -4.03 21.30
C MET D 674 46.11 -2.65 20.81
N TYR D 675 45.68 -2.51 19.57
CA TYR D 675 45.34 -1.20 19.05
C TYR D 675 44.25 -0.57 19.86
N LEU D 676 43.20 -1.32 20.12
CA LEU D 676 42.10 -0.73 20.82
C LEU D 676 42.52 -0.32 22.23
N GLU D 677 43.37 -1.11 22.89
CA GLU D 677 43.86 -0.80 24.24
C GLU D 677 44.80 0.40 24.28
N GLN D 678 45.46 0.69 23.19
CA GLN D 678 46.35 1.83 23.13
C GLN D 678 45.58 3.11 22.82
N ASN D 679 44.28 2.99 22.55
CA ASN D 679 43.45 4.11 22.17
C ASN D 679 42.14 4.10 22.94
N LEU D 680 42.22 4.10 24.27
CA LEU D 680 41.03 3.98 25.08
C LEU D 680 40.24 5.25 25.21
N ASN D 681 40.74 6.32 24.67
CA ASN D 681 39.95 7.52 24.69
C ASN D 681 38.90 7.42 23.60
N PHE D 682 39.12 6.52 22.61
CA PHE D 682 38.22 6.33 21.51
C PHE D 682 37.46 5.05 21.58
N TRP D 683 38.10 4.00 22.08
CA TRP D 683 37.44 2.71 22.05
C TRP D 683 37.35 2.05 23.40
N HIS D 684 36.25 1.39 23.63
CA HIS D 684 36.11 0.58 24.81
C HIS D 684 36.93 -0.66 24.54
N PRO D 685 37.53 -1.31 25.53
CA PRO D 685 38.31 -2.50 25.33
C PRO D 685 37.51 -3.72 24.85
N GLN D 686 36.20 -3.75 25.06
CA GLN D 686 35.42 -4.88 24.61
C GLN D 686 35.17 -4.83 23.13
N HIS D 687 35.41 -5.96 22.48
CA HIS D 687 35.22 -6.11 21.06
C HIS D 687 35.08 -7.57 20.75
N ASN D 688 34.57 -7.87 19.56
CA ASN D 688 34.46 -9.25 19.10
C ASN D 688 34.84 -9.40 17.67
N MET D 689 35.49 -10.50 17.35
CA MET D 689 35.73 -10.78 15.95
C MET D 689 35.05 -12.07 15.62
N VAL D 690 34.23 -12.04 14.61
CA VAL D 690 33.42 -13.16 14.21
C VAL D 690 33.70 -13.66 12.82
N VAL D 691 33.93 -14.96 12.70
CA VAL D 691 34.09 -15.58 11.41
C VAL D 691 32.68 -15.99 11.07
N LYS D 692 32.19 -15.55 9.92
CA LYS D 692 30.82 -15.80 9.57
C LYS D 692 30.62 -16.91 8.56
N GLU D 693 31.42 -16.92 7.50
CA GLU D 693 31.18 -17.97 6.52
C GLU D 693 32.33 -18.28 5.61
N ILE D 694 32.27 -19.46 5.01
CA ILE D 694 33.22 -19.88 4.00
C ILE D 694 32.55 -19.92 2.64
N GLU D 695 33.01 -19.11 1.73
CA GLU D 695 32.47 -19.06 0.38
C GLU D 695 33.36 -19.89 -0.52
N ASN D 696 32.77 -20.86 -1.20
CA ASN D 696 33.49 -21.82 -2.00
C ASN D 696 34.57 -22.29 -1.05
N VAL D 697 35.81 -22.31 -1.46
CA VAL D 697 36.89 -22.61 -0.54
C VAL D 697 37.87 -21.51 -0.75
N ASN D 698 37.35 -20.37 -1.16
CA ASN D 698 38.19 -19.26 -1.52
C ASN D 698 38.14 -18.11 -0.54
N LYS D 699 37.01 -17.88 0.10
CA LYS D 699 36.90 -16.68 0.90
C LYS D 699 36.29 -16.86 2.26
N ILE D 700 36.86 -16.17 3.23
CA ILE D 700 36.30 -16.17 4.57
C ILE D 700 35.74 -14.81 4.87
N LYS D 701 34.48 -14.77 5.24
CA LYS D 701 33.83 -13.52 5.58
C LYS D 701 33.97 -13.33 7.05
N MET D 702 34.46 -12.16 7.46
CA MET D 702 34.72 -11.83 8.85
C MET D 702 34.20 -10.46 9.23
N ALA D 703 33.90 -10.28 10.51
CA ALA D 703 33.53 -8.95 10.95
C ALA D 703 34.05 -8.61 12.33
N LEU D 704 34.50 -7.38 12.45
CA LEU D 704 34.98 -6.80 13.69
C LEU D 704 33.96 -5.89 14.32
N PHE D 705 33.58 -6.19 15.54
CA PHE D 705 32.60 -5.44 16.30
C PHE D 705 33.30 -4.66 17.39
N VAL D 706 33.14 -3.35 17.37
CA VAL D 706 33.77 -2.46 18.33
C VAL D 706 32.80 -1.53 19.00
N ASN D 707 33.24 -0.92 20.09
CA ASN D 707 32.44 0.01 20.84
C ASN D 707 33.10 1.36 21.01
N HIS D 708 32.41 2.41 20.59
CA HIS D 708 32.91 3.78 20.66
C HIS D 708 32.68 4.29 22.05
N THR D 709 33.46 5.27 22.45
CA THR D 709 33.31 5.95 23.74
C THR D 709 32.35 7.13 23.69
N ILE D 710 31.72 7.32 22.54
CA ILE D 710 30.75 8.37 22.29
C ILE D 710 29.46 7.83 21.65
N ASN D 711 28.38 8.61 21.71
CA ASN D 711 27.19 8.26 20.93
C ASN D 711 27.42 8.93 19.58
N PHE D 712 26.49 8.87 18.67
CA PHE D 712 26.76 9.41 17.34
C PHE D 712 26.19 10.77 17.06
N GLN D 713 25.94 11.56 18.09
CA GLN D 713 25.45 12.91 17.87
C GLN D 713 26.46 13.71 17.06
N ASP D 714 27.75 13.51 17.31
CA ASP D 714 28.79 14.16 16.52
C ASP D 714 29.20 13.15 15.48
N PHE D 715 28.58 13.25 14.33
CA PHE D 715 28.72 12.22 13.35
C PHE D 715 30.10 12.27 12.71
N ALA D 716 30.61 13.47 12.48
CA ALA D 716 31.92 13.57 11.87
C ALA D 716 32.97 12.96 12.76
N GLU D 717 32.84 13.15 14.07
CA GLU D 717 33.84 12.61 14.96
C GLU D 717 33.79 11.09 14.92
N LYS D 718 32.60 10.53 14.84
CA LYS D 718 32.48 9.09 14.77
C LYS D 718 33.26 8.57 13.59
N ASN D 719 33.08 9.22 12.43
CA ASN D 719 33.75 8.78 11.23
C ASN D 719 35.24 8.97 11.26
N ARG D 720 35.73 9.98 11.93
CA ARG D 720 37.17 10.17 12.00
C ARG D 720 37.80 9.04 12.78
N ARG D 721 37.16 8.64 13.88
CA ARG D 721 37.71 7.59 14.70
C ARG D 721 37.65 6.25 13.98
N ARG D 722 36.54 6.02 13.27
CA ARG D 722 36.40 4.79 12.54
C ARG D 722 37.41 4.72 11.43
N SER D 723 37.67 5.84 10.75
CA SER D 723 38.60 5.92 9.64
C SER D 723 39.98 5.48 10.10
N GLU D 724 40.40 5.94 11.29
CA GLU D 724 41.70 5.51 11.81
C GLU D 724 41.73 4.01 12.08
N LEU D 725 40.63 3.44 12.59
CA LEU D 725 40.59 2.01 12.83
C LEU D 725 40.67 1.24 11.52
N VAL D 726 40.06 1.74 10.45
CA VAL D 726 40.12 1.05 9.18
C VAL D 726 41.55 1.06 8.68
N LEU D 727 42.25 2.19 8.80
CA LEU D 727 43.65 2.22 8.37
C LEU D 727 44.54 1.34 9.26
N GLU D 728 44.19 1.17 10.54
CA GLU D 728 44.98 0.26 11.35
C GLU D 728 44.79 -1.16 10.84
N LEU D 729 43.57 -1.51 10.45
CA LEU D 729 43.32 -2.85 9.96
C LEU D 729 44.14 -3.06 8.70
N LYS D 730 44.23 -2.03 7.84
CA LYS D 730 45.03 -2.10 6.64
C LYS D 730 46.46 -2.46 6.98
N LYS D 731 47.02 -1.73 7.94
CA LYS D 731 48.39 -1.93 8.38
C LYS D 731 48.65 -3.31 8.92
N ILE D 732 47.71 -3.82 9.70
CA ILE D 732 47.88 -5.14 10.27
C ILE D 732 47.89 -6.17 9.16
N PHE D 733 46.98 -6.05 8.20
CA PHE D 733 46.97 -7.02 7.13
C PHE D 733 48.28 -6.99 6.39
N GLU D 734 48.84 -5.81 6.14
CA GLU D 734 50.11 -5.79 5.43
C GLU D 734 51.27 -6.40 6.22
N GLU D 735 51.33 -6.14 7.52
CA GLU D 735 52.40 -6.66 8.37
C GLU D 735 52.31 -8.15 8.59
N LEU D 736 51.09 -8.68 8.70
CA LEU D 736 50.91 -10.10 8.92
C LEU D 736 50.84 -10.83 7.61
N ASP D 737 50.92 -10.09 6.53
CA ASP D 737 50.84 -10.59 5.17
C ASP D 737 49.56 -11.38 4.88
N ILE D 738 48.41 -10.79 5.21
CA ILE D 738 47.11 -11.38 4.95
C ILE D 738 46.62 -10.94 3.59
N LYS D 739 46.31 -11.92 2.76
CA LYS D 739 45.90 -11.71 1.37
C LYS D 739 44.54 -12.25 1.04
N TYR D 740 44.16 -12.04 -0.22
CA TYR D 740 42.97 -12.54 -0.88
C TYR D 740 43.34 -12.78 -2.32
N ASN D 741 42.94 -13.92 -2.87
CA ASN D 741 43.21 -14.27 -4.25
C ASN D 741 41.96 -14.79 -4.90
N LEU D 742 41.89 -14.63 -6.20
CA LEU D 742 40.81 -15.18 -6.99
C LEU D 742 41.03 -16.66 -7.27
N LEU D 743 39.95 -17.43 -7.40
CA LEU D 743 40.10 -18.82 -7.76
C LEU D 743 40.80 -18.91 -9.09
N PRO D 744 41.70 -19.88 -9.30
CA PRO D 744 42.44 -20.12 -10.51
C PRO D 744 41.52 -20.58 -11.60
N GLN D 745 41.84 -20.22 -12.82
CA GLN D 745 41.07 -20.61 -13.97
C GLN D 745 41.84 -21.51 -14.89
N GLU D 746 41.26 -22.67 -15.16
CA GLU D 746 41.86 -23.61 -16.07
C GLU D 746 41.48 -23.33 -17.50
N ILE D 747 42.47 -23.29 -18.37
CA ILE D 747 42.31 -23.01 -19.78
C ILE D 747 42.69 -24.17 -20.68
N SER D 748 41.82 -24.44 -21.65
CA SER D 748 42.09 -25.46 -22.68
C SER D 748 42.31 -24.69 -23.93
N ILE D 749 43.23 -25.12 -24.78
CA ILE D 749 43.49 -24.34 -25.98
C ILE D 749 43.32 -25.14 -27.24
N ARG D 750 42.49 -24.65 -28.13
CA ARG D 750 42.26 -25.33 -29.41
C ARG D 750 42.92 -24.68 -30.65
N ASN D 751 43.67 -23.57 -30.46
CA ASN D 751 44.35 -22.77 -31.51
C ASN D 751 43.47 -22.57 -32.75
N ASN E 290 -49.96 51.50 12.49
CA ASN E 290 -51.33 51.58 12.96
C ASN E 290 -52.17 50.36 12.54
N GLN E 291 -52.12 49.98 11.24
CA GLN E 291 -52.86 48.86 10.66
C GLN E 291 -52.25 47.50 11.10
N PRO E 292 -53.05 46.62 11.77
CA PRO E 292 -52.64 45.40 12.48
C PRO E 292 -51.60 44.54 11.80
N HIS E 293 -51.64 44.39 10.50
CA HIS E 293 -50.62 43.60 9.89
C HIS E 293 -50.35 44.20 8.56
N GLN E 294 -51.35 44.90 8.07
CA GLN E 294 -51.29 45.41 6.73
C GLN E 294 -50.15 46.38 6.53
N THR E 295 -49.81 47.15 7.55
CA THR E 295 -48.69 48.04 7.40
C THR E 295 -47.63 47.69 8.42
N ARG E 296 -48.05 47.13 9.55
CA ARG E 296 -47.09 46.80 10.58
C ARG E 296 -46.09 45.72 10.15
N LYS E 297 -46.52 44.74 9.34
CA LYS E 297 -45.59 43.71 8.94
C LYS E 297 -44.68 44.23 7.87
N ILE E 298 -45.13 45.21 7.10
CA ILE E 298 -44.27 45.75 6.08
C ILE E 298 -43.14 46.45 6.77
N LEU E 299 -43.46 47.21 7.80
CA LEU E 299 -42.40 47.90 8.49
C LEU E 299 -41.46 46.92 9.16
N GLU E 300 -41.94 45.79 9.71
CA GLU E 300 -41.01 44.85 10.31
C GLU E 300 -40.06 44.29 9.25
N PHE E 301 -40.61 44.00 8.08
CA PHE E 301 -39.81 43.49 7.00
C PHE E 301 -38.73 44.43 6.62
N VAL E 302 -39.07 45.68 6.42
CA VAL E 302 -38.09 46.62 6.00
C VAL E 302 -37.05 46.80 7.06
N THR E 303 -37.47 46.90 8.31
CA THR E 303 -36.50 47.13 9.34
C THR E 303 -35.49 46.02 9.40
N TRP E 304 -35.97 44.78 9.36
CA TRP E 304 -35.05 43.67 9.48
C TRP E 304 -34.23 43.43 8.25
N THR E 305 -34.72 43.81 7.09
CA THR E 305 -33.92 43.68 5.91
C THR E 305 -32.75 44.62 6.02
N ILE E 306 -33.00 45.82 6.51
CA ILE E 306 -31.92 46.78 6.65
C ILE E 306 -30.92 46.23 7.64
N VAL E 307 -31.39 45.64 8.74
CA VAL E 307 -30.47 45.09 9.71
C VAL E 307 -29.62 43.98 9.12
N THR E 308 -30.23 43.11 8.34
CA THR E 308 -29.47 42.03 7.75
C THR E 308 -28.38 42.58 6.87
N VAL E 309 -28.67 43.62 6.11
CA VAL E 309 -27.66 44.21 5.27
C VAL E 309 -26.54 44.73 6.12
N LEU E 310 -26.86 45.36 7.24
CA LEU E 310 -25.82 45.83 8.13
C LEU E 310 -24.95 44.69 8.65
N ILE E 311 -25.54 43.55 8.99
CA ILE E 311 -24.75 42.42 9.47
C ILE E 311 -23.80 41.98 8.39
N GLY E 312 -24.30 41.89 7.18
CA GLY E 312 -23.50 41.49 6.06
C GLY E 312 -22.34 42.45 5.87
N ALA E 313 -22.61 43.75 5.89
CA ALA E 313 -21.55 44.71 5.69
C ALA E 313 -20.50 44.55 6.75
N PHE E 314 -20.91 44.27 7.97
CA PHE E 314 -19.95 44.06 9.02
C PHE E 314 -19.05 42.89 8.74
N LEU E 315 -19.63 41.76 8.37
CA LEU E 315 -18.84 40.58 8.12
C LEU E 315 -17.88 40.80 6.99
N TRP E 316 -18.26 41.59 6.01
CA TRP E 316 -17.33 41.93 4.95
C TRP E 316 -16.15 42.69 5.48
N LEU E 317 -16.34 43.58 6.45
CA LEU E 317 -15.20 44.30 6.97
C LEU E 317 -14.26 43.33 7.63
N VAL E 318 -14.81 42.36 8.32
CA VAL E 318 -13.98 41.40 9.01
C VAL E 318 -13.22 40.57 8.01
N LYS E 319 -13.91 40.11 6.99
CA LYS E 319 -13.34 39.30 5.96
C LYS E 319 -12.19 39.96 5.27
N THR E 320 -12.37 41.20 4.87
CA THR E 320 -11.30 41.81 4.11
C THR E 320 -10.16 42.17 4.99
N THR E 321 -10.41 42.52 6.24
CA THR E 321 -9.30 42.86 7.08
C THR E 321 -8.45 41.64 7.30
N LEU E 322 -9.08 40.51 7.59
CA LEU E 322 -8.30 39.33 7.87
C LEU E 322 -7.56 38.81 6.67
N LEU E 323 -8.13 38.90 5.49
CA LEU E 323 -7.42 38.44 4.32
C LEU E 323 -6.23 39.34 4.01
N LYS E 324 -6.35 40.65 4.28
CA LYS E 324 -5.21 41.54 4.06
C LYS E 324 -4.10 41.21 5.02
N ILE E 325 -4.45 40.78 6.22
CA ILE E 325 -3.47 40.36 7.20
C ILE E 325 -2.81 39.08 6.75
N LEU E 326 -3.58 38.11 6.27
CA LEU E 326 -3.05 36.82 5.81
C LEU E 326 -2.05 37.00 4.73
N ALA E 327 -2.36 37.87 3.81
CA ALA E 327 -1.52 38.14 2.68
C ALA E 327 -0.17 38.68 3.06
N SER E 328 0.00 39.23 4.24
CA SER E 328 1.29 39.80 4.59
C SER E 328 2.31 38.69 4.77
N SER E 329 1.85 37.46 4.99
CA SER E 329 2.73 36.33 5.21
C SER E 329 3.30 35.87 3.89
N PHE E 330 2.76 36.39 2.81
CA PHE E 330 3.16 36.04 1.48
C PHE E 330 3.98 37.15 0.90
N HIS E 331 4.36 38.11 1.73
CA HIS E 331 5.24 39.14 1.23
C HIS E 331 6.62 38.58 1.21
N LEU E 332 7.29 38.78 0.10
CA LEU E 332 8.63 38.28 -0.02
C LEU E 332 9.66 39.36 0.16
N ASN E 333 10.59 39.11 1.06
CA ASN E 333 11.66 40.06 1.36
C ASN E 333 12.90 39.81 0.54
N ARG E 334 12.82 38.83 -0.36
CA ARG E 334 13.94 38.50 -1.24
C ARG E 334 14.08 39.60 -2.27
N PHE E 335 13.04 40.41 -2.38
CA PHE E 335 12.98 41.50 -3.31
C PHE E 335 13.23 42.81 -2.60
N PHE E 336 13.64 42.80 -1.34
CA PHE E 336 13.80 44.08 -0.64
C PHE E 336 14.67 45.06 -1.38
N ASP E 337 15.82 44.63 -1.85
CA ASP E 337 16.72 45.55 -2.54
C ASP E 337 16.12 46.01 -3.87
N ARG E 338 15.39 45.11 -4.53
CA ARG E 338 14.75 45.38 -5.81
C ARG E 338 13.67 46.44 -5.63
N ILE E 339 12.96 46.34 -4.52
CA ILE E 339 11.91 47.26 -4.16
C ILE E 339 12.48 48.62 -3.86
N GLN E 340 13.55 48.68 -3.08
CA GLN E 340 14.11 49.96 -2.74
C GLN E 340 14.68 50.66 -3.95
N GLU E 341 15.29 49.92 -4.88
CA GLU E 341 15.80 50.56 -6.07
C GLU E 341 14.65 51.15 -6.89
N SER E 342 13.55 50.42 -7.04
CA SER E 342 12.44 50.93 -7.81
C SER E 342 11.83 52.17 -7.16
N VAL E 343 11.74 52.19 -5.83
CA VAL E 343 11.18 53.36 -5.16
C VAL E 343 12.01 54.58 -5.46
N PHE E 344 13.33 54.44 -5.38
CA PHE E 344 14.18 55.55 -5.69
C PHE E 344 13.97 56.09 -7.09
N HIS E 345 13.95 55.20 -8.08
CA HIS E 345 13.85 55.69 -9.43
C HIS E 345 12.51 56.35 -9.68
N HIS E 346 11.43 55.79 -9.12
CA HIS E 346 10.13 56.39 -9.35
C HIS E 346 9.99 57.70 -8.62
N SER E 347 10.66 57.84 -7.47
CA SER E 347 10.62 59.10 -6.75
C SER E 347 11.30 60.22 -7.57
N VAL E 348 12.47 59.93 -8.15
CA VAL E 348 13.14 60.96 -8.92
C VAL E 348 12.38 61.30 -10.21
N LEU E 349 11.64 60.35 -10.78
CA LEU E 349 10.86 60.66 -11.98
C LEU E 349 9.77 61.68 -11.73
N GLN E 350 9.44 61.98 -10.48
CA GLN E 350 8.37 62.93 -10.24
C GLN E 350 8.88 64.36 -10.18
N THR E 351 10.19 64.58 -9.91
CA THR E 351 10.70 65.94 -9.78
C THR E 351 11.92 66.26 -10.63
N LEU E 352 12.69 65.25 -11.03
CA LEU E 352 13.93 65.45 -11.76
C LEU E 352 13.84 65.03 -13.23
N ALA E 353 12.63 64.83 -13.73
CA ALA E 353 12.48 64.38 -15.11
C ALA E 353 11.18 64.94 -15.73
N GLY E 354 11.18 65.08 -17.07
CA GLY E 354 10.04 65.53 -17.86
C GLY E 354 10.46 65.59 -19.32
N TRP E 507 16.33 55.13 -20.46
CA TRP E 507 16.46 55.01 -19.01
C TRP E 507 15.09 54.99 -18.32
N VAL E 508 14.20 55.97 -18.64
CA VAL E 508 12.87 56.14 -18.04
C VAL E 508 12.01 54.91 -18.30
N VAL E 509 12.10 54.39 -19.52
CA VAL E 509 11.36 53.20 -19.88
C VAL E 509 11.80 51.99 -19.07
N LYS E 510 13.09 51.92 -18.72
CA LYS E 510 13.57 50.80 -17.93
C LYS E 510 12.95 50.88 -16.55
N VAL E 511 12.89 52.09 -16.01
CA VAL E 511 12.34 52.31 -14.69
C VAL E 511 10.88 51.85 -14.63
N TYR E 512 10.10 52.18 -15.66
CA TYR E 512 8.71 51.73 -15.68
C TYR E 512 8.58 50.23 -15.90
N ASN E 513 9.43 49.64 -16.75
CA ASN E 513 9.34 48.21 -16.98
C ASN E 513 9.77 47.39 -15.75
N ASP E 514 10.74 47.90 -14.98
CA ASP E 514 11.18 47.19 -13.80
C ASP E 514 10.11 47.21 -12.73
N GLN E 515 9.37 48.33 -12.59
CA GLN E 515 8.31 48.34 -11.60
C GLN E 515 7.23 47.35 -11.99
N ALA E 516 6.93 47.22 -13.28
CA ALA E 516 5.93 46.26 -13.69
C ALA E 516 6.40 44.84 -13.35
N ALA E 517 7.66 44.54 -13.60
CA ALA E 517 8.17 43.22 -13.32
C ALA E 517 8.08 42.89 -11.84
N LEU E 518 8.31 43.89 -11.01
CA LEU E 518 8.25 43.74 -9.57
C LEU E 518 6.85 43.52 -9.05
N LYS E 519 5.86 44.28 -9.54
CA LYS E 519 4.53 44.06 -8.99
C LYS E 519 4.05 42.67 -9.40
N HIS E 520 4.50 42.18 -10.55
CA HIS E 520 4.06 40.85 -10.94
C HIS E 520 4.74 39.81 -10.05
N ALA E 521 6.02 40.01 -9.73
CA ALA E 521 6.75 39.07 -8.89
C ALA E 521 6.09 38.91 -7.53
N LEU E 522 5.53 40.00 -7.02
CA LEU E 522 4.87 39.95 -5.74
C LEU E 522 3.44 39.38 -5.86
N ASN E 523 2.73 39.68 -6.95
CA ASN E 523 1.37 39.20 -7.12
C ASN E 523 1.36 37.68 -7.29
N ASP E 524 2.45 37.13 -7.81
CA ASP E 524 2.60 35.70 -7.98
C ASP E 524 2.50 34.94 -6.66
N ASN E 525 2.86 35.56 -5.55
CA ASN E 525 2.79 34.82 -4.30
C ASN E 525 1.42 34.97 -3.64
N LYS E 526 0.70 36.03 -4.00
CA LYS E 526 -0.60 36.30 -3.40
C LYS E 526 -1.79 35.63 -4.11
N THR E 527 -1.52 34.82 -5.12
CA THR E 527 -2.59 34.16 -5.88
C THR E 527 -3.47 33.28 -5.00
N ALA E 528 -2.88 32.52 -4.11
CA ALA E 528 -3.69 31.64 -3.29
C ALA E 528 -4.64 32.44 -2.40
N VAL E 529 -4.21 33.62 -1.95
CA VAL E 529 -5.05 34.41 -1.08
C VAL E 529 -6.25 34.88 -1.85
N LYS E 530 -6.04 35.31 -3.08
CA LYS E 530 -7.16 35.75 -3.89
C LYS E 530 -8.18 34.64 -4.11
N GLN E 531 -7.71 33.42 -4.30
CA GLN E 531 -8.63 32.30 -4.50
C GLN E 531 -9.40 32.01 -3.24
N LEU E 532 -8.76 32.14 -2.10
CA LEU E 532 -9.44 31.91 -0.86
C LEU E 532 -10.48 32.97 -0.68
N ASN E 533 -10.15 34.22 -1.01
CA ASN E 533 -11.10 35.29 -0.91
C ASN E 533 -12.37 34.96 -1.66
N LYS E 534 -12.27 34.46 -2.88
CA LYS E 534 -13.47 34.14 -3.61
C LYS E 534 -14.30 33.08 -2.93
N LEU E 535 -13.63 32.08 -2.38
CA LEU E 535 -14.32 30.98 -1.73
C LEU E 535 -15.04 31.43 -0.48
N VAL E 536 -14.38 32.21 0.36
CA VAL E 536 -15.02 32.61 1.58
C VAL E 536 -16.11 33.61 1.31
N THR E 537 -15.96 34.43 0.28
CA THR E 537 -16.99 35.40 -0.04
C THR E 537 -18.23 34.66 -0.45
N ALA E 538 -18.11 33.64 -1.28
CA ALA E 538 -19.28 32.91 -1.69
C ALA E 538 -19.99 32.29 -0.51
N ILE E 539 -19.22 31.79 0.43
CA ILE E 539 -19.79 31.19 1.59
C ILE E 539 -20.53 32.23 2.38
N LEU E 540 -19.92 33.39 2.53
CA LEU E 540 -20.52 34.47 3.27
C LEU E 540 -21.84 34.89 2.64
N ILE E 541 -21.91 34.96 1.33
CA ILE E 541 -23.17 35.35 0.69
C ILE E 541 -24.24 34.35 1.01
N VAL E 542 -23.94 33.08 0.90
CA VAL E 542 -24.96 32.11 1.19
C VAL E 542 -25.40 32.21 2.60
N MET E 543 -24.46 32.35 3.51
CA MET E 543 -24.84 32.43 4.88
C MET E 543 -25.76 33.60 5.13
N MET E 544 -25.48 34.75 4.51
CA MET E 544 -26.33 35.91 4.72
C MET E 544 -27.72 35.74 4.13
N ILE E 545 -27.87 34.97 3.07
CA ILE E 545 -29.21 34.76 2.54
C ILE E 545 -30.00 33.98 3.55
N VAL E 546 -29.39 32.96 4.11
CA VAL E 546 -30.09 32.18 5.09
C VAL E 546 -30.43 33.03 6.29
N ILE E 547 -29.50 33.86 6.74
CA ILE E 547 -29.78 34.72 7.87
C ILE E 547 -30.92 35.63 7.56
N TRP E 548 -30.95 36.24 6.38
CA TRP E 548 -32.03 37.14 6.04
C TRP E 548 -33.36 36.46 6.11
N LEU E 549 -33.46 35.29 5.53
CA LEU E 549 -34.73 34.62 5.54
C LEU E 549 -35.19 34.27 6.92
N ILE E 550 -34.28 33.97 7.82
CA ILE E 550 -34.73 33.64 9.13
C ILE E 550 -34.99 34.88 10.01
N VAL E 551 -34.09 35.85 10.03
CA VAL E 551 -34.23 36.98 10.94
C VAL E 551 -35.40 37.90 10.62
N THR E 552 -35.77 38.01 9.35
CA THR E 552 -36.89 38.86 8.99
C THR E 552 -38.21 38.13 9.17
N GLY E 553 -38.18 36.83 9.48
CA GLY E 553 -39.38 36.06 9.67
C GLY E 553 -40.00 35.52 8.40
N ILE E 554 -39.33 35.65 7.28
CA ILE E 554 -39.88 35.17 6.03
C ILE E 554 -40.01 33.67 6.04
N ALA E 555 -38.95 33.04 6.46
CA ALA E 555 -38.92 31.61 6.51
C ALA E 555 -39.84 31.09 7.58
N THR E 556 -40.47 29.99 7.28
CA THR E 556 -41.27 29.30 8.23
C THR E 556 -40.49 28.14 8.72
N THR E 557 -40.98 27.46 9.72
CA THR E 557 -40.21 26.39 10.27
C THR E 557 -40.31 25.11 9.52
N LYS E 558 -41.32 24.92 8.69
CA LYS E 558 -41.33 23.67 7.98
C LYS E 558 -40.20 23.66 6.96
N LEU E 559 -39.99 24.79 6.31
CA LEU E 559 -38.96 24.87 5.30
C LEU E 559 -37.60 24.94 5.92
N ILE E 560 -37.47 25.53 7.11
CA ILE E 560 -36.15 25.54 7.74
C ILE E 560 -35.78 24.11 8.01
N VAL E 561 -36.71 23.33 8.51
CA VAL E 561 -36.38 21.95 8.74
C VAL E 561 -36.03 21.20 7.48
N LEU E 562 -36.77 21.38 6.40
CA LEU E 562 -36.43 20.66 5.19
C LEU E 562 -35.06 21.09 4.65
N LEU E 563 -34.72 22.38 4.75
CA LEU E 563 -33.42 22.83 4.31
C LEU E 563 -32.32 22.22 5.13
N SER E 564 -32.45 22.22 6.44
CA SER E 564 -31.41 21.67 7.27
C SER E 564 -31.23 20.19 7.00
N SER E 565 -32.32 19.48 6.76
CA SER E 565 -32.22 18.07 6.49
C SER E 565 -31.45 17.81 5.21
N GLN E 566 -31.72 18.58 4.16
CA GLN E 566 -31.00 18.37 2.92
C GLN E 566 -29.53 18.72 3.04
N LEU E 567 -29.18 19.72 3.83
CA LEU E 567 -27.79 20.09 4.02
C LEU E 567 -27.04 18.99 4.71
N VAL E 568 -27.69 18.29 5.63
CA VAL E 568 -27.03 17.18 6.27
C VAL E 568 -26.73 16.11 5.24
N VAL E 569 -27.66 15.83 4.35
CA VAL E 569 -27.38 14.85 3.33
C VAL E 569 -26.26 15.30 2.43
N ALA E 570 -26.24 16.57 2.02
CA ALA E 570 -25.15 17.01 1.17
C ALA E 570 -23.83 16.84 1.86
N ALA E 571 -23.78 17.09 3.15
CA ALA E 571 -22.54 16.90 3.87
C ALA E 571 -22.15 15.46 3.85
N PHE E 572 -23.12 14.59 3.99
CA PHE E 572 -22.85 13.18 4.01
C PHE E 572 -22.18 12.76 2.73
N ILE E 573 -22.70 13.22 1.62
CA ILE E 573 -22.20 12.83 0.33
C ILE E 573 -20.88 13.51 -0.05
N PHE E 574 -20.77 14.84 0.14
CA PHE E 574 -19.60 15.58 -0.31
C PHE E 574 -18.66 16.11 0.75
N GLY E 575 -18.86 15.72 2.00
CA GLY E 575 -18.03 16.19 3.09
C GLY E 575 -16.57 15.87 2.89
N ASN E 576 -16.26 14.78 2.24
CA ASN E 576 -14.88 14.42 2.00
C ASN E 576 -14.20 15.34 1.00
N THR E 577 -14.96 15.99 0.14
CA THR E 577 -14.34 16.89 -0.80
C THR E 577 -14.01 18.14 -0.04
N CYS E 578 -14.94 18.57 0.82
CA CYS E 578 -14.73 19.78 1.59
C CYS E 578 -13.54 19.59 2.51
N LYS E 579 -13.39 18.39 3.07
CA LYS E 579 -12.26 18.05 3.89
C LYS E 579 -10.99 18.29 3.16
N THR E 580 -10.91 17.77 1.93
CA THR E 580 -9.71 17.91 1.12
C THR E 580 -9.36 19.35 0.86
N ILE E 581 -10.36 20.15 0.55
CA ILE E 581 -10.07 21.53 0.26
C ILE E 581 -9.50 22.18 1.49
N PHE E 582 -10.09 21.91 2.64
CA PHE E 582 -9.63 22.48 3.90
C PHE E 582 -8.20 22.06 4.20
N GLU E 583 -7.86 20.79 4.03
CA GLU E 583 -6.51 20.39 4.30
C GLU E 583 -5.53 21.13 3.40
N ALA E 584 -5.91 21.34 2.14
CA ALA E 584 -5.06 22.07 1.23
C ALA E 584 -4.86 23.49 1.71
N ILE E 585 -5.87 24.09 2.34
CA ILE E 585 -5.75 25.45 2.87
C ILE E 585 -4.74 25.45 3.99
N ILE E 586 -4.77 24.45 4.83
CA ILE E 586 -3.81 24.40 5.92
C ILE E 586 -2.41 24.23 5.36
N PHE E 587 -2.23 23.36 4.40
CA PHE E 587 -0.92 23.19 3.81
C PHE E 587 -0.38 24.49 3.24
N VAL E 588 -1.17 25.18 2.44
CA VAL E 588 -0.72 26.40 1.81
C VAL E 588 -0.55 27.56 2.76
N PHE E 589 -1.49 27.78 3.67
CA PHE E 589 -1.40 28.97 4.48
C PHE E 589 -0.84 28.80 5.88
N VAL E 590 -0.77 27.59 6.41
CA VAL E 590 -0.24 27.40 7.75
C VAL E 590 1.11 26.72 7.70
N MET E 591 1.20 25.60 7.01
CA MET E 591 2.47 24.90 7.00
C MET E 591 3.47 25.66 6.17
N HIS E 592 3.04 26.10 4.99
CA HIS E 592 3.82 26.92 4.08
C HIS E 592 5.27 26.50 3.87
N PRO E 593 5.54 25.29 3.35
CA PRO E 593 6.86 24.74 3.08
C PRO E 593 7.66 25.41 1.97
N PHE E 594 7.01 26.19 1.12
CA PHE E 594 7.69 26.86 0.02
C PHE E 594 6.97 28.05 -0.55
N ASP E 595 7.71 28.91 -1.26
CA ASP E 595 7.15 30.03 -1.99
C ASP E 595 7.45 29.92 -3.47
N VAL E 596 6.97 30.88 -4.25
CA VAL E 596 7.20 30.81 -5.67
C VAL E 596 8.61 31.17 -6.00
N GLY E 597 9.23 30.33 -6.82
CA GLY E 597 10.60 30.49 -7.23
C GLY E 597 11.57 29.65 -6.42
N ASP E 598 11.12 29.03 -5.34
CA ASP E 598 12.01 28.20 -4.54
C ASP E 598 12.31 26.89 -5.26
N ARG E 599 13.53 26.40 -5.14
CA ARG E 599 13.84 25.09 -5.70
C ARG E 599 13.69 24.10 -4.57
N CYS E 600 12.76 23.18 -4.74
CA CYS E 600 12.36 22.19 -3.76
C CYS E 600 12.64 20.76 -4.14
N VAL E 601 12.72 19.88 -3.16
CA VAL E 601 12.95 18.48 -3.47
C VAL E 601 11.79 17.61 -3.01
N ILE E 602 11.12 16.98 -3.95
CA ILE E 602 9.99 16.11 -3.60
C ILE E 602 10.24 14.73 -4.15
N ASP E 603 10.37 13.74 -3.28
CA ASP E 603 10.67 12.37 -3.66
C ASP E 603 11.88 12.25 -4.56
N GLY E 604 12.91 13.06 -4.29
CA GLY E 604 14.14 13.02 -5.05
C GLY E 604 14.13 13.93 -6.28
N ASN E 605 13.00 14.51 -6.61
CA ASN E 605 12.89 15.36 -7.77
C ASN E 605 13.13 16.80 -7.44
N LYS E 606 14.13 17.36 -8.07
CA LYS E 606 14.48 18.74 -7.81
C LYS E 606 13.65 19.57 -8.75
N MET E 607 12.73 20.34 -8.20
CA MET E 607 11.79 21.10 -9.00
C MET E 607 11.65 22.53 -8.55
N LEU E 608 11.41 23.42 -9.47
CA LEU E 608 11.23 24.81 -9.14
C LEU E 608 9.75 25.12 -8.98
N VAL E 609 9.35 25.83 -7.93
CA VAL E 609 7.93 26.12 -7.78
C VAL E 609 7.55 27.27 -8.69
N GLU E 610 6.62 27.05 -9.59
CA GLU E 610 6.23 28.10 -10.49
C GLU E 610 4.99 28.83 -10.02
N GLU E 611 4.05 28.08 -9.47
CA GLU E 611 2.79 28.66 -9.06
C GLU E 611 2.17 27.94 -7.89
N MET E 612 1.58 28.68 -6.98
CA MET E 612 0.89 28.03 -5.89
C MET E 612 -0.55 28.36 -5.96
N ASN E 613 -1.39 27.38 -5.75
CA ASN E 613 -2.81 27.61 -5.72
C ASN E 613 -3.34 26.80 -4.60
N ILE E 614 -4.63 26.88 -4.39
CA ILE E 614 -5.24 26.10 -3.35
C ILE E 614 -5.32 24.62 -3.60
N LEU E 615 -5.67 24.14 -4.79
CA LEU E 615 -5.78 22.70 -4.92
C LEU E 615 -4.52 22.11 -5.50
N THR E 616 -3.81 22.84 -6.33
CA THR E 616 -2.56 22.32 -6.90
C THR E 616 -1.38 23.25 -6.75
N THR E 617 -0.21 22.67 -6.90
CA THR E 617 1.04 23.40 -6.99
C THR E 617 1.64 23.08 -8.33
N VAL E 618 2.15 24.07 -9.01
CA VAL E 618 2.75 23.83 -10.31
C VAL E 618 4.24 23.97 -10.20
N PHE E 619 4.96 22.94 -10.63
CA PHE E 619 6.41 22.89 -10.55
C PHE E 619 7.10 22.68 -11.88
N LEU E 620 8.33 23.13 -12.01
CA LEU E 620 9.12 22.81 -13.19
C LEU E 620 10.24 21.84 -12.87
N LYS E 621 10.35 20.81 -13.67
CA LYS E 621 11.43 19.83 -13.51
C LYS E 621 12.72 20.40 -14.03
N TRP E 622 13.84 19.71 -13.82
CA TRP E 622 15.13 20.22 -14.29
C TRP E 622 15.15 20.52 -15.79
N ASP E 623 14.33 19.82 -16.57
CA ASP E 623 14.27 19.99 -18.00
C ASP E 623 13.13 20.90 -18.39
N LYS E 624 12.56 21.58 -17.42
CA LYS E 624 11.46 22.52 -17.53
C LYS E 624 10.13 21.92 -17.90
N GLU E 625 9.95 20.65 -17.69
CA GLU E 625 8.62 20.08 -17.86
C GLU E 625 7.73 20.67 -16.78
N LYS E 626 6.53 21.11 -17.15
CA LYS E 626 5.59 21.67 -16.20
C LYS E 626 4.75 20.59 -15.57
N VAL E 627 4.73 20.56 -14.26
CA VAL E 627 4.03 19.53 -13.51
C VAL E 627 2.96 20.03 -12.59
N TYR E 628 1.78 19.47 -12.73
CA TYR E 628 0.66 19.79 -11.89
C TYR E 628 0.63 18.78 -10.77
N TYR E 629 0.74 19.24 -9.55
CA TYR E 629 0.87 18.33 -8.43
C TYR E 629 -0.13 18.66 -7.31
N PRO E 630 -1.17 17.85 -7.05
CA PRO E 630 -2.22 18.10 -6.08
C PRO E 630 -1.69 18.35 -4.69
N ASN E 631 -2.30 19.31 -4.01
CA ASN E 631 -1.91 19.64 -2.67
C ASN E 631 -2.29 18.56 -1.73
N SER E 632 -3.34 17.82 -2.06
CA SER E 632 -3.79 16.72 -1.22
C SER E 632 -2.75 15.60 -1.11
N ILE E 633 -1.78 15.60 -2.01
CA ILE E 633 -0.70 14.66 -1.99
C ILE E 633 0.51 15.29 -1.35
N LEU E 634 0.80 16.55 -1.67
CA LEU E 634 1.95 17.20 -1.09
C LEU E 634 1.80 17.30 0.42
N CYS E 635 0.57 17.36 0.90
CA CYS E 635 0.27 17.42 2.31
C CYS E 635 0.80 16.23 3.10
N THR E 636 1.16 15.14 2.44
CA THR E 636 1.67 13.98 3.12
C THR E 636 3.09 13.62 2.72
N LYS E 637 3.82 14.57 2.15
CA LYS E 637 5.19 14.32 1.77
C LYS E 637 6.18 15.19 2.50
N ALA E 638 7.40 14.70 2.63
CA ALA E 638 8.46 15.49 3.22
C ALA E 638 9.05 16.32 2.10
N ILE E 639 9.10 17.63 2.29
CA ILE E 639 9.54 18.50 1.21
C ILE E 639 10.81 19.26 1.52
N GLY E 640 11.82 19.11 0.68
CA GLY E 640 13.06 19.84 0.86
C GLY E 640 12.91 21.21 0.26
N ASN E 641 13.60 22.19 0.81
CA ASN E 641 13.58 23.54 0.26
C ASN E 641 14.99 24.10 0.25
N PHE E 642 15.59 24.20 -0.92
CA PHE E 642 16.96 24.67 -1.04
C PHE E 642 17.05 26.14 -0.75
N PHE E 643 16.06 26.90 -1.19
CA PHE E 643 16.09 28.35 -1.02
C PHE E 643 16.28 28.73 0.43
N ARG E 644 15.57 28.04 1.29
CA ARG E 644 15.60 28.32 2.71
C ARG E 644 16.74 27.65 3.47
N SER E 645 17.55 26.84 2.79
CA SER E 645 18.64 26.11 3.42
C SER E 645 19.89 26.97 3.66
N PRO E 646 20.70 26.65 4.67
CA PRO E 646 21.98 27.24 4.96
C PRO E 646 22.92 26.69 3.94
N ASP E 647 24.14 27.19 3.90
CA ASP E 647 25.09 26.69 2.90
C ASP E 647 25.11 25.19 2.97
N GLN E 648 25.04 24.56 1.80
CA GLN E 648 24.97 23.11 1.73
C GLN E 648 26.30 22.42 1.54
N GLY E 649 26.36 21.16 1.96
CA GLY E 649 27.58 20.38 1.79
C GLY E 649 27.52 19.42 0.62
N ASP E 650 28.59 18.68 0.39
CA ASP E 650 28.63 17.72 -0.70
C ASP E 650 29.64 16.59 -0.44
N VAL E 651 29.66 15.58 -1.32
CA VAL E 651 30.61 14.46 -1.22
C VAL E 651 31.16 13.98 -2.54
N LEU E 652 32.46 13.74 -2.57
CA LEU E 652 33.09 13.08 -3.70
C LEU E 652 33.53 11.69 -3.25
N GLU E 653 33.14 10.65 -3.96
CA GLU E 653 33.57 9.32 -3.54
C GLU E 653 34.55 8.77 -4.54
N PHE E 654 35.51 8.00 -4.04
CA PHE E 654 36.53 7.41 -4.88
C PHE E 654 37.12 6.17 -4.25
N SER E 655 37.91 5.45 -5.01
CA SER E 655 38.58 4.28 -4.50
C SER E 655 39.99 4.21 -4.99
N VAL E 656 40.85 3.60 -4.19
CA VAL E 656 42.26 3.43 -4.52
C VAL E 656 42.72 2.00 -4.28
N ASP E 657 43.85 1.62 -4.85
CA ASP E 657 44.47 0.33 -4.60
C ASP E 657 44.82 0.17 -3.11
N PHE E 658 44.55 -1.00 -2.55
CA PHE E 658 44.88 -1.35 -1.17
C PHE E 658 46.34 -1.15 -0.83
N THR E 659 47.19 -1.20 -1.82
CA THR E 659 48.62 -1.08 -1.58
C THR E 659 49.08 0.38 -1.54
N THR E 660 48.19 1.34 -1.73
CA THR E 660 48.58 2.74 -1.68
C THR E 660 49.19 3.00 -0.30
N PRO E 661 50.43 3.46 -0.18
CA PRO E 661 51.10 3.70 1.08
C PRO E 661 50.31 4.68 1.88
N VAL E 662 50.31 4.52 3.19
CA VAL E 662 49.56 5.43 4.02
C VAL E 662 50.11 6.84 3.89
N LEU E 663 51.38 6.96 3.57
CA LEU E 663 51.98 8.25 3.36
C LEU E 663 51.42 8.93 2.13
N LYS E 664 51.08 8.16 1.11
CA LYS E 664 50.56 8.69 -0.13
C LYS E 664 49.13 9.16 0.14
N ILE E 665 48.46 8.43 1.02
CA ILE E 665 47.11 8.80 1.45
C ILE E 665 47.22 10.12 2.20
N GLY E 666 48.22 10.26 3.08
CA GLY E 666 48.46 11.49 3.79
C GLY E 666 48.75 12.66 2.85
N ASP E 667 49.50 12.40 1.77
CA ASP E 667 49.77 13.46 0.80
C ASP E 667 48.50 13.89 0.11
N LEU E 668 47.60 12.95 -0.14
CA LEU E 668 46.33 13.27 -0.76
C LEU E 668 45.56 14.21 0.13
N LYS E 669 45.52 13.94 1.42
CA LYS E 669 44.82 14.82 2.34
C LYS E 669 45.41 16.23 2.35
N ASP E 670 46.73 16.36 2.29
CA ASP E 670 47.32 17.68 2.30
C ASP E 670 47.09 18.43 1.01
N ARG E 671 47.11 17.75 -0.12
CA ARG E 671 46.91 18.43 -1.36
C ARG E 671 45.50 18.98 -1.45
N ILE E 672 44.54 18.22 -0.94
CA ILE E 672 43.16 18.66 -0.94
C ILE E 672 42.99 19.86 -0.07
N LYS E 673 43.58 19.84 1.11
CA LYS E 673 43.47 20.98 2.00
C LYS E 673 43.96 22.23 1.31
N MET E 674 45.10 22.14 0.61
CA MET E 674 45.59 23.34 -0.06
C MET E 674 44.65 23.83 -1.13
N TYR E 675 44.07 22.93 -1.91
CA TYR E 675 43.15 23.35 -2.94
C TYR E 675 41.98 24.09 -2.36
N LEU E 676 41.39 23.55 -1.33
CA LEU E 676 40.22 24.19 -0.79
C LEU E 676 40.58 25.56 -0.25
N GLU E 677 41.76 25.70 0.37
CA GLU E 677 42.22 26.98 0.93
C GLU E 677 42.52 28.03 -0.12
N GLN E 678 42.88 27.61 -1.30
CA GLN E 678 43.15 28.53 -2.38
C GLN E 678 41.89 28.95 -3.11
N ASN E 679 40.75 28.39 -2.73
CA ASN E 679 39.49 28.65 -3.39
C ASN E 679 38.39 28.91 -2.38
N LEU E 680 38.59 29.88 -1.50
CA LEU E 680 37.66 30.10 -0.40
C LEU E 680 36.41 30.84 -0.80
N ASN E 681 36.34 31.29 -2.03
CA ASN E 681 35.13 31.90 -2.47
C ASN E 681 34.12 30.82 -2.78
N PHE E 682 34.60 29.58 -2.99
CA PHE E 682 33.76 28.46 -3.32
C PHE E 682 33.62 27.47 -2.21
N TRP E 683 34.67 27.29 -1.43
CA TRP E 683 34.62 26.26 -0.42
C TRP E 683 34.94 26.76 0.96
N HIS E 684 34.28 26.22 1.96
CA HIS E 684 34.62 26.54 3.33
C HIS E 684 35.86 25.76 3.69
N PRO E 685 36.75 26.23 4.56
CA PRO E 685 37.92 25.54 5.02
C PRO E 685 37.71 24.13 5.59
N GLN E 686 36.55 23.88 6.20
CA GLN E 686 36.28 22.60 6.81
C GLN E 686 35.90 21.53 5.83
N HIS E 687 36.54 20.37 6.00
CA HIS E 687 36.30 19.21 5.18
C HIS E 687 36.77 17.99 5.94
N ASN E 688 36.32 16.82 5.53
CA ASN E 688 36.75 15.57 6.15
C ASN E 688 36.99 14.47 5.14
N MET E 689 38.13 13.82 5.22
CA MET E 689 38.31 12.66 4.35
C MET E 689 38.21 11.43 5.20
N VAL E 690 37.32 10.55 4.80
CA VAL E 690 37.01 9.35 5.55
C VAL E 690 37.32 8.09 4.80
N VAL E 691 38.05 7.19 5.45
CA VAL E 691 38.33 5.89 4.87
C VAL E 691 37.22 5.01 5.40
N LYS E 692 36.51 4.36 4.51
CA LYS E 692 35.35 3.56 4.90
C LYS E 692 35.61 2.09 4.99
N GLU E 693 36.18 1.50 3.96
CA GLU E 693 36.34 0.06 4.04
C GLU E 693 37.40 -0.52 3.15
N ILE E 694 37.78 -1.74 3.51
CA ILE E 694 38.72 -2.52 2.73
C ILE E 694 37.97 -3.68 2.09
N GLU E 695 37.94 -3.70 0.78
CA GLU E 695 37.29 -4.75 0.02
C GLU E 695 38.34 -5.76 -0.39
N ASN E 696 38.12 -7.02 -0.03
CA ASN E 696 39.12 -8.06 -0.23
C ASN E 696 40.35 -7.42 0.37
N VAL E 697 41.47 -7.44 -0.33
CA VAL E 697 42.63 -6.72 0.11
C VAL E 697 43.05 -5.95 -1.09
N ASN E 698 42.08 -5.62 -1.92
CA ASN E 698 42.37 -4.98 -3.16
C ASN E 698 41.95 -3.53 -3.22
N LYS E 699 40.90 -3.18 -2.52
CA LYS E 699 40.39 -1.84 -2.69
C LYS E 699 40.05 -1.10 -1.43
N ILE E 700 40.43 0.16 -1.38
CA ILE E 700 40.03 1.00 -0.27
C ILE E 700 39.05 2.03 -0.74
N LYS E 701 37.90 2.05 -0.09
CA LYS E 701 36.85 2.99 -0.43
C LYS E 701 36.94 4.18 0.49
N MET E 702 36.93 5.36 -0.11
CA MET E 702 37.06 6.63 0.58
C MET E 702 36.04 7.67 0.15
N ALA E 703 35.78 8.63 1.02
CA ALA E 703 34.95 9.75 0.62
C ALA E 703 35.45 11.06 1.17
N LEU E 704 35.31 12.09 0.34
CA LEU E 704 35.67 13.44 0.67
C LEU E 704 34.46 14.32 0.90
N PHE E 705 34.32 14.80 2.13
CA PHE E 705 33.20 15.63 2.52
C PHE E 705 33.63 17.08 2.53
N VAL E 706 32.94 17.89 1.76
CA VAL E 706 33.25 19.32 1.61
C VAL E 706 32.04 20.19 1.84
N ASN E 707 32.28 21.47 2.05
CA ASN E 707 31.21 22.43 2.26
C ASN E 707 31.24 23.60 1.29
N HIS E 708 30.13 23.81 0.60
CA HIS E 708 30.00 24.88 -0.37
C HIS E 708 29.71 26.16 0.34
N THR E 709 30.03 27.28 -0.28
CA THR E 709 29.74 28.61 0.26
C THR E 709 28.36 29.13 -0.14
N ILE E 710 27.59 28.30 -0.83
CA ILE E 710 26.24 28.59 -1.28
C ILE E 710 25.26 27.47 -0.92
N ASN E 711 23.97 27.77 -0.96
CA ASN E 711 22.96 26.70 -0.85
C ASN E 711 22.75 26.23 -2.27
N PHE E 712 21.83 25.33 -2.52
CA PHE E 712 21.70 24.79 -3.87
C PHE E 712 20.60 25.37 -4.72
N GLN E 713 20.14 26.58 -4.42
CA GLN E 713 19.12 27.18 -5.25
C GLN E 713 19.61 27.35 -6.69
N ASP E 714 20.88 27.71 -6.87
CA ASP E 714 21.44 27.79 -8.22
C ASP E 714 22.14 26.48 -8.46
N PHE E 715 21.44 25.56 -9.09
CA PHE E 715 21.94 24.23 -9.15
C PHE E 715 23.08 24.13 -10.15
N ALA E 716 23.01 24.92 -11.22
CA ALA E 716 24.07 24.85 -12.21
C ALA E 716 25.38 25.35 -11.62
N GLU E 717 25.32 26.38 -10.76
CA GLU E 717 26.54 26.90 -10.16
C GLU E 717 27.13 25.86 -9.24
N LYS E 718 26.28 25.16 -8.51
CA LYS E 718 26.71 24.10 -7.63
C LYS E 718 27.49 23.05 -8.41
N ASN E 719 26.96 22.63 -9.55
CA ASN E 719 27.64 21.63 -10.34
C ASN E 719 28.92 22.13 -10.98
N ARG E 720 28.98 23.39 -11.36
CA ARG E 720 30.21 23.90 -11.95
C ARG E 720 31.33 23.88 -10.92
N ARG E 721 31.04 24.26 -9.68
CA ARG E 721 32.07 24.27 -8.67
C ARG E 721 32.52 22.86 -8.32
N ARG E 722 31.57 21.94 -8.25
CA ARG E 722 31.90 20.57 -7.93
C ARG E 722 32.73 19.96 -9.04
N SER E 723 32.42 20.28 -10.28
CA SER E 723 33.12 19.77 -11.44
C SER E 723 34.59 20.13 -11.36
N GLU E 724 34.89 21.37 -10.97
CA GLU E 724 36.28 21.76 -10.82
C GLU E 724 36.97 20.98 -9.70
N LEU E 725 36.28 20.72 -8.60
CA LEU E 725 36.85 19.94 -7.51
C LEU E 725 37.15 18.51 -7.95
N VAL E 726 36.28 17.92 -8.77
CA VAL E 726 36.51 16.57 -9.24
C VAL E 726 37.76 16.54 -10.12
N LEU E 727 37.92 17.54 -10.99
CA LEU E 727 39.12 17.57 -11.81
C LEU E 727 40.36 17.83 -10.98
N GLU E 728 40.26 18.57 -9.88
CA GLU E 728 41.44 18.74 -9.04
C GLU E 728 41.82 17.41 -8.41
N LEU E 729 40.83 16.62 -7.99
CA LEU E 729 41.13 15.34 -7.39
C LEU E 729 41.86 14.48 -8.41
N LYS E 730 41.42 14.54 -9.66
CA LYS E 730 42.04 13.81 -10.73
C LYS E 730 43.50 14.17 -10.85
N LYS E 731 43.78 15.46 -10.88
CA LYS E 731 45.13 15.97 -10.98
C LYS E 731 46.01 15.51 -9.84
N ILE E 732 45.47 15.51 -8.63
CA ILE E 732 46.22 15.08 -7.48
C ILE E 732 46.57 13.62 -7.61
N PHE E 733 45.61 12.78 -8.02
CA PHE E 733 45.91 11.38 -8.16
C PHE E 733 46.99 11.18 -9.19
N GLU E 734 46.96 11.93 -10.28
CA GLU E 734 48.01 11.72 -11.25
C GLU E 734 49.38 12.14 -10.73
N GLU E 735 49.46 13.28 -10.05
CA GLU E 735 50.74 13.78 -9.54
C GLU E 735 51.32 12.94 -8.43
N LEU E 736 50.47 12.38 -7.59
CA LEU E 736 50.91 11.55 -6.49
C LEU E 736 51.01 10.10 -6.91
N ASP E 737 50.76 9.79 -8.17
CA ASP E 737 50.80 8.43 -8.65
C ASP E 737 49.90 7.48 -7.86
N ILE E 738 48.62 7.85 -7.71
CA ILE E 738 47.63 7.00 -7.05
C ILE E 738 46.83 6.24 -8.09
N LYS E 739 46.83 4.91 -7.96
CA LYS E 739 46.18 4.02 -8.89
C LYS E 739 45.32 2.98 -8.21
N TYR E 740 44.49 2.33 -9.03
CA TYR E 740 43.70 1.17 -8.68
C TYR E 740 44.02 0.05 -9.66
N ASN E 741 44.21 -1.17 -9.16
CA ASN E 741 44.50 -2.32 -10.01
C ASN E 741 43.58 -3.47 -9.66
N LEU E 742 43.31 -4.29 -10.64
CA LEU E 742 42.51 -5.50 -10.48
C LEU E 742 43.30 -6.62 -9.83
N LEU E 743 42.61 -7.48 -9.09
CA LEU E 743 43.28 -8.63 -8.51
C LEU E 743 43.84 -9.51 -9.61
N PRO E 744 45.06 -10.06 -9.46
CA PRO E 744 45.71 -10.98 -10.36
C PRO E 744 44.92 -12.23 -10.56
N GLN E 745 44.97 -12.77 -11.77
CA GLN E 745 44.27 -14.00 -12.06
C GLN E 745 45.25 -15.09 -12.42
N GLU E 746 45.19 -16.17 -11.67
CA GLU E 746 46.02 -17.33 -11.90
C GLU E 746 45.43 -18.22 -12.96
N ILE E 747 46.26 -18.61 -13.91
CA ILE E 747 45.90 -19.44 -15.04
C ILE E 747 46.66 -20.74 -15.12
N SER E 748 45.95 -21.83 -15.31
CA SER E 748 46.60 -23.11 -15.53
C SER E 748 46.27 -23.51 -16.93
N ILE E 749 47.13 -24.27 -17.58
CA ILE E 749 46.87 -24.61 -18.97
C ILE E 749 46.92 -26.10 -19.24
N ARG E 750 45.86 -26.60 -19.84
CA ARG E 750 45.78 -28.02 -20.19
C ARG E 750 45.94 -28.35 -21.69
N ASN E 751 46.20 -27.33 -22.55
CA ASN E 751 46.37 -27.41 -24.02
C ASN E 751 45.30 -28.31 -24.66
N ASN F 290 -65.92 31.16 -3.49
CA ASN F 290 -67.35 30.93 -3.66
C ASN F 290 -67.76 29.48 -3.28
N GLN F 291 -67.02 28.47 -3.77
CA GLN F 291 -67.24 27.03 -3.51
C GLN F 291 -66.06 26.53 -2.63
N PRO F 292 -66.29 26.37 -1.30
CA PRO F 292 -65.29 26.16 -0.25
C PRO F 292 -64.15 25.23 -0.55
N HIS F 293 -64.38 24.13 -1.25
CA HIS F 293 -63.26 23.28 -1.50
C HIS F 293 -63.30 22.98 -2.95
N GLN F 294 -64.52 22.95 -3.44
CA GLN F 294 -64.78 22.46 -4.76
C GLN F 294 -64.14 23.27 -5.86
N THR F 295 -64.04 24.59 -5.69
CA THR F 295 -63.38 25.34 -6.74
C THR F 295 -62.21 26.07 -6.15
N ARG F 296 -62.24 26.30 -4.84
CA ARG F 296 -61.14 27.03 -4.22
C ARG F 296 -59.83 26.23 -4.24
N LYS F 297 -59.92 24.90 -4.12
CA LYS F 297 -58.72 24.11 -4.11
C LYS F 297 -58.25 23.88 -5.52
N ILE F 298 -59.15 23.98 -6.49
CA ILE F 298 -58.71 23.81 -7.84
C ILE F 298 -57.89 25.02 -8.19
N LEU F 299 -58.39 26.18 -7.83
CA LEU F 299 -57.65 27.36 -8.16
C LEU F 299 -56.34 27.41 -7.41
N GLU F 300 -56.30 26.96 -6.15
CA GLU F 300 -55.03 26.96 -5.43
C GLU F 300 -54.02 26.08 -6.14
N PHE F 301 -54.45 24.90 -6.57
CA PHE F 301 -53.60 23.97 -7.27
C PHE F 301 -53.03 24.59 -8.51
N VAL F 302 -53.90 25.19 -9.31
CA VAL F 302 -53.45 25.76 -10.55
C VAL F 302 -52.50 26.88 -10.29
N THR F 303 -52.79 27.72 -9.33
CA THR F 303 -51.91 28.82 -9.07
C THR F 303 -50.53 28.33 -8.77
N TRP F 304 -50.42 27.35 -7.88
CA TRP F 304 -49.10 26.92 -7.51
C TRP F 304 -48.40 26.12 -8.56
N THR F 305 -49.14 25.43 -9.41
CA THR F 305 -48.48 24.72 -10.48
C THR F 305 -47.85 25.71 -11.39
N ILE F 306 -48.54 26.81 -11.69
CA ILE F 306 -47.99 27.80 -12.58
C ILE F 306 -46.74 28.39 -11.93
N VAL F 307 -46.79 28.66 -10.63
CA VAL F 307 -45.63 29.21 -9.95
C VAL F 307 -44.46 28.27 -9.98
N THR F 308 -44.69 26.99 -9.76
CA THR F 308 -43.60 26.04 -9.80
C THR F 308 -42.96 26.04 -11.16
N VAL F 309 -43.76 26.12 -12.22
CA VAL F 309 -43.19 26.15 -13.55
C VAL F 309 -42.31 27.37 -13.68
N LEU F 310 -42.76 28.50 -13.17
CA LEU F 310 -41.94 29.69 -13.20
C LEU F 310 -40.61 29.52 -12.46
N ILE F 311 -40.63 28.85 -11.30
CA ILE F 311 -39.40 28.63 -10.55
C ILE F 311 -38.46 27.81 -11.38
N GLY F 312 -38.99 26.78 -12.01
CA GLY F 312 -38.21 25.92 -12.87
C GLY F 312 -37.61 26.70 -14.00
N ALA F 313 -38.42 27.50 -14.69
CA ALA F 313 -37.89 28.24 -15.81
C ALA F 313 -36.76 29.15 -15.36
N PHE F 314 -36.90 29.72 -14.19
CA PHE F 314 -35.85 30.57 -13.69
C PHE F 314 -34.57 29.80 -13.50
N LEU F 315 -34.64 28.64 -12.85
CA LEU F 315 -33.44 27.87 -12.60
C LEU F 315 -32.80 27.42 -13.87
N TRP F 316 -33.58 27.19 -14.91
CA TRP F 316 -33.02 26.86 -16.20
C TRP F 316 -32.27 28.02 -16.80
N LEU F 317 -32.71 29.26 -16.53
CA LEU F 317 -31.99 30.40 -17.08
C LEU F 317 -30.63 30.45 -16.43
N VAL F 318 -30.63 30.18 -15.13
CA VAL F 318 -29.41 30.26 -14.37
C VAL F 318 -28.44 29.18 -14.78
N LYS F 319 -28.95 27.97 -14.90
CA LYS F 319 -28.13 26.86 -15.30
C LYS F 319 -27.49 27.09 -16.62
N THR F 320 -28.28 27.57 -17.58
CA THR F 320 -27.74 27.73 -18.91
C THR F 320 -26.68 28.78 -18.93
N THR F 321 -26.90 29.88 -18.25
CA THR F 321 -25.93 30.94 -18.29
C THR F 321 -24.64 30.48 -17.67
N LEU F 322 -24.71 29.82 -16.53
CA LEU F 322 -23.50 29.43 -15.87
C LEU F 322 -22.72 28.40 -16.66
N LEU F 323 -23.39 27.46 -17.30
CA LEU F 323 -22.65 26.49 -18.07
C LEU F 323 -22.01 27.14 -19.27
N LYS F 324 -22.66 28.14 -19.90
CA LYS F 324 -22.00 28.83 -21.01
C LYS F 324 -20.72 29.52 -20.53
N ILE F 325 -20.78 30.09 -19.33
CA ILE F 325 -19.61 30.74 -18.79
C ILE F 325 -18.50 29.73 -18.59
N LEU F 326 -18.84 28.56 -18.04
CA LEU F 326 -17.85 27.51 -17.82
C LEU F 326 -17.21 27.04 -19.10
N ALA F 327 -18.02 26.89 -20.13
CA ALA F 327 -17.55 26.43 -21.42
C ALA F 327 -16.50 27.36 -21.99
N SER F 328 -16.59 28.64 -21.68
CA SER F 328 -15.62 29.60 -22.17
C SER F 328 -14.20 29.22 -21.77
N SER F 329 -14.02 28.62 -20.59
CA SER F 329 -12.70 28.27 -20.09
C SER F 329 -12.05 27.16 -20.89
N PHE F 330 -12.83 26.48 -21.70
CA PHE F 330 -12.35 25.38 -22.50
C PHE F 330 -12.11 25.82 -23.92
N HIS F 331 -12.24 27.11 -24.18
CA HIS F 331 -11.91 27.60 -25.50
C HIS F 331 -10.43 27.59 -25.63
N LEU F 332 -9.94 27.07 -26.73
CA LEU F 332 -8.51 27.04 -26.90
C LEU F 332 -8.08 28.10 -27.89
N ASN F 333 -7.02 28.82 -27.54
CA ASN F 333 -6.50 29.89 -28.37
C ASN F 333 -5.40 29.41 -29.29
N ARG F 334 -5.15 28.10 -29.24
CA ARG F 334 -4.15 27.46 -30.09
C ARG F 334 -4.62 27.45 -31.52
N PHE F 335 -5.90 27.70 -31.70
CA PHE F 335 -6.54 27.73 -32.99
C PHE F 335 -6.76 29.16 -33.45
N PHE F 336 -6.20 30.15 -32.75
CA PHE F 336 -6.46 31.53 -33.11
C PHE F 336 -6.20 31.81 -34.57
N ASP F 337 -5.06 31.35 -35.08
CA ASP F 337 -4.71 31.62 -36.46
C ASP F 337 -5.68 30.96 -37.43
N ARG F 338 -6.17 29.76 -37.08
CA ARG F 338 -7.10 29.04 -37.95
C ARG F 338 -8.45 29.71 -37.94
N ILE F 339 -8.81 30.28 -36.81
CA ILE F 339 -10.07 30.98 -36.66
C ILE F 339 -10.04 32.21 -37.51
N GLN F 340 -8.95 32.97 -37.46
CA GLN F 340 -8.90 34.17 -38.25
C GLN F 340 -8.86 33.87 -39.75
N GLU F 341 -8.15 32.81 -40.15
CA GLU F 341 -8.12 32.45 -41.55
C GLU F 341 -9.50 32.03 -42.03
N SER F 342 -10.21 31.26 -41.20
CA SER F 342 -11.54 30.80 -41.54
C SER F 342 -12.49 31.96 -41.75
N VAL F 343 -12.43 32.97 -40.88
CA VAL F 343 -13.31 34.13 -41.02
C VAL F 343 -13.04 34.85 -42.32
N PHE F 344 -11.77 35.03 -42.66
CA PHE F 344 -11.43 35.68 -43.91
C PHE F 344 -12.00 34.96 -45.11
N HIS F 345 -11.78 33.65 -45.19
CA HIS F 345 -12.24 32.97 -46.37
C HIS F 345 -13.75 32.94 -46.42
N HIS F 346 -14.39 32.87 -45.25
CA HIS F 346 -15.85 32.84 -45.20
C HIS F 346 -16.39 34.14 -45.79
N SER F 347 -15.79 35.27 -45.41
CA SER F 347 -16.25 36.55 -45.92
C SER F 347 -16.17 36.56 -47.44
N VAL F 348 -15.06 36.05 -48.00
CA VAL F 348 -14.90 36.03 -49.45
C VAL F 348 -15.99 35.15 -50.08
N LEU F 349 -16.26 33.99 -49.50
CA LEU F 349 -17.29 33.12 -50.04
C LEU F 349 -18.67 33.76 -50.07
N GLN F 350 -18.99 34.58 -49.07
CA GLN F 350 -20.31 35.17 -49.00
C GLN F 350 -20.51 36.41 -49.87
N THR F 351 -19.49 37.26 -50.05
CA THR F 351 -19.70 38.47 -50.84
C THR F 351 -18.90 38.58 -52.15
N LEU F 352 -17.85 37.79 -52.30
CA LEU F 352 -16.96 37.87 -53.45
C LEU F 352 -16.82 36.55 -54.19
N ALA F 353 -17.89 35.76 -54.23
CA ALA F 353 -17.80 34.48 -54.91
C ALA F 353 -19.17 34.07 -55.47
N GLY F 354 -19.18 33.20 -56.50
CA GLY F 354 -20.37 32.66 -57.13
C GLY F 354 -19.95 31.71 -58.24
N TRP F 507 -10.69 25.77 -54.37
CA TRP F 507 -10.64 26.67 -53.23
C TRP F 507 -11.91 26.60 -52.35
N VAL F 508 -13.13 26.69 -52.95
CA VAL F 508 -14.41 26.75 -52.20
C VAL F 508 -14.64 25.51 -51.35
N VAL F 509 -14.38 24.35 -51.93
CA VAL F 509 -14.58 23.12 -51.19
C VAL F 509 -13.61 23.05 -50.03
N LYS F 510 -12.35 23.42 -50.26
CA LYS F 510 -11.36 23.38 -49.21
C LYS F 510 -11.77 24.28 -48.07
N VAL F 511 -12.29 25.47 -48.37
CA VAL F 511 -12.67 26.36 -47.29
C VAL F 511 -13.77 25.76 -46.47
N TYR F 512 -14.79 25.19 -47.09
CA TYR F 512 -15.85 24.62 -46.28
C TYR F 512 -15.38 23.41 -45.46
N ASN F 513 -14.48 22.59 -46.02
CA ASN F 513 -14.00 21.46 -45.26
C ASN F 513 -13.12 21.90 -44.08
N ASP F 514 -12.36 22.99 -44.27
CA ASP F 514 -11.54 23.51 -43.18
C ASP F 514 -12.43 24.13 -42.10
N GLN F 515 -13.55 24.73 -42.48
CA GLN F 515 -14.42 25.28 -41.46
C GLN F 515 -14.98 24.17 -40.62
N ALA F 516 -15.34 23.04 -41.24
CA ALA F 516 -15.87 21.93 -40.48
C ALA F 516 -14.83 21.36 -39.54
N ALA F 517 -13.58 21.26 -40.02
CA ALA F 517 -12.51 20.70 -39.22
C ALA F 517 -12.26 21.52 -37.98
N LEU F 518 -12.34 22.84 -38.12
CA LEU F 518 -12.12 23.72 -37.01
C LEU F 518 -13.26 23.65 -36.00
N LYS F 519 -14.50 23.60 -36.49
CA LYS F 519 -15.63 23.53 -35.57
C LYS F 519 -15.53 22.26 -34.74
N HIS F 520 -15.10 21.15 -35.35
CA HIS F 520 -14.98 19.93 -34.57
C HIS F 520 -13.83 20.06 -33.59
N ALA F 521 -12.70 20.63 -34.02
CA ALA F 521 -11.56 20.73 -33.11
C ALA F 521 -11.91 21.51 -31.86
N LEU F 522 -12.73 22.53 -32.00
CA LEU F 522 -13.14 23.32 -30.87
C LEU F 522 -14.21 22.60 -30.03
N ASN F 523 -15.15 21.90 -30.67
CA ASN F 523 -16.21 21.19 -29.94
C ASN F 523 -15.69 20.01 -29.16
N ASP F 524 -14.59 19.44 -29.61
CA ASP F 524 -13.95 18.31 -28.95
C ASP F 524 -13.47 18.65 -27.57
N ASN F 525 -13.25 19.93 -27.26
CA ASN F 525 -12.75 20.22 -25.93
C ASN F 525 -13.90 20.64 -24.99
N LYS F 526 -15.15 20.53 -25.46
CA LYS F 526 -16.30 20.92 -24.66
C LYS F 526 -17.23 19.78 -24.28
N THR F 527 -16.77 18.56 -24.47
CA THR F 527 -17.57 17.38 -24.21
C THR F 527 -17.92 17.23 -22.76
N ALA F 528 -16.99 17.56 -21.89
CA ALA F 528 -17.22 17.44 -20.47
C ALA F 528 -18.32 18.38 -20.04
N VAL F 529 -18.41 19.55 -20.67
CA VAL F 529 -19.42 20.51 -20.26
C VAL F 529 -20.77 19.97 -20.62
N LYS F 530 -20.88 19.40 -21.81
CA LYS F 530 -22.16 18.84 -22.22
C LYS F 530 -22.61 17.72 -21.28
N GLN F 531 -21.68 16.90 -20.83
CA GLN F 531 -21.99 15.81 -19.93
C GLN F 531 -22.44 16.34 -18.59
N LEU F 532 -21.80 17.42 -18.15
CA LEU F 532 -22.16 18.00 -16.89
C LEU F 532 -23.55 18.55 -17.01
N ASN F 533 -23.87 19.18 -18.13
CA ASN F 533 -25.20 19.72 -18.31
C ASN F 533 -26.26 18.66 -18.13
N LYS F 534 -26.06 17.48 -18.71
CA LYS F 534 -27.05 16.44 -18.58
C LYS F 534 -27.26 16.05 -17.13
N LEU F 535 -26.17 15.96 -16.38
CA LEU F 535 -26.25 15.57 -14.99
C LEU F 535 -26.94 16.61 -14.17
N VAL F 536 -26.59 17.87 -14.40
CA VAL F 536 -27.16 18.94 -13.63
C VAL F 536 -28.62 19.02 -13.89
N THR F 537 -29.02 18.89 -15.15
CA THR F 537 -30.40 18.97 -15.52
C THR F 537 -31.18 17.86 -14.86
N ALA F 538 -30.66 16.65 -14.86
CA ALA F 538 -31.42 15.60 -14.23
C ALA F 538 -31.67 15.92 -12.78
N ILE F 539 -30.69 16.49 -12.12
CA ILE F 539 -30.84 16.84 -10.74
C ILE F 539 -31.88 17.92 -10.61
N LEU F 540 -31.82 18.92 -11.48
CA LEU F 540 -32.74 20.02 -11.47
C LEU F 540 -34.18 19.57 -11.67
N ILE F 541 -34.43 18.63 -12.55
CA ILE F 541 -35.78 18.16 -12.77
C ILE F 541 -36.28 17.51 -11.53
N VAL F 542 -35.47 16.69 -10.90
CA VAL F 542 -35.94 16.08 -9.70
C VAL F 542 -36.24 17.12 -8.69
N MET F 543 -35.38 18.12 -8.56
CA MET F 543 -35.66 19.12 -7.56
C MET F 543 -36.98 19.79 -7.83
N MET F 544 -37.29 20.06 -9.10
CA MET F 544 -38.55 20.71 -9.40
C MET F 544 -39.76 19.85 -9.13
N ILE F 545 -39.64 18.54 -9.26
CA ILE F 545 -40.77 17.68 -8.95
C ILE F 545 -41.03 17.79 -7.49
N VAL F 546 -39.99 17.73 -6.70
CA VAL F 546 -40.19 17.82 -5.29
C VAL F 546 -40.77 19.16 -4.93
N ILE F 547 -40.29 20.24 -5.51
CA ILE F 547 -40.84 21.54 -5.21
C ILE F 547 -42.30 21.59 -5.55
N TRP F 548 -42.70 21.06 -6.70
CA TRP F 548 -44.11 21.06 -7.05
C TRP F 548 -44.94 20.35 -6.01
N LEU F 549 -44.48 19.18 -5.61
CA LEU F 549 -45.24 18.42 -4.64
C LEU F 549 -45.39 19.13 -3.31
N ILE F 550 -44.37 19.84 -2.89
CA ILE F 550 -44.44 20.53 -1.63
C ILE F 550 -45.20 21.87 -1.71
N VAL F 551 -44.92 22.67 -2.72
CA VAL F 551 -45.52 24.00 -2.87
C VAL F 551 -47.01 23.98 -3.14
N THR F 552 -47.47 23.08 -3.98
CA THR F 552 -48.90 23.00 -4.27
C THR F 552 -49.66 22.40 -3.09
N GLY F 553 -48.92 21.79 -2.18
CA GLY F 553 -49.49 21.18 -0.99
C GLY F 553 -50.04 19.79 -1.24
N ILE F 554 -49.81 19.24 -2.42
CA ILE F 554 -50.34 17.94 -2.72
C ILE F 554 -49.71 16.86 -1.86
N ALA F 555 -48.45 17.01 -1.51
CA ALA F 555 -47.81 16.04 -0.65
C ALA F 555 -48.32 16.17 0.76
N THR F 556 -48.45 15.04 1.43
CA THR F 556 -48.83 15.02 2.81
C THR F 556 -47.57 14.85 3.61
N THR F 557 -47.66 15.06 4.91
CA THR F 557 -46.47 14.92 5.69
C THR F 557 -46.04 13.50 5.93
N LYS F 558 -46.94 12.52 5.83
CA LYS F 558 -46.44 11.18 6.04
C LYS F 558 -45.56 10.78 4.87
N LEU F 559 -45.97 11.19 3.67
CA LEU F 559 -45.20 10.87 2.49
C LEU F 559 -43.89 11.59 2.50
N ILE F 560 -43.87 12.82 2.99
CA ILE F 560 -42.64 13.58 3.04
C ILE F 560 -41.68 12.90 3.98
N VAL F 561 -42.16 12.45 5.11
CA VAL F 561 -41.26 11.77 6.00
C VAL F 561 -40.70 10.51 5.42
N LEU F 562 -41.52 9.69 4.77
CA LEU F 562 -40.96 8.48 4.20
C LEU F 562 -39.98 8.76 3.07
N LEU F 563 -40.23 9.79 2.28
CA LEU F 563 -39.34 10.14 1.20
C LEU F 563 -37.99 10.58 1.74
N SER F 564 -38.00 11.40 2.78
CA SER F 564 -36.75 11.85 3.36
C SER F 564 -36.00 10.71 4.00
N SER F 565 -36.70 9.77 4.60
CA SER F 565 -36.05 8.63 5.21
C SER F 565 -35.31 7.80 4.16
N GLN F 566 -35.95 7.56 3.02
CA GLN F 566 -35.31 6.77 1.99
C GLN F 566 -34.17 7.52 1.35
N LEU F 567 -34.24 8.84 1.29
CA LEU F 567 -33.13 9.61 0.76
C LEU F 567 -31.93 9.39 1.59
N VAL F 568 -32.10 9.40 2.89
CA VAL F 568 -30.98 9.20 3.76
C VAL F 568 -30.38 7.84 3.54
N VAL F 569 -31.20 6.82 3.39
CA VAL F 569 -30.61 5.53 3.14
C VAL F 569 -29.88 5.52 1.82
N ALA F 570 -30.44 6.07 0.77
CA ALA F 570 -29.73 6.05 -0.49
C ALA F 570 -28.41 6.75 -0.36
N ALA F 571 -28.36 7.83 0.40
CA ALA F 571 -27.11 8.52 0.60
C ALA F 571 -26.12 7.63 1.29
N PHE F 572 -26.61 6.90 2.26
CA PHE F 572 -25.74 6.02 3.01
C PHE F 572 -25.10 4.99 2.11
N ILE F 573 -25.90 4.39 1.27
CA ILE F 573 -25.44 3.32 0.44
C ILE F 573 -24.57 3.81 -0.72
N PHE F 574 -25.01 4.85 -1.43
CA PHE F 574 -24.32 5.29 -2.65
C PHE F 574 -23.57 6.61 -2.59
N GLY F 575 -23.43 7.19 -1.41
CA GLY F 575 -22.75 8.45 -1.28
C GLY F 575 -21.34 8.44 -1.79
N ASN F 576 -20.64 7.32 -1.69
CA ASN F 576 -19.29 7.27 -2.18
C ASN F 576 -19.20 7.33 -3.70
N THR F 577 -20.26 6.93 -4.40
CA THR F 577 -20.18 7.01 -5.84
C THR F 577 -20.35 8.46 -6.20
N CYS F 578 -21.27 9.14 -5.52
CA CYS F 578 -21.52 10.54 -5.78
C CYS F 578 -20.31 11.38 -5.47
N LYS F 579 -19.60 11.02 -4.40
CA LYS F 579 -18.39 11.70 -4.05
C LYS F 579 -17.40 11.62 -5.17
N THR F 580 -17.23 10.43 -5.74
CA THR F 580 -16.29 10.23 -6.82
C THR F 580 -16.61 11.06 -8.02
N ILE F 581 -17.86 11.15 -8.37
CA ILE F 581 -18.21 11.95 -9.52
C ILE F 581 -17.85 13.38 -9.27
N PHE F 582 -18.16 13.87 -8.08
CA PHE F 582 -17.87 15.24 -7.76
C PHE F 582 -16.40 15.53 -7.80
N GLU F 583 -15.57 14.65 -7.26
CA GLU F 583 -14.15 14.90 -7.32
C GLU F 583 -13.67 14.96 -8.76
N ALA F 584 -14.22 14.09 -9.62
CA ALA F 584 -13.85 14.08 -11.01
C ALA F 584 -14.22 15.38 -11.70
N ILE F 585 -15.34 15.97 -11.30
CA ILE F 585 -15.77 17.25 -11.84
C ILE F 585 -14.78 18.31 -11.44
N ILE F 586 -14.33 18.32 -10.21
CA ILE F 586 -13.35 19.29 -9.78
C ILE F 586 -12.06 19.12 -10.55
N PHE F 587 -11.61 17.89 -10.72
CA PHE F 587 -10.39 17.66 -11.48
C PHE F 587 -10.48 18.24 -12.89
N VAL F 588 -11.56 17.94 -13.60
CA VAL F 588 -11.69 18.43 -14.94
C VAL F 588 -11.94 19.92 -15.07
N PHE F 589 -12.81 20.48 -14.24
CA PHE F 589 -13.17 21.88 -14.41
C PHE F 589 -12.47 22.89 -13.52
N VAL F 590 -11.80 22.48 -12.46
CA VAL F 590 -11.12 23.44 -11.60
C VAL F 590 -9.63 23.26 -11.71
N MET F 591 -9.14 22.05 -11.48
CA MET F 591 -7.71 21.82 -11.51
C MET F 591 -7.21 21.98 -12.92
N HIS F 592 -7.89 21.33 -13.86
CA HIS F 592 -7.64 21.44 -15.27
C HIS F 592 -6.19 21.36 -15.71
N PRO F 593 -5.48 20.26 -15.43
CA PRO F 593 -4.09 20.02 -15.77
C PRO F 593 -3.75 19.88 -17.25
N PHE F 594 -4.75 19.58 -18.08
CA PHE F 594 -4.52 19.41 -19.51
C PHE F 594 -5.75 19.60 -20.35
N ASP F 595 -5.53 19.78 -21.65
CA ASP F 595 -6.60 19.83 -22.63
C ASP F 595 -6.42 18.79 -23.71
N VAL F 596 -7.36 18.73 -24.63
CA VAL F 596 -7.25 17.75 -25.70
C VAL F 596 -6.17 18.11 -26.66
N GLY F 597 -5.33 17.14 -26.97
CA GLY F 597 -4.19 17.29 -27.86
C GLY F 597 -2.88 17.55 -27.14
N ASP F 598 -2.91 17.81 -25.84
CA ASP F 598 -1.68 18.05 -25.11
C ASP F 598 -0.94 16.75 -24.90
N ARG F 599 0.39 16.79 -24.95
CA ARG F 599 1.16 15.60 -24.63
C ARG F 599 1.56 15.71 -23.17
N CYS F 600 1.10 14.78 -22.38
CA CYS F 600 1.24 14.76 -20.94
C CYS F 600 2.08 13.62 -20.43
N VAL F 601 2.65 13.75 -19.23
CA VAL F 601 3.42 12.65 -18.71
C VAL F 601 2.82 12.12 -17.42
N ILE F 602 2.37 10.89 -17.46
CA ILE F 602 1.72 10.29 -16.29
C ILE F 602 2.44 9.02 -15.90
N ASP F 603 3.00 8.97 -14.70
CA ASP F 603 3.77 7.83 -14.24
C ASP F 603 4.86 7.43 -15.22
N GLY F 604 5.49 8.41 -15.82
CA GLY F 604 6.57 8.20 -16.77
C GLY F 604 6.12 7.92 -18.20
N ASN F 605 4.83 7.80 -18.43
CA ASN F 605 4.29 7.49 -19.73
C ASN F 605 3.97 8.74 -20.48
N LYS F 606 4.54 8.91 -21.64
CA LYS F 606 4.27 10.09 -22.42
C LYS F 606 3.06 9.79 -23.26
N MET F 607 1.95 10.44 -22.96
CA MET F 607 0.69 10.15 -23.61
C MET F 607 0.00 11.37 -24.15
N LEU F 608 -0.68 11.23 -25.25
CA LEU F 608 -1.41 12.33 -25.84
C LEU F 608 -2.86 12.28 -25.39
N VAL F 609 -3.44 13.41 -25.00
CA VAL F 609 -4.83 13.37 -24.57
C VAL F 609 -5.74 13.33 -25.79
N GLU F 610 -6.55 12.29 -25.90
CA GLU F 610 -7.44 12.11 -27.04
C GLU F 610 -8.79 12.77 -26.77
N GLU F 611 -9.32 12.51 -25.60
CA GLU F 611 -10.60 13.10 -25.22
C GLU F 611 -10.70 13.20 -23.73
N MET F 612 -11.58 14.08 -23.29
CA MET F 612 -11.85 14.28 -21.89
C MET F 612 -13.30 14.06 -21.61
N ASN F 613 -13.58 13.54 -20.45
CA ASN F 613 -14.93 13.31 -20.03
C ASN F 613 -14.94 13.50 -18.55
N ILE F 614 -16.09 13.36 -17.96
CA ILE F 614 -16.17 13.47 -16.51
C ILE F 614 -15.62 12.27 -15.79
N LEU F 615 -15.93 11.05 -16.19
CA LEU F 615 -15.41 9.93 -15.42
C LEU F 615 -14.08 9.40 -15.89
N THR F 616 -13.70 9.61 -17.13
CA THR F 616 -12.45 9.04 -17.58
C THR F 616 -11.78 9.86 -18.66
N THR F 617 -10.48 9.83 -18.67
CA THR F 617 -9.71 10.51 -19.70
C THR F 617 -9.16 9.49 -20.64
N VAL F 618 -9.20 9.77 -21.92
CA VAL F 618 -8.69 8.82 -22.86
C VAL F 618 -7.42 9.35 -23.46
N PHE F 619 -6.39 8.52 -23.41
CA PHE F 619 -5.08 8.86 -23.89
C PHE F 619 -4.56 7.94 -24.96
N LEU F 620 -3.65 8.43 -25.80
CA LEU F 620 -2.93 7.56 -26.71
C LEU F 620 -1.48 7.46 -26.30
N LYS F 621 -0.96 6.27 -26.28
CA LYS F 621 0.44 6.09 -25.94
C LYS F 621 1.34 6.35 -27.11
N TRP F 622 2.64 6.32 -26.90
CA TRP F 622 3.57 6.58 -27.99
C TRP F 622 3.36 5.66 -29.21
N ASP F 623 2.84 4.44 -29.00
CA ASP F 623 2.60 3.49 -30.06
C ASP F 623 1.15 3.49 -30.46
N LYS F 624 0.43 4.50 -29.99
CA LYS F 624 -0.96 4.79 -30.22
C LYS F 624 -1.97 3.80 -29.67
N GLU F 625 -1.68 3.03 -28.62
CA GLU F 625 -2.81 2.25 -28.16
C GLU F 625 -3.68 3.23 -27.42
N LYS F 626 -4.98 2.98 -27.41
CA LYS F 626 -5.91 3.83 -26.71
C LYS F 626 -6.14 3.36 -25.30
N VAL F 627 -5.98 4.25 -24.35
CA VAL F 627 -6.10 3.96 -22.94
C VAL F 627 -7.14 4.72 -22.19
N TYR F 628 -7.99 4.00 -21.50
CA TYR F 628 -9.04 4.58 -20.69
C TYR F 628 -8.50 4.70 -19.29
N TYR F 629 -8.46 5.91 -18.76
CA TYR F 629 -7.82 6.14 -17.48
C TYR F 629 -8.76 6.88 -16.53
N PRO F 630 -9.35 6.25 -15.52
CA PRO F 630 -10.35 6.84 -14.64
C PRO F 630 -9.87 8.11 -13.99
N ASN F 631 -10.76 9.11 -13.91
CA ASN F 631 -10.39 10.37 -13.31
C ASN F 631 -10.20 10.21 -11.82
N SER F 632 -10.87 9.22 -11.24
CA SER F 632 -10.74 8.96 -9.82
C SER F 632 -9.36 8.48 -9.42
N ILE F 633 -8.53 8.06 -10.37
CA ILE F 633 -7.17 7.69 -10.04
C ILE F 633 -6.25 8.78 -10.59
N LEU F 634 -6.58 9.33 -11.75
CA LEU F 634 -5.75 10.31 -12.40
C LEU F 634 -5.58 11.56 -11.58
N CYS F 635 -6.61 11.94 -10.87
CA CYS F 635 -6.61 13.13 -10.04
C CYS F 635 -5.72 13.05 -8.82
N THR F 636 -5.12 11.90 -8.55
CA THR F 636 -4.24 11.75 -7.41
C THR F 636 -2.82 11.56 -7.89
N LYS F 637 -2.55 11.87 -9.15
CA LYS F 637 -1.23 11.74 -9.70
C LYS F 637 -0.64 13.07 -10.09
N ALA F 638 0.68 13.17 -10.11
CA ALA F 638 1.29 14.39 -10.60
C ALA F 638 1.33 14.27 -12.11
N ILE F 639 0.89 15.30 -12.81
CA ILE F 639 0.79 15.23 -14.26
C ILE F 639 1.67 16.22 -14.98
N GLY F 640 2.55 15.74 -15.84
CA GLY F 640 3.38 16.64 -16.59
C GLY F 640 2.60 17.09 -17.80
N ASN F 641 2.86 18.28 -18.30
CA ASN F 641 2.21 18.76 -19.51
C ASN F 641 3.21 19.47 -20.38
N PHE F 642 3.59 18.85 -21.49
CA PHE F 642 4.60 19.38 -22.38
C PHE F 642 4.12 20.53 -23.21
N PHE F 643 2.82 20.62 -23.42
CA PHE F 643 2.23 21.65 -24.26
C PHE F 643 2.39 22.98 -23.60
N ARG F 644 2.11 22.98 -22.30
CA ARG F 644 2.14 24.18 -21.51
C ARG F 644 3.55 24.56 -21.04
N SER F 645 4.51 23.68 -21.28
CA SER F 645 5.89 23.87 -20.87
C SER F 645 6.65 24.89 -21.71
N PRO F 646 7.63 25.59 -21.14
CA PRO F 646 8.55 26.48 -21.79
C PRO F 646 9.56 25.64 -22.52
N ASP F 647 10.46 26.25 -23.27
CA ASP F 647 11.46 25.46 -23.97
C ASP F 647 12.11 24.52 -23.00
N GLN F 648 12.22 23.25 -23.40
CA GLN F 648 12.76 22.22 -22.52
C GLN F 648 14.22 21.92 -22.75
N GLY F 649 14.87 21.37 -21.73
CA GLY F 649 16.29 21.02 -21.84
C GLY F 649 16.53 19.53 -21.97
N ASP F 650 17.80 19.13 -22.06
CA ASP F 650 18.15 17.73 -22.21
C ASP F 650 19.56 17.41 -21.72
N VAL F 651 19.93 16.12 -21.72
CA VAL F 651 21.26 15.66 -21.30
C VAL F 651 21.87 14.54 -22.12
N LEU F 652 23.15 14.68 -22.46
CA LEU F 652 23.88 13.56 -23.04
C LEU F 652 24.90 13.07 -22.02
N GLU F 653 24.78 11.84 -21.56
CA GLU F 653 25.77 11.35 -20.60
C GLU F 653 26.78 10.53 -21.35
N PHE F 654 28.02 10.60 -20.92
CA PHE F 654 29.09 9.86 -21.54
C PHE F 654 30.24 9.65 -20.58
N SER F 655 31.18 8.81 -20.98
CA SER F 655 32.35 8.61 -20.17
C SER F 655 33.58 8.51 -21.02
N VAL F 656 34.69 8.92 -20.45
CA VAL F 656 35.98 8.91 -21.11
C VAL F 656 37.03 8.29 -20.20
N ASP F 657 38.17 7.91 -20.74
CA ASP F 657 39.22 7.38 -19.89
C ASP F 657 39.75 8.43 -18.92
N PHE F 658 40.13 7.97 -17.75
CA PHE F 658 40.78 8.77 -16.71
C PHE F 658 42.00 9.50 -17.24
N THR F 659 42.78 8.84 -18.07
CA THR F 659 44.01 9.43 -18.56
C THR F 659 43.82 10.52 -19.59
N THR F 660 42.59 10.77 -20.03
CA THR F 660 42.36 11.82 -21.00
C THR F 660 42.91 13.12 -20.43
N PRO F 661 43.85 13.81 -21.09
CA PRO F 661 44.44 15.03 -20.64
C PRO F 661 43.38 16.05 -20.40
N VAL F 662 43.59 16.92 -19.42
CA VAL F 662 42.61 17.94 -19.13
C VAL F 662 42.47 18.89 -20.30
N LEU F 663 43.50 18.96 -21.13
CA LEU F 663 43.48 19.77 -22.31
C LEU F 663 42.50 19.21 -23.33
N LYS F 664 42.31 17.89 -23.38
CA LYS F 664 41.38 17.29 -24.32
C LYS F 664 40.00 17.57 -23.82
N ILE F 665 39.85 17.62 -22.51
CA ILE F 665 38.57 17.94 -21.93
C ILE F 665 38.25 19.37 -22.31
N GLY F 666 39.23 20.27 -22.21
CA GLY F 666 39.02 21.65 -22.62
C GLY F 666 38.68 21.77 -24.10
N ASP F 667 39.32 20.97 -24.96
CA ASP F 667 39.02 21.02 -26.39
C ASP F 667 37.63 20.50 -26.66
N LEU F 668 37.20 19.50 -25.91
CA LEU F 668 35.87 18.95 -26.07
C LEU F 668 34.85 20.03 -25.78
N LYS F 669 35.05 20.78 -24.70
CA LYS F 669 34.12 21.84 -24.36
C LYS F 669 34.06 22.90 -25.45
N ASP F 670 35.20 23.28 -26.01
CA ASP F 670 35.16 24.30 -27.06
C ASP F 670 34.53 23.81 -28.33
N ARG F 671 34.75 22.55 -28.68
CA ARG F 671 34.15 22.03 -29.89
C ARG F 671 32.65 21.98 -29.76
N ILE F 672 32.16 21.62 -28.58
CA ILE F 672 30.74 21.58 -28.35
C ILE F 672 30.15 22.94 -28.43
N LYS F 673 30.81 23.93 -27.82
CA LYS F 673 30.31 25.27 -27.90
C LYS F 673 30.17 25.71 -29.33
N MET F 674 31.17 25.44 -30.17
CA MET F 674 31.06 25.86 -31.55
C MET F 674 29.92 25.18 -32.25
N TYR F 675 29.69 23.91 -31.99
CA TYR F 675 28.58 23.25 -32.63
C TYR F 675 27.27 23.89 -32.27
N LEU F 676 27.05 24.11 -30.98
CA LEU F 676 25.77 24.62 -30.55
C LEU F 676 25.52 26.00 -31.11
N GLU F 677 26.57 26.81 -31.23
CA GLU F 677 26.43 28.17 -31.74
C GLU F 677 26.23 28.26 -33.24
N GLN F 678 26.41 27.16 -33.95
CA GLN F 678 26.23 27.14 -35.38
C GLN F 678 24.86 26.60 -35.71
N ASN F 679 24.13 26.20 -34.68
CA ASN F 679 22.83 25.59 -34.83
C ASN F 679 21.84 26.23 -33.88
N LEU F 680 21.72 27.54 -33.96
CA LEU F 680 20.91 28.29 -33.01
C LEU F 680 19.44 28.18 -33.27
N ASN F 681 19.06 27.57 -34.36
CA ASN F 681 17.68 27.36 -34.60
C ASN F 681 17.20 26.17 -33.76
N PHE F 682 18.15 25.34 -33.31
CA PHE F 682 17.85 24.16 -32.52
C PHE F 682 18.27 24.28 -31.08
N TRP F 683 19.38 24.97 -30.83
CA TRP F 683 19.90 25.01 -29.49
C TRP F 683 20.14 26.41 -28.97
N HIS F 684 19.88 26.62 -27.70
CA HIS F 684 20.20 27.89 -27.07
C HIS F 684 21.69 27.89 -26.82
N PRO F 685 22.41 29.00 -26.86
CA PRO F 685 23.82 29.11 -26.56
C PRO F 685 24.26 28.55 -25.21
N GLN F 686 23.38 28.60 -24.22
CA GLN F 686 23.72 28.13 -22.89
C GLN F 686 23.74 26.63 -22.75
N HIS F 687 24.82 26.15 -22.16
CA HIS F 687 25.02 24.74 -21.90
C HIS F 687 26.01 24.59 -20.77
N ASN F 688 26.03 23.42 -20.17
CA ASN F 688 26.96 23.10 -19.09
C ASN F 688 27.55 21.73 -19.18
N MET F 689 28.86 21.63 -19.21
CA MET F 689 29.46 20.31 -19.19
C MET F 689 29.99 20.07 -17.79
N VAL F 690 29.54 18.98 -17.20
CA VAL F 690 29.86 18.66 -15.84
C VAL F 690 30.63 17.36 -15.68
N VAL F 691 31.74 17.43 -14.95
CA VAL F 691 32.49 16.25 -14.61
C VAL F 691 31.88 15.78 -13.34
N LYS F 692 31.44 14.55 -13.28
CA LYS F 692 30.73 14.05 -12.14
C LYS F 692 31.53 13.16 -11.23
N GLU F 693 32.24 12.20 -11.78
CA GLU F 693 33.01 11.35 -10.88
C GLU F 693 34.12 10.57 -11.49
N ILE F 694 35.02 10.12 -10.62
CA ILE F 694 36.11 9.25 -11.00
C ILE F 694 35.86 7.84 -10.48
N GLU F 695 35.72 6.90 -11.39
CA GLU F 695 35.48 5.51 -11.04
C GLU F 695 36.80 4.76 -11.10
N ASN F 696 37.14 4.10 -9.99
CA ASN F 696 38.42 3.44 -9.87
C ASN F 696 39.36 4.52 -10.32
N VAL F 697 40.28 4.23 -11.21
CA VAL F 697 41.08 5.30 -11.73
C VAL F 697 41.04 5.22 -13.23
N ASN F 698 40.01 4.59 -13.80
CA ASN F 698 40.00 4.52 -15.25
C ASN F 698 38.85 5.23 -15.90
N LYS F 699 37.87 5.70 -15.16
CA LYS F 699 36.76 6.31 -15.87
C LYS F 699 36.28 7.63 -15.32
N ILE F 700 36.07 8.58 -16.21
CA ILE F 700 35.50 9.85 -15.83
C ILE F 700 34.10 9.89 -16.36
N LYS F 701 33.15 10.09 -15.48
CA LYS F 701 31.77 10.18 -15.89
C LYS F 701 31.46 11.63 -16.05
N MET F 702 30.86 11.98 -17.19
CA MET F 702 30.55 13.34 -17.57
C MET F 702 29.14 13.49 -18.12
N ALA F 703 28.60 14.70 -18.01
CA ALA F 703 27.31 14.94 -18.64
C ALA F 703 27.23 16.31 -19.28
N LEU F 704 26.62 16.34 -20.45
CA LEU F 704 26.38 17.56 -21.18
C LEU F 704 24.95 18.02 -21.14
N PHE F 705 24.73 19.18 -20.53
CA PHE F 705 23.42 19.76 -20.39
C PHE F 705 23.20 20.81 -21.44
N VAL F 706 22.14 20.64 -22.21
CA VAL F 706 21.78 21.57 -23.29
C VAL F 706 20.35 22.02 -23.21
N ASN F 707 20.03 23.07 -23.94
CA ASN F 707 18.70 23.63 -23.99
C ASN F 707 18.14 23.70 -25.40
N HIS F 708 16.99 23.10 -25.61
CA HIS F 708 16.32 23.08 -26.90
C HIS F 708 15.57 24.36 -27.10
N THR F 709 15.32 24.72 -28.35
CA THR F 709 14.55 25.91 -28.70
C THR F 709 13.05 25.64 -28.77
N ILE F 710 12.66 24.43 -28.44
CA ILE F 710 11.27 23.98 -28.43
C ILE F 710 10.90 23.28 -27.13
N ASN F 711 9.61 23.13 -26.87
CA ASN F 711 9.17 22.29 -25.77
C ASN F 711 9.05 20.90 -26.38
N PHE F 712 8.58 19.92 -25.65
CA PHE F 712 8.55 18.56 -26.20
C PHE F 712 7.22 18.06 -26.68
N GLN F 713 6.33 18.96 -27.04
CA GLN F 713 5.05 18.53 -27.59
C GLN F 713 5.28 17.74 -28.87
N ASP F 714 6.26 18.15 -29.68
CA ASP F 714 6.60 17.41 -30.88
C ASP F 714 7.77 16.54 -30.51
N PHE F 715 7.47 15.32 -30.12
CA PHE F 715 8.47 14.49 -29.52
C PHE F 715 9.44 14.00 -30.59
N ALA F 716 8.94 13.73 -31.78
CA ALA F 716 9.81 13.26 -32.83
C ALA F 716 10.85 14.30 -33.17
N GLU F 717 10.45 15.57 -33.18
CA GLU F 717 11.40 16.60 -33.52
C GLU F 717 12.46 16.71 -32.45
N LYS F 718 12.08 16.55 -31.19
CA LYS F 718 13.04 16.58 -30.12
C LYS F 718 14.13 15.54 -30.36
N ASN F 719 13.71 14.31 -30.67
CA ASN F 719 14.67 13.24 -30.87
C ASN F 719 15.52 13.43 -32.10
N ARG F 720 14.99 14.05 -33.14
CA ARG F 720 15.81 14.24 -34.31
C ARG F 720 16.95 15.19 -33.99
N ARG F 721 16.66 16.24 -33.23
CA ARG F 721 17.68 17.21 -32.91
C ARG F 721 18.71 16.63 -31.94
N ARG F 722 18.23 15.85 -30.98
CA ARG F 722 19.13 15.24 -30.02
C ARG F 722 20.05 14.26 -30.72
N SER F 723 19.51 13.50 -31.68
CA SER F 723 20.24 12.52 -32.43
C SER F 723 21.40 13.16 -33.16
N GLU F 724 21.17 14.33 -33.76
CA GLU F 724 22.27 15.01 -34.44
C GLU F 724 23.34 15.46 -33.43
N LEU F 725 22.94 15.91 -32.25
CA LEU F 725 23.91 16.31 -31.23
C LEU F 725 24.76 15.11 -30.80
N VAL F 726 24.14 13.93 -30.69
CA VAL F 726 24.89 12.74 -30.29
C VAL F 726 25.92 12.41 -31.35
N LEU F 727 25.54 12.48 -32.63
CA LEU F 727 26.51 12.21 -33.67
C LEU F 727 27.62 13.25 -33.68
N GLU F 728 27.34 14.49 -33.34
CA GLU F 728 28.40 15.47 -33.27
C GLU F 728 29.37 15.11 -32.15
N LEU F 729 28.85 14.65 -31.02
CA LEU F 729 29.71 14.29 -29.91
C LEU F 729 30.63 13.16 -30.34
N LYS F 730 30.09 12.19 -31.08
CA LYS F 730 30.86 11.07 -31.60
C LYS F 730 32.00 11.58 -32.46
N LYS F 731 31.69 12.49 -33.38
CA LYS F 731 32.68 13.06 -34.27
C LYS F 731 33.78 13.80 -33.54
N ILE F 732 33.41 14.55 -32.51
CA ILE F 732 34.40 15.28 -31.75
C ILE F 732 35.32 14.31 -31.06
N PHE F 733 34.79 13.26 -30.45
CA PHE F 733 35.66 12.32 -29.79
C PHE F 733 36.61 11.72 -30.79
N GLU F 734 36.13 11.41 -31.98
CA GLU F 734 37.04 10.81 -32.94
C GLU F 734 38.14 11.78 -33.37
N GLU F 735 37.80 13.03 -33.63
CA GLU F 735 38.79 14.01 -34.08
C GLU F 735 39.80 14.37 -33.00
N LEU F 736 39.37 14.39 -31.76
CA LEU F 736 40.24 14.74 -30.65
C LEU F 736 40.95 13.52 -30.09
N ASP F 737 40.71 12.35 -30.65
CA ASP F 737 41.28 11.11 -30.16
C ASP F 737 40.94 10.80 -28.71
N ILE F 738 39.67 10.93 -28.34
CA ILE F 738 39.20 10.60 -26.99
C ILE F 738 38.70 9.17 -26.96
N LYS F 739 39.26 8.37 -26.05
CA LYS F 739 38.96 6.95 -25.89
C LYS F 739 38.67 6.56 -24.48
N TYR F 740 38.14 5.34 -24.32
CA TYR F 740 37.96 4.70 -23.03
C TYR F 740 38.60 3.31 -23.01
N ASN F 741 39.47 3.04 -22.02
CA ASN F 741 40.09 1.73 -21.89
C ASN F 741 39.73 1.00 -20.60
N LEU F 742 39.73 -0.31 -20.70
CA LEU F 742 39.53 -1.20 -19.56
C LEU F 742 40.78 -1.29 -18.72
N LEU F 743 40.62 -1.53 -17.43
CA LEU F 743 41.78 -1.72 -16.58
C LEU F 743 42.51 -2.96 -17.05
N PRO F 744 43.85 -2.97 -17.06
CA PRO F 744 44.69 -4.07 -17.44
C PRO F 744 44.59 -5.19 -16.45
N GLN F 745 44.75 -6.40 -16.92
CA GLN F 745 44.69 -7.57 -16.08
C GLN F 745 46.00 -8.31 -15.98
N GLU F 746 46.45 -8.50 -14.75
CA GLU F 746 47.65 -9.24 -14.47
C GLU F 746 47.38 -10.72 -14.44
N ILE F 747 48.17 -11.46 -15.19
CA ILE F 747 48.07 -12.90 -15.32
C ILE F 747 49.29 -13.63 -14.82
N SER F 748 49.05 -14.65 -14.02
CA SER F 748 50.11 -15.49 -13.52
C SER F 748 49.93 -16.87 -14.09
N ILE F 749 50.84 -17.27 -14.95
CA ILE F 749 50.68 -18.55 -15.63
C ILE F 749 51.46 -19.63 -14.94
N ARG F 750 50.74 -20.64 -14.50
CA ARG F 750 51.35 -21.77 -13.80
C ARG F 750 51.45 -23.08 -14.62
N ASN F 751 51.04 -23.06 -15.92
CA ASN F 751 51.02 -24.19 -16.87
C ASN F 751 50.50 -25.49 -16.23
N ASN G 290 -73.61 0.78 0.56
CA ASN G 290 -74.19 1.69 1.55
C ASN G 290 -73.79 1.38 3.02
N GLN G 291 -73.15 0.22 3.29
CA GLN G 291 -72.72 -0.21 4.63
C GLN G 291 -71.43 0.54 5.06
N PRO G 292 -71.41 1.14 6.29
CA PRO G 292 -70.35 1.98 6.86
C PRO G 292 -68.94 1.48 6.80
N HIS G 293 -68.72 0.17 6.88
CA HIS G 293 -67.36 -0.27 6.80
C HIS G 293 -67.39 -1.66 6.23
N GLN G 294 -68.53 -2.29 6.43
CA GLN G 294 -68.66 -3.69 6.07
C GLN G 294 -68.47 -3.86 4.59
N THR G 295 -68.92 -2.88 3.84
CA THR G 295 -68.75 -2.89 2.40
C THR G 295 -67.82 -1.77 2.01
N ARG G 296 -67.91 -0.61 2.67
CA ARG G 296 -67.03 0.47 2.24
C ARG G 296 -65.55 0.10 2.26
N LYS G 297 -65.08 -0.61 3.29
CA LYS G 297 -63.68 -0.92 3.33
C LYS G 297 -63.32 -1.93 2.27
N ILE G 298 -64.24 -2.79 1.89
CA ILE G 298 -63.94 -3.75 0.86
C ILE G 298 -63.77 -3.02 -0.43
N LEU G 299 -64.67 -2.10 -0.69
CA LEU G 299 -64.56 -1.37 -1.92
C LEU G 299 -63.30 -0.54 -1.93
N GLU G 300 -62.89 0.05 -0.81
CA GLU G 300 -61.67 0.83 -0.78
C GLU G 300 -60.46 -0.05 -1.02
N PHE G 301 -60.45 -1.24 -0.44
CA PHE G 301 -59.35 -2.14 -0.65
C PHE G 301 -59.20 -2.45 -2.10
N VAL G 302 -60.30 -2.80 -2.74
CA VAL G 302 -60.28 -3.15 -4.13
C VAL G 302 -59.89 -1.97 -4.96
N THR G 303 -60.41 -0.80 -4.65
CA THR G 303 -60.10 0.34 -5.45
C THR G 303 -58.62 0.55 -5.48
N TRP G 304 -58.01 0.53 -4.32
CA TRP G 304 -56.62 0.82 -4.25
C TRP G 304 -55.71 -0.28 -4.71
N THR G 305 -56.15 -1.52 -4.59
CA THR G 305 -55.34 -2.60 -5.10
C THR G 305 -55.25 -2.46 -6.59
N ILE G 306 -56.36 -2.14 -7.23
CA ILE G 306 -56.34 -2.02 -8.66
C ILE G 306 -55.42 -0.87 -9.03
N VAL G 307 -55.49 0.24 -8.31
CA VAL G 307 -54.63 1.35 -8.62
C VAL G 307 -53.17 0.99 -8.47
N THR G 308 -52.82 0.28 -7.42
CA THR G 308 -51.42 -0.08 -7.27
C THR G 308 -50.97 -0.96 -8.41
N VAL G 309 -51.81 -1.87 -8.87
CA VAL G 309 -51.42 -2.69 -10.00
C VAL G 309 -51.16 -1.81 -11.19
N LEU G 310 -52.00 -0.81 -11.41
CA LEU G 310 -51.77 0.11 -12.50
C LEU G 310 -50.45 0.84 -12.36
N ILE G 311 -50.09 1.26 -11.15
CA ILE G 311 -48.81 1.95 -10.96
C ILE G 311 -47.70 1.03 -11.35
N GLY G 312 -47.80 -0.22 -10.93
CA GLY G 312 -46.81 -1.21 -11.24
C GLY G 312 -46.69 -1.40 -12.72
N ALA G 313 -47.80 -1.53 -13.43
CA ALA G 313 -47.74 -1.72 -14.87
C ALA G 313 -47.06 -0.54 -15.53
N PHE G 314 -47.33 0.65 -15.05
CA PHE G 314 -46.72 1.82 -15.62
C PHE G 314 -45.22 1.78 -15.48
N LEU G 315 -44.74 1.51 -14.27
CA LEU G 315 -43.32 1.51 -14.04
C LEU G 315 -42.67 0.42 -14.82
N TRP G 316 -43.36 -0.68 -14.99
CA TRP G 316 -42.83 -1.77 -15.76
C TRP G 316 -42.54 -1.28 -17.15
N LEU G 317 -43.47 -0.54 -17.77
CA LEU G 317 -43.22 -0.02 -19.10
C LEU G 317 -42.06 0.92 -19.15
N VAL G 318 -41.91 1.74 -18.13
CA VAL G 318 -40.81 2.66 -18.13
C VAL G 318 -39.50 1.89 -18.11
N LYS G 319 -39.44 0.89 -17.24
CA LYS G 319 -38.28 0.04 -17.11
C LYS G 319 -37.93 -0.62 -18.40
N THR G 320 -38.92 -1.17 -19.06
CA THR G 320 -38.70 -1.91 -20.27
C THR G 320 -38.18 -1.02 -21.35
N THR G 321 -38.77 0.14 -21.50
CA THR G 321 -38.35 1.03 -22.55
C THR G 321 -36.93 1.47 -22.33
N LEU G 322 -36.60 1.85 -21.11
CA LEU G 322 -35.27 2.34 -20.85
C LEU G 322 -34.22 1.28 -21.01
N LEU G 323 -34.48 0.06 -20.61
CA LEU G 323 -33.48 -0.97 -20.79
C LEU G 323 -33.28 -1.28 -22.26
N LYS G 324 -34.33 -1.19 -23.09
CA LYS G 324 -34.12 -1.39 -24.52
C LYS G 324 -33.24 -0.30 -25.09
N ILE G 325 -33.43 0.92 -24.62
CA ILE G 325 -32.61 2.02 -25.08
C ILE G 325 -31.17 1.77 -24.69
N LEU G 326 -30.93 1.33 -23.47
CA LEU G 326 -29.59 1.04 -23.01
C LEU G 326 -28.93 -0.02 -23.85
N ALA G 327 -29.67 -1.08 -24.15
CA ALA G 327 -29.16 -2.17 -24.94
C ALA G 327 -28.69 -1.72 -26.30
N SER G 328 -29.32 -0.70 -26.85
CA SER G 328 -28.94 -0.19 -28.15
C SER G 328 -27.47 0.23 -28.19
N SER G 329 -26.93 0.75 -27.09
CA SER G 329 -25.55 1.23 -27.06
C SER G 329 -24.55 0.08 -27.14
N PHE G 330 -25.02 -1.15 -26.95
CA PHE G 330 -24.19 -2.33 -26.99
C PHE G 330 -24.29 -3.01 -28.34
N HIS G 331 -24.99 -2.39 -29.28
CA HIS G 331 -25.01 -2.96 -30.59
C HIS G 331 -23.70 -2.65 -31.23
N LEU G 332 -23.08 -3.64 -31.84
CA LEU G 332 -21.80 -3.37 -32.45
C LEU G 332 -21.93 -3.32 -33.96
N ASN G 333 -21.22 -2.38 -34.57
CA ASN G 333 -21.26 -2.22 -36.01
C ASN G 333 -20.17 -3.02 -36.71
N ARG G 334 -19.41 -3.78 -35.94
CA ARG G 334 -18.34 -4.62 -36.46
C ARG G 334 -18.94 -5.78 -37.24
N PHE G 335 -20.22 -6.00 -37.02
CA PHE G 335 -20.96 -7.07 -37.65
C PHE G 335 -21.79 -6.54 -38.80
N PHE G 336 -21.63 -5.27 -39.18
CA PHE G 336 -22.47 -4.71 -40.23
C PHE G 336 -22.47 -5.53 -41.50
N ASP G 337 -21.30 -5.93 -41.96
CA ASP G 337 -21.22 -6.68 -43.19
C ASP G 337 -21.88 -8.05 -43.07
N ARG G 338 -21.79 -8.67 -41.88
CA ARG G 338 -22.39 -9.98 -41.67
C ARG G 338 -23.89 -9.86 -41.64
N ILE G 339 -24.38 -8.77 -41.08
CA ILE G 339 -25.80 -8.53 -41.00
C ILE G 339 -26.35 -8.34 -42.38
N GLN G 340 -25.69 -7.54 -43.21
CA GLN G 340 -26.22 -7.31 -44.53
C GLN G 340 -26.18 -8.57 -45.38
N GLU G 341 -25.14 -9.41 -45.22
CA GLU G 341 -25.10 -10.64 -45.99
C GLU G 341 -26.23 -11.57 -45.57
N SER G 342 -26.49 -11.68 -44.25
CA SER G 342 -27.55 -12.54 -43.78
C SER G 342 -28.92 -12.09 -44.27
N VAL G 343 -29.15 -10.78 -44.32
CA VAL G 343 -30.43 -10.27 -44.80
C VAL G 343 -30.65 -10.64 -46.25
N PHE G 344 -29.60 -10.49 -47.06
CA PHE G 344 -29.70 -10.88 -48.45
C PHE G 344 -30.04 -12.35 -48.63
N HIS G 345 -29.33 -13.22 -47.93
CA HIS G 345 -29.58 -14.63 -48.13
C HIS G 345 -30.95 -14.99 -47.58
N HIS G 346 -31.39 -14.30 -46.53
CA HIS G 346 -32.70 -14.55 -45.95
C HIS G 346 -33.77 -14.28 -46.98
N SER G 347 -33.66 -13.16 -47.69
CA SER G 347 -34.64 -12.83 -48.72
C SER G 347 -34.70 -13.93 -49.76
N VAL G 348 -33.53 -14.44 -50.18
CA VAL G 348 -33.52 -15.49 -51.19
C VAL G 348 -34.20 -16.75 -50.64
N LEU G 349 -33.91 -17.12 -49.40
CA LEU G 349 -34.53 -18.29 -48.81
C LEU G 349 -36.05 -18.18 -48.72
N GLN G 350 -36.57 -16.98 -48.47
CA GLN G 350 -38.01 -16.81 -48.34
C GLN G 350 -38.78 -16.70 -49.66
N THR G 351 -38.20 -16.07 -50.70
CA THR G 351 -38.98 -15.92 -51.94
C THR G 351 -38.49 -16.68 -53.17
N LEU G 352 -37.23 -17.10 -53.22
CA LEU G 352 -36.72 -17.75 -54.42
C LEU G 352 -36.40 -19.23 -54.22
N ALA G 353 -35.90 -19.57 -53.04
CA ALA G 353 -35.49 -20.95 -52.76
C ALA G 353 -36.72 -21.87 -52.67
N GLY G 354 -36.55 -23.15 -53.08
CA GLY G 354 -37.57 -24.18 -53.01
C GLY G 354 -36.96 -25.51 -53.43
N TRP G 507 -25.81 -24.73 -49.83
CA TRP G 507 -26.03 -23.30 -49.64
C TRP G 507 -27.03 -22.99 -48.51
N VAL G 508 -28.22 -23.66 -48.50
CA VAL G 508 -29.30 -23.38 -47.52
C VAL G 508 -28.88 -23.64 -46.09
N VAL G 509 -28.20 -24.75 -45.86
CA VAL G 509 -27.76 -25.07 -44.52
C VAL G 509 -26.75 -24.05 -44.04
N LYS G 510 -25.81 -23.67 -44.91
CA LYS G 510 -24.81 -22.70 -44.52
C LYS G 510 -25.46 -21.39 -44.14
N VAL G 511 -26.47 -20.96 -44.89
CA VAL G 511 -27.09 -19.69 -44.56
C VAL G 511 -27.76 -19.76 -43.21
N TYR G 512 -28.47 -20.83 -42.91
CA TYR G 512 -29.10 -20.87 -41.61
C TYR G 512 -28.09 -20.94 -40.47
N ASN G 513 -26.98 -21.67 -40.67
CA ASN G 513 -25.99 -21.74 -39.62
C ASN G 513 -25.28 -20.40 -39.40
N ASP G 514 -25.06 -19.63 -40.48
CA ASP G 514 -24.43 -18.34 -40.34
C ASP G 514 -25.36 -17.36 -39.65
N GLN G 515 -26.67 -17.47 -39.92
CA GLN G 515 -27.61 -16.57 -39.26
C GLN G 515 -27.62 -16.85 -37.77
N ALA G 516 -27.55 -18.14 -37.39
CA ALA G 516 -27.53 -18.46 -35.97
C ALA G 516 -26.27 -17.95 -35.30
N ALA G 517 -25.13 -18.08 -35.98
CA ALA G 517 -23.86 -17.65 -35.42
C ALA G 517 -23.86 -16.17 -35.15
N LEU G 518 -24.46 -15.41 -36.06
CA LEU G 518 -24.53 -13.98 -35.91
C LEU G 518 -25.45 -13.59 -34.77
N LYS G 519 -26.59 -14.24 -34.64
CA LYS G 519 -27.46 -13.87 -33.55
C LYS G 519 -26.74 -14.08 -32.22
N HIS G 520 -25.95 -15.15 -32.10
CA HIS G 520 -25.23 -15.37 -30.86
C HIS G 520 -24.15 -14.30 -30.66
N ALA G 521 -23.43 -13.94 -31.73
CA ALA G 521 -22.39 -12.94 -31.62
C ALA G 521 -22.92 -11.61 -31.13
N LEU G 522 -24.14 -11.28 -31.54
CA LEU G 522 -24.76 -10.05 -31.12
C LEU G 522 -25.26 -10.15 -29.69
N ASN G 523 -25.81 -11.30 -29.31
CA ASN G 523 -26.34 -11.49 -27.96
C ASN G 523 -25.24 -11.53 -26.91
N ASP G 524 -24.03 -11.90 -27.29
CA ASP G 524 -22.91 -11.94 -26.37
C ASP G 524 -22.63 -10.59 -25.75
N ASN G 525 -23.01 -9.48 -26.40
CA ASN G 525 -22.74 -8.19 -25.81
C ASN G 525 -23.92 -7.62 -25.04
N LYS G 526 -24.98 -8.40 -24.88
CA LYS G 526 -26.14 -7.93 -24.16
C LYS G 526 -26.39 -8.62 -22.85
N THR G 527 -25.50 -9.49 -22.42
CA THR G 527 -25.78 -10.22 -21.19
C THR G 527 -25.78 -9.30 -19.98
N ALA G 528 -24.97 -8.26 -19.98
CA ALA G 528 -24.94 -7.36 -18.86
C ALA G 528 -26.27 -6.64 -18.73
N VAL G 529 -26.92 -6.36 -19.85
CA VAL G 529 -28.19 -5.65 -19.79
C VAL G 529 -29.22 -6.57 -19.21
N LYS G 530 -29.20 -7.83 -19.61
CA LYS G 530 -30.14 -8.78 -19.06
C LYS G 530 -29.98 -8.90 -17.56
N GLN G 531 -28.74 -8.85 -17.09
CA GLN G 531 -28.49 -8.93 -15.66
C GLN G 531 -29.04 -7.72 -14.93
N LEU G 532 -28.94 -6.52 -15.53
CA LEU G 532 -29.58 -5.41 -14.86
C LEU G 532 -31.05 -5.60 -14.85
N ASN G 533 -31.61 -6.10 -15.94
CA ASN G 533 -33.03 -6.27 -15.96
C ASN G 533 -33.48 -7.10 -14.79
N LYS G 534 -32.79 -8.19 -14.50
CA LYS G 534 -33.20 -9.00 -13.37
C LYS G 534 -33.12 -8.26 -12.06
N LEU G 535 -32.06 -7.49 -11.87
CA LEU G 535 -31.88 -6.75 -10.63
C LEU G 535 -32.87 -5.63 -10.46
N VAL G 536 -33.10 -4.89 -11.52
CA VAL G 536 -33.99 -3.77 -11.48
C VAL G 536 -35.38 -4.26 -11.22
N THR G 537 -35.77 -5.35 -11.86
CA THR G 537 -37.08 -5.89 -11.66
C THR G 537 -37.24 -6.32 -10.24
N ALA G 538 -36.26 -7.00 -9.67
CA ALA G 538 -36.45 -7.43 -8.31
C ALA G 538 -36.68 -6.25 -7.39
N ILE G 539 -35.97 -5.17 -7.63
CA ILE G 539 -36.14 -3.98 -6.83
C ILE G 539 -37.52 -3.42 -7.05
N LEU G 540 -37.97 -3.35 -8.29
CA LEU G 540 -39.28 -2.83 -8.61
C LEU G 540 -40.38 -3.61 -7.95
N ILE G 541 -40.27 -4.93 -7.91
CA ILE G 541 -41.30 -5.72 -7.26
C ILE G 541 -41.37 -5.38 -5.82
N VAL G 542 -40.24 -5.27 -5.17
CA VAL G 542 -40.29 -4.93 -3.77
C VAL G 542 -40.90 -3.58 -3.58
N MET G 543 -40.54 -2.61 -4.40
CA MET G 543 -41.12 -1.31 -4.23
C MET G 543 -42.61 -1.37 -4.36
N MET G 544 -43.12 -2.15 -5.31
CA MET G 544 -44.55 -2.21 -5.48
C MET G 544 -45.26 -2.88 -4.34
N ILE G 545 -44.61 -3.83 -3.67
CA ILE G 545 -45.25 -4.45 -2.53
C ILE G 545 -45.41 -3.42 -1.46
N VAL G 546 -44.36 -2.67 -1.22
CA VAL G 546 -44.44 -1.68 -0.19
C VAL G 546 -45.47 -0.63 -0.54
N ILE G 547 -45.51 -0.20 -1.80
CA ILE G 547 -46.49 0.78 -2.21
C ILE G 547 -47.86 0.25 -1.99
N TRP G 548 -48.13 -0.98 -2.35
CA TRP G 548 -49.44 -1.55 -2.13
C TRP G 548 -49.85 -1.53 -0.68
N LEU G 549 -48.96 -1.92 0.20
CA LEU G 549 -49.34 -1.94 1.59
C LEU G 549 -49.69 -0.55 2.10
N ILE G 550 -48.93 0.45 1.67
CA ILE G 550 -49.20 1.81 2.10
C ILE G 550 -50.46 2.40 1.46
N VAL G 551 -50.59 2.26 0.16
CA VAL G 551 -51.68 2.84 -0.62
C VAL G 551 -53.06 2.31 -0.27
N THR G 552 -53.18 1.01 -0.02
CA THR G 552 -54.48 0.48 0.35
C THR G 552 -54.79 0.75 1.81
N GLY G 553 -53.83 1.30 2.56
CA GLY G 553 -54.05 1.61 3.96
C GLY G 553 -54.09 0.39 4.84
N ILE G 554 -53.32 -0.64 4.52
CA ILE G 554 -53.42 -1.84 5.34
C ILE G 554 -52.20 -2.02 6.19
N ALA G 555 -51.40 -0.99 6.21
CA ALA G 555 -50.20 -0.98 6.98
C ALA G 555 -50.33 0.02 8.11
N THR G 556 -50.32 -0.49 9.32
CA THR G 556 -50.40 0.35 10.47
C THR G 556 -49.08 1.04 10.60
N THR G 557 -49.08 2.25 11.13
CA THR G 557 -47.86 2.99 11.23
C THR G 557 -46.78 2.42 12.11
N LYS G 558 -47.12 1.67 13.13
CA LYS G 558 -46.02 1.09 13.89
C LYS G 558 -45.20 0.07 13.08
N LEU G 559 -45.83 -0.58 12.11
CA LEU G 559 -45.12 -1.57 11.33
C LEU G 559 -44.42 -0.86 10.21
N ILE G 560 -44.98 0.27 9.77
CA ILE G 560 -44.31 1.02 8.72
C ILE G 560 -43.02 1.52 9.31
N VAL G 561 -43.09 2.02 10.53
CA VAL G 561 -41.91 2.52 11.17
C VAL G 561 -40.91 1.43 11.40
N LEU G 562 -41.35 0.28 11.87
CA LEU G 562 -40.43 -0.78 12.13
C LEU G 562 -39.73 -1.26 10.86
N LEU G 563 -40.45 -1.34 9.75
CA LEU G 563 -39.85 -1.74 8.49
C LEU G 563 -38.77 -0.76 8.11
N SER G 564 -39.07 0.54 8.18
CA SER G 564 -38.11 1.53 7.78
C SER G 564 -36.89 1.48 8.68
N SER G 565 -37.09 1.21 9.95
CA SER G 565 -35.99 1.14 10.89
C SER G 565 -35.01 0.06 10.49
N GLN G 566 -35.54 -1.10 10.10
CA GLN G 566 -34.65 -2.18 9.69
C GLN G 566 -33.95 -1.91 8.37
N LEU G 567 -34.55 -1.13 7.48
CA LEU G 567 -33.86 -0.82 6.24
C LEU G 567 -32.65 -0.01 6.55
N VAL G 568 -32.77 0.87 7.53
CA VAL G 568 -31.64 1.69 7.92
C VAL G 568 -30.54 0.82 8.48
N VAL G 569 -30.88 -0.15 9.31
CA VAL G 569 -29.86 -1.01 9.85
C VAL G 569 -29.21 -1.82 8.75
N ALA G 570 -29.99 -2.37 7.84
CA ALA G 570 -29.42 -3.12 6.77
C ALA G 570 -28.50 -2.27 5.96
N ALA G 571 -28.82 -1.01 5.77
CA ALA G 571 -27.94 -0.16 5.02
C ALA G 571 -26.63 -0.01 5.74
N PHE G 572 -26.69 0.17 7.03
CA PHE G 572 -25.50 0.35 7.80
C PHE G 572 -24.55 -0.81 7.62
N ILE G 573 -25.11 -2.00 7.68
CA ILE G 573 -24.33 -3.22 7.58
C ILE G 573 -23.90 -3.61 6.15
N PHE G 574 -24.81 -3.56 5.16
CA PHE G 574 -24.50 -4.03 3.82
C PHE G 574 -24.36 -2.94 2.76
N GLY G 575 -24.39 -1.69 3.15
CA GLY G 575 -24.31 -0.61 2.19
C GLY G 575 -23.07 -0.66 1.37
N ASN G 576 -21.98 -1.13 1.93
CA ASN G 576 -20.75 -1.18 1.19
C ASN G 576 -20.74 -2.23 0.08
N THR G 577 -21.57 -3.25 0.18
CA THR G 577 -21.51 -4.24 -0.88
C THR G 577 -22.39 -3.74 -1.99
N CYS G 578 -23.43 -2.99 -1.60
CA CYS G 578 -24.33 -2.42 -2.58
C CYS G 578 -23.63 -1.34 -3.35
N LYS G 579 -22.76 -0.60 -2.67
CA LYS G 579 -21.98 0.43 -3.29
C LYS G 579 -21.14 -0.17 -4.37
N THR G 580 -20.48 -1.30 -4.06
CA THR G 580 -19.62 -1.97 -5.02
C THR G 580 -20.37 -2.42 -6.24
N ILE G 581 -21.54 -2.97 -6.05
CA ILE G 581 -22.31 -3.42 -7.17
C ILE G 581 -22.66 -2.25 -8.05
N PHE G 582 -23.09 -1.16 -7.46
CA PHE G 582 -23.44 0.01 -8.21
C PHE G 582 -22.27 0.56 -8.97
N GLU G 583 -21.12 0.65 -8.34
CA GLU G 583 -19.96 1.16 -9.02
C GLU G 583 -19.64 0.31 -10.23
N ALA G 584 -19.77 -1.02 -10.11
CA ALA G 584 -19.54 -1.93 -11.21
C ALA G 584 -20.50 -1.67 -12.35
N ILE G 585 -21.74 -1.29 -12.03
CA ILE G 585 -22.72 -0.98 -13.04
C ILE G 585 -22.28 0.23 -13.81
N ILE G 586 -21.78 1.24 -13.13
CA ILE G 586 -21.33 2.43 -13.83
C ILE G 586 -20.14 2.09 -14.71
N PHE G 587 -19.22 1.28 -14.24
CA PHE G 587 -18.09 0.89 -15.07
C PHE G 587 -18.56 0.24 -16.37
N VAL G 588 -19.46 -0.73 -16.27
CA VAL G 588 -19.92 -1.44 -17.44
C VAL G 588 -20.77 -0.63 -18.41
N PHE G 589 -21.71 0.16 -17.89
CA PHE G 589 -22.61 0.86 -18.79
C PHE G 589 -22.31 2.31 -19.08
N VAL G 590 -21.51 2.96 -18.27
CA VAL G 590 -21.24 4.36 -18.50
C VAL G 590 -19.83 4.54 -19.02
N MET G 591 -18.85 3.99 -18.31
CA MET G 591 -17.48 4.17 -18.74
C MET G 591 -17.23 3.35 -19.99
N HIS G 592 -17.66 2.09 -19.97
CA HIS G 592 -17.60 1.19 -21.11
C HIS G 592 -16.30 1.15 -21.90
N PRO G 593 -15.17 0.79 -21.27
CA PRO G 593 -13.85 0.74 -21.87
C PRO G 593 -13.62 -0.33 -22.93
N PHE G 594 -14.46 -1.36 -22.98
CA PHE G 594 -14.29 -2.45 -23.94
C PHE G 594 -15.54 -3.24 -24.21
N ASP G 595 -15.53 -3.99 -25.32
CA ASP G 595 -16.60 -4.92 -25.65
C ASP G 595 -16.09 -6.35 -25.80
N VAL G 596 -17.00 -7.28 -26.07
CA VAL G 596 -16.59 -8.66 -26.19
C VAL G 596 -15.89 -8.86 -27.50
N GLY G 597 -14.72 -9.49 -27.43
CA GLY G 597 -13.88 -9.74 -28.58
C GLY G 597 -12.73 -8.75 -28.70
N ASP G 598 -12.72 -7.69 -27.92
CA ASP G 598 -11.62 -6.74 -28.00
C ASP G 598 -10.39 -7.23 -27.27
N ARG G 599 -9.20 -6.89 -27.75
CA ARG G 599 -8.01 -7.15 -26.96
C ARG G 599 -7.66 -5.95 -26.15
N CYS G 600 -7.58 -6.14 -24.86
CA CYS G 600 -7.32 -5.10 -23.91
C CYS G 600 -6.01 -5.30 -23.17
N VAL G 601 -5.43 -4.23 -22.66
CA VAL G 601 -4.21 -4.39 -21.89
C VAL G 601 -4.41 -3.96 -20.47
N ILE G 602 -4.28 -4.90 -19.57
CA ILE G 602 -4.44 -4.61 -18.16
C ILE G 602 -3.17 -5.02 -17.43
N ASP G 603 -2.49 -4.07 -16.83
CA ASP G 603 -1.22 -4.32 -16.14
C ASP G 603 -0.21 -5.02 -17.02
N GLY G 604 -0.16 -4.67 -18.29
CA GLY G 604 0.78 -5.25 -19.22
C GLY G 604 0.32 -6.55 -19.85
N ASN G 605 -0.80 -7.09 -19.41
CA ASN G 605 -1.31 -8.35 -19.91
C ASN G 605 -2.24 -8.13 -21.06
N LYS G 606 -1.91 -8.68 -22.19
CA LYS G 606 -2.73 -8.52 -23.36
C LYS G 606 -3.75 -9.62 -23.34
N MET G 607 -5.00 -9.26 -23.14
CA MET G 607 -6.05 -10.25 -22.97
C MET G 607 -7.26 -9.99 -23.84
N LEU G 608 -7.91 -11.04 -24.25
CA LEU G 608 -9.10 -10.90 -25.07
C LEU G 608 -10.34 -10.96 -24.18
N VAL G 609 -11.28 -10.05 -24.37
CA VAL G 609 -12.47 -10.09 -23.54
C VAL G 609 -13.42 -11.14 -24.05
N GLU G 610 -13.78 -12.09 -23.21
CA GLU G 610 -14.68 -13.14 -23.64
C GLU G 610 -16.09 -12.86 -23.20
N GLU G 611 -16.23 -12.33 -22.01
CA GLU G 611 -17.56 -12.12 -21.48
C GLU G 611 -17.63 -10.94 -20.53
N MET G 612 -18.70 -10.19 -20.60
CA MET G 612 -18.89 -9.09 -19.67
C MET G 612 -20.09 -9.34 -18.82
N ASN G 613 -19.97 -9.07 -17.55
CA ASN G 613 -21.09 -9.24 -16.67
C ASN G 613 -21.11 -8.06 -15.74
N ILE G 614 -22.07 -8.00 -14.85
CA ILE G 614 -22.08 -6.86 -13.95
C ILE G 614 -20.96 -6.94 -12.93
N LEU G 615 -20.74 -8.10 -12.33
CA LEU G 615 -19.73 -8.17 -11.29
C LEU G 615 -18.35 -8.56 -11.75
N THR G 616 -18.24 -9.18 -12.90
CA THR G 616 -16.95 -9.67 -13.35
C THR G 616 -16.78 -9.60 -14.84
N THR G 617 -15.53 -9.54 -15.28
CA THR G 617 -15.18 -9.60 -16.68
C THR G 617 -14.30 -10.82 -16.90
N VAL G 618 -14.61 -11.60 -17.90
CA VAL G 618 -13.86 -12.80 -18.18
C VAL G 618 -12.99 -12.57 -19.38
N PHE G 619 -11.70 -12.80 -19.21
CA PHE G 619 -10.71 -12.60 -20.25
C PHE G 619 -9.90 -13.84 -20.58
N LEU G 620 -9.37 -13.90 -21.79
CA LEU G 620 -8.44 -14.96 -22.15
C LEU G 620 -7.05 -14.39 -22.35
N LYS G 621 -6.07 -15.01 -21.71
CA LYS G 621 -4.70 -14.56 -21.86
C LYS G 621 -4.12 -15.04 -23.17
N TRP G 622 -2.91 -14.65 -23.51
CA TRP G 622 -2.34 -15.08 -24.78
C TRP G 622 -2.29 -16.60 -24.96
N ASP G 623 -2.20 -17.36 -23.85
CA ASP G 623 -2.14 -18.80 -23.92
C ASP G 623 -3.51 -19.40 -23.72
N LYS G 624 -4.54 -18.57 -23.76
CA LYS G 624 -5.94 -18.89 -23.61
C LYS G 624 -6.36 -19.33 -22.23
N GLU G 625 -5.57 -19.05 -21.22
CA GLU G 625 -6.06 -19.29 -19.87
C GLU G 625 -7.22 -18.35 -19.63
N LYS G 626 -8.29 -18.86 -19.08
CA LYS G 626 -9.44 -18.05 -18.73
C LYS G 626 -9.25 -17.44 -17.38
N VAL G 627 -9.43 -16.13 -17.31
CA VAL G 627 -9.24 -15.34 -16.10
C VAL G 627 -10.43 -14.49 -15.73
N TYR G 628 -10.83 -14.58 -14.48
CA TYR G 628 -11.95 -13.81 -13.99
C TYR G 628 -11.52 -12.61 -13.14
N TYR G 629 -11.80 -11.40 -13.63
CA TYR G 629 -11.49 -10.16 -12.91
C TYR G 629 -12.71 -9.56 -12.29
N PRO G 630 -12.70 -9.20 -11.01
CA PRO G 630 -13.80 -8.50 -10.44
C PRO G 630 -13.89 -7.13 -11.10
N ASN G 631 -15.08 -6.65 -11.36
CA ASN G 631 -15.20 -5.31 -11.93
C ASN G 631 -14.82 -4.28 -10.90
N SER G 632 -14.96 -4.61 -9.63
CA SER G 632 -14.60 -3.74 -8.54
C SER G 632 -13.11 -3.43 -8.51
N ILE G 633 -12.32 -4.21 -9.22
CA ILE G 633 -10.90 -4.00 -9.35
C ILE G 633 -10.62 -3.29 -10.67
N LEU G 634 -11.28 -3.70 -11.75
CA LEU G 634 -11.01 -3.06 -13.05
C LEU G 634 -11.37 -1.60 -13.04
N CYS G 635 -12.33 -1.21 -12.21
CA CYS G 635 -12.76 0.17 -12.09
C CYS G 635 -11.65 1.14 -11.75
N THR G 636 -10.53 0.67 -11.20
CA THR G 636 -9.45 1.55 -10.79
C THR G 636 -8.22 1.39 -11.63
N LYS G 637 -8.30 0.68 -12.75
CA LYS G 637 -7.13 0.50 -13.57
C LYS G 637 -7.23 1.20 -14.88
N ALA G 638 -6.08 1.55 -15.44
CA ALA G 638 -6.05 2.13 -16.75
C ALA G 638 -6.08 0.98 -17.74
N ILE G 639 -7.01 1.01 -18.68
CA ILE G 639 -7.19 -0.11 -19.58
C ILE G 639 -6.93 0.23 -21.04
N GLY G 640 -5.98 -0.48 -21.65
CA GLY G 640 -5.70 -0.25 -23.06
C GLY G 640 -6.73 -1.02 -23.87
N ASN G 641 -7.07 -0.56 -25.05
CA ASN G 641 -7.98 -1.28 -25.94
C ASN G 641 -7.49 -1.17 -27.36
N PHE G 642 -6.99 -2.28 -27.88
CA PHE G 642 -6.39 -2.32 -29.21
C PHE G 642 -7.40 -2.23 -30.31
N PHE G 643 -8.62 -2.69 -30.06
CA PHE G 643 -9.64 -2.72 -31.09
C PHE G 643 -9.96 -1.33 -31.55
N ARG G 644 -10.05 -0.44 -30.59
CA ARG G 644 -10.44 0.94 -30.80
C ARG G 644 -9.27 1.83 -31.17
N SER G 645 -8.09 1.27 -31.25
CA SER G 645 -6.90 2.04 -31.53
C SER G 645 -6.72 2.31 -33.02
N PRO G 646 -6.09 3.42 -33.39
CA PRO G 646 -5.70 3.76 -34.72
C PRO G 646 -4.51 2.93 -35.08
N ASP G 647 -4.02 3.02 -36.30
CA ASP G 647 -2.86 2.23 -36.67
C ASP G 647 -1.78 2.45 -35.64
N GLN G 648 -1.19 1.36 -35.17
CA GLN G 648 -0.20 1.41 -34.13
C GLN G 648 1.23 1.40 -34.61
N GLY G 649 2.14 1.89 -33.79
CA GLY G 649 3.55 1.90 -34.18
C GLY G 649 4.37 0.87 -33.43
N ASP G 650 5.67 0.86 -33.70
CA ASP G 650 6.58 -0.09 -33.07
C ASP G 650 8.02 0.40 -33.02
N VAL G 651 8.90 -0.36 -32.35
CA VAL G 651 10.32 -0.03 -32.24
C VAL G 651 11.26 -1.21 -32.35
N LEU G 652 12.31 -1.05 -33.13
CA LEU G 652 13.41 -2.00 -33.22
C LEU G 652 14.68 -1.40 -32.65
N GLU G 653 15.11 -1.86 -31.49
CA GLU G 653 16.32 -1.28 -30.90
C GLU G 653 17.52 -2.13 -31.25
N PHE G 654 18.65 -1.48 -31.44
CA PHE G 654 19.87 -2.16 -31.79
C PHE G 654 21.09 -1.35 -31.41
N SER G 655 22.27 -1.94 -31.52
CA SER G 655 23.47 -1.20 -31.23
C SER G 655 24.56 -1.57 -32.20
N VAL G 656 25.44 -0.62 -32.44
CA VAL G 656 26.57 -0.80 -33.34
C VAL G 656 27.87 -0.31 -32.72
N ASP G 657 29.01 -0.70 -33.29
CA ASP G 657 30.31 -0.22 -32.83
C ASP G 657 30.44 1.30 -32.96
N PHE G 658 31.04 1.93 -31.97
CA PHE G 658 31.34 3.36 -31.95
C PHE G 658 32.05 3.81 -33.21
N THR G 659 32.94 2.98 -33.73
CA THR G 659 33.75 3.34 -34.87
C THR G 659 33.04 3.20 -36.20
N THR G 660 31.78 2.76 -36.22
CA THR G 660 31.05 2.64 -37.46
C THR G 660 31.07 4.02 -38.10
N PRO G 661 31.53 4.18 -39.34
CA PRO G 661 31.57 5.43 -40.04
C PRO G 661 30.20 6.02 -40.11
N VAL G 662 30.10 7.33 -40.06
CA VAL G 662 28.80 7.97 -40.14
C VAL G 662 28.15 7.71 -41.48
N LEU G 663 28.98 7.41 -42.48
CA LEU G 663 28.49 7.08 -43.79
C LEU G 663 27.76 5.76 -43.77
N LYS G 664 28.15 4.81 -42.91
CA LYS G 664 27.45 3.54 -42.87
C LYS G 664 26.13 3.78 -42.18
N ILE G 665 26.12 4.72 -41.25
CA ILE G 665 24.88 5.05 -40.58
C ILE G 665 23.95 5.65 -41.64
N GLY G 666 24.48 6.54 -42.49
CA GLY G 666 23.69 7.11 -43.57
C GLY G 666 23.17 6.05 -44.54
N ASP G 667 24.00 5.04 -44.85
CA ASP G 667 23.56 3.98 -45.74
C ASP G 667 22.51 3.14 -45.09
N LEU G 668 22.61 2.92 -43.79
CA LEU G 668 21.64 2.14 -43.06
C LEU G 668 20.30 2.84 -43.16
N LYS G 669 20.29 4.16 -42.97
CA LYS G 669 19.03 4.89 -43.07
C LYS G 669 18.42 4.79 -44.47
N ASP G 670 19.23 4.87 -45.53
CA ASP G 670 18.66 4.77 -46.86
C ASP G 670 18.17 3.38 -47.18
N ARG G 671 18.86 2.37 -46.72
CA ARG G 671 18.44 1.02 -47.01
C ARG G 671 17.13 0.72 -46.32
N ILE G 672 16.95 1.21 -45.10
CA ILE G 672 15.72 0.99 -44.40
C ILE G 672 14.60 1.70 -45.09
N LYS G 673 14.82 2.94 -45.51
CA LYS G 673 13.80 3.65 -46.21
C LYS G 673 13.33 2.88 -47.44
N MET G 674 14.28 2.35 -48.22
CA MET G 674 13.86 1.61 -49.39
C MET G 674 13.07 0.38 -49.04
N TYR G 675 13.44 -0.31 -47.99
CA TYR G 675 12.66 -1.48 -47.60
C TYR G 675 11.24 -1.10 -47.27
N LEU G 676 11.07 -0.09 -46.43
CA LEU G 676 9.74 0.24 -45.96
C LEU G 676 8.87 0.69 -47.12
N GLU G 677 9.45 1.40 -48.10
CA GLU G 677 8.69 1.89 -49.24
C GLU G 677 8.32 0.82 -50.24
N GLN G 678 8.88 -0.36 -50.13
CA GLN G 678 8.58 -1.45 -51.03
C GLN G 678 7.56 -2.38 -50.40
N ASN G 679 7.17 -2.06 -49.19
CA ASN G 679 6.25 -2.87 -48.43
C ASN G 679 5.18 -2.01 -47.83
N LEU G 680 4.48 -1.26 -48.68
CA LEU G 680 3.52 -0.28 -48.20
C LEU G 680 2.23 -0.88 -47.76
N ASN G 681 2.06 -2.16 -47.97
CA ASN G 681 0.88 -2.79 -47.47
C ASN G 681 1.05 -3.05 -45.99
N PHE G 682 2.30 -3.03 -45.51
CA PHE G 682 2.62 -3.29 -44.13
C PHE G 682 3.06 -2.08 -43.37
N TRP G 683 3.77 -1.18 -44.04
CA TRP G 683 4.35 -0.07 -43.32
C TRP G 683 4.01 1.28 -43.94
N HIS G 684 3.82 2.27 -43.10
CA HIS G 684 3.62 3.61 -43.56
C HIS G 684 4.98 4.16 -43.93
N PRO G 685 5.14 5.03 -44.91
CA PRO G 685 6.39 5.66 -45.28
C PRO G 685 7.15 6.37 -44.16
N GLN G 686 6.42 6.88 -43.17
CA GLN G 686 7.05 7.61 -42.09
C GLN G 686 7.69 6.72 -41.05
N HIS G 687 8.93 7.06 -40.72
CA HIS G 687 9.72 6.35 -39.75
C HIS G 687 10.80 7.28 -39.26
N ASN G 688 11.41 6.96 -38.14
CA ASN G 688 12.50 7.76 -37.63
C ASN G 688 13.60 6.93 -37.05
N MET G 689 14.84 7.23 -37.40
CA MET G 689 15.93 6.53 -36.75
C MET G 689 16.64 7.48 -35.83
N VAL G 690 16.77 7.06 -34.59
CA VAL G 690 17.31 7.87 -33.54
C VAL G 690 18.59 7.33 -32.95
N VAL G 691 19.61 8.17 -32.90
CA VAL G 691 20.85 7.81 -32.24
C VAL G 691 20.66 8.31 -30.84
N LYS G 692 20.80 7.43 -29.88
CA LYS G 692 20.52 7.82 -28.51
C LYS G 692 21.70 8.00 -27.60
N GLU G 693 22.68 7.14 -27.73
CA GLU G 693 23.72 7.18 -26.73
C GLU G 693 25.06 6.63 -27.13
N ILE G 694 26.11 7.21 -26.58
CA ILE G 694 27.43 6.65 -26.73
C ILE G 694 27.86 6.06 -25.40
N GLU G 695 27.98 4.74 -25.36
CA GLU G 695 28.37 4.05 -24.15
C GLU G 695 29.87 3.85 -24.20
N ASN G 696 30.56 4.22 -23.12
CA ASN G 696 32.00 4.21 -23.09
C ASN G 696 32.37 4.94 -24.35
N VAL G 697 33.29 4.45 -25.13
CA VAL G 697 33.52 5.06 -26.40
C VAL G 697 33.52 3.85 -27.32
N ASN G 698 32.63 2.91 -27.01
CA ASN G 698 32.54 1.64 -27.70
C ASN G 698 31.22 1.35 -28.39
N LYS G 699 30.13 1.90 -27.90
CA LYS G 699 28.85 1.49 -28.46
C LYS G 699 27.87 2.60 -28.75
N ILE G 700 27.23 2.54 -29.90
CA ILE G 700 26.20 3.50 -30.23
C ILE G 700 24.87 2.82 -30.09
N LYS G 701 24.01 3.34 -29.25
CA LYS G 701 22.69 2.78 -29.06
C LYS G 701 21.77 3.52 -29.98
N MET G 702 21.00 2.77 -30.76
CA MET G 702 20.11 3.29 -31.78
C MET G 702 18.73 2.67 -31.75
N ALA G 703 17.73 3.40 -32.23
CA ALA G 703 16.42 2.81 -32.37
C ALA G 703 15.71 3.24 -33.60
N LEU G 704 15.02 2.29 -34.21
CA LEU G 704 14.19 2.51 -35.36
C LEU G 704 12.72 2.50 -35.03
N PHE G 705 12.07 3.62 -35.29
CA PHE G 705 10.65 3.79 -35.02
C PHE G 705 9.87 3.68 -36.32
N VAL G 706 8.93 2.75 -36.35
CA VAL G 706 8.11 2.50 -37.53
C VAL G 706 6.63 2.52 -37.25
N ASN G 707 5.85 2.63 -38.31
CA ASN G 707 4.41 2.66 -38.22
C ASN G 707 3.73 1.58 -39.04
N HIS G 708 2.93 0.76 -38.38
CA HIS G 708 2.22 -0.34 -39.02
C HIS G 708 0.98 0.19 -39.68
N THR G 709 0.48 -0.53 -40.68
CA THR G 709 -0.77 -0.18 -41.37
C THR G 709 -2.00 -0.78 -40.71
N ILE G 710 -1.80 -1.44 -39.58
CA ILE G 710 -2.86 -2.04 -38.80
C ILE G 710 -2.79 -1.63 -37.33
N ASN G 711 -3.88 -1.81 -36.61
CA ASN G 711 -3.82 -1.65 -35.18
C ASN G 711 -3.40 -3.02 -34.69
N PHE G 712 -3.34 -3.24 -33.40
CA PHE G 712 -2.84 -4.54 -32.94
C PHE G 712 -3.89 -5.48 -32.44
N GLN G 713 -5.09 -5.40 -32.95
CA GLN G 713 -6.07 -6.38 -32.55
C GLN G 713 -5.60 -7.79 -32.95
N ASP G 714 -4.87 -7.92 -34.06
CA ASP G 714 -4.34 -9.21 -34.45
C ASP G 714 -2.84 -9.30 -34.19
N PHE G 715 -2.46 -9.92 -33.08
CA PHE G 715 -1.06 -9.98 -32.68
C PHE G 715 -0.23 -10.90 -33.51
N ALA G 716 -0.78 -11.99 -33.97
CA ALA G 716 0.06 -12.86 -34.76
C ALA G 716 0.47 -12.13 -36.00
N GLU G 717 -0.44 -11.35 -36.58
CA GLU G 717 -0.09 -10.66 -37.79
C GLU G 717 0.91 -9.57 -37.53
N LYS G 718 0.77 -8.87 -36.41
CA LYS G 718 1.71 -7.82 -36.08
C LYS G 718 3.11 -8.39 -36.01
N ASN G 719 3.26 -9.52 -35.33
CA ASN G 719 4.55 -10.14 -35.17
C ASN G 719 5.11 -10.70 -36.44
N ARG G 720 4.28 -11.15 -37.36
CA ARG G 720 4.85 -11.64 -38.60
C ARG G 720 5.50 -10.49 -39.34
N ARG G 721 4.82 -9.35 -39.35
CA ARG G 721 5.33 -8.22 -40.09
C ARG G 721 6.59 -7.68 -39.44
N ARG G 722 6.60 -7.67 -38.11
CA ARG G 722 7.75 -7.18 -37.39
C ARG G 722 8.93 -8.10 -37.62
N SER G 723 8.71 -9.42 -37.65
CA SER G 723 9.79 -10.37 -37.87
C SER G 723 10.46 -10.15 -39.19
N GLU G 724 9.69 -9.84 -40.23
CA GLU G 724 10.32 -9.60 -41.51
C GLU G 724 11.18 -8.36 -41.45
N LEU G 725 10.75 -7.32 -40.74
CA LEU G 725 11.56 -6.12 -40.61
C LEU G 725 12.84 -6.40 -39.83
N VAL G 726 12.77 -7.24 -38.80
CA VAL G 726 13.95 -7.56 -38.03
C VAL G 726 14.95 -8.30 -38.91
N LEU G 727 14.47 -9.25 -39.72
CA LEU G 727 15.39 -9.94 -40.62
C LEU G 727 15.93 -9.03 -41.71
N GLU G 728 15.16 -8.03 -42.15
CA GLU G 728 15.72 -7.12 -43.13
C GLU G 728 16.84 -6.33 -42.49
N LEU G 729 16.69 -5.94 -41.23
CA LEU G 729 17.73 -5.18 -40.57
C LEU G 729 18.99 -6.04 -40.50
N LYS G 730 18.83 -7.34 -40.22
CA LYS G 730 19.94 -8.27 -40.19
C LYS G 730 20.68 -8.25 -41.51
N LYS G 731 19.93 -8.37 -42.61
CA LYS G 731 20.49 -8.37 -43.95
C LYS G 731 21.25 -7.11 -44.27
N ILE G 732 20.70 -5.96 -43.88
CA ILE G 732 21.35 -4.70 -44.15
C ILE G 732 22.65 -4.63 -43.40
N PHE G 733 22.67 -5.03 -42.14
CA PHE G 733 23.92 -4.98 -41.41
C PHE G 733 24.95 -5.85 -42.08
N GLU G 734 24.57 -7.02 -42.55
CA GLU G 734 25.56 -7.85 -43.20
C GLU G 734 26.10 -7.23 -44.49
N GLU G 735 25.22 -6.69 -45.32
CA GLU G 735 25.63 -6.13 -46.60
C GLU G 735 26.48 -4.88 -46.47
N LEU G 736 26.21 -4.08 -45.46
CA LEU G 736 26.95 -2.85 -45.23
C LEU G 736 28.15 -3.09 -44.33
N ASP G 737 28.37 -4.34 -43.90
CA ASP G 737 29.43 -4.69 -42.98
C ASP G 737 29.42 -3.90 -41.67
N ILE G 738 28.25 -3.83 -41.03
CA ILE G 738 28.11 -3.17 -39.74
C ILE G 738 28.28 -4.17 -38.61
N LYS G 739 29.20 -3.87 -37.71
CA LYS G 739 29.56 -4.74 -36.60
C LYS G 739 29.58 -4.06 -35.27
N TYR G 740 29.63 -4.87 -34.22
CA TYR G 740 29.85 -4.50 -32.83
C TYR G 740 31.03 -5.29 -32.30
N ASN G 741 31.95 -4.64 -31.60
CA ASN G 741 33.11 -5.30 -31.02
C ASN G 741 33.25 -4.96 -29.55
N LEU G 742 33.81 -5.88 -28.80
CA LEU G 742 34.11 -5.67 -27.39
C LEU G 742 35.37 -4.83 -27.22
N LEU G 743 35.43 -4.06 -26.14
CA LEU G 743 36.64 -3.30 -25.85
C LEU G 743 37.83 -4.23 -25.66
N PRO G 744 39.02 -3.91 -26.21
CA PRO G 744 40.26 -4.64 -26.07
C PRO G 744 40.69 -4.75 -24.63
N GLN G 745 41.26 -5.89 -24.29
CA GLN G 745 41.74 -6.11 -22.93
C GLN G 745 43.23 -6.25 -22.90
N GLU G 746 43.88 -5.39 -22.15
CA GLU G 746 45.32 -5.46 -22.00
C GLU G 746 45.67 -6.40 -20.89
N ILE G 747 46.59 -7.28 -21.17
CA ILE G 747 47.11 -8.27 -20.25
C ILE G 747 48.59 -8.14 -20.01
N SER G 748 48.94 -8.24 -18.74
CA SER G 748 50.31 -8.19 -18.28
C SER G 748 50.67 -9.56 -17.76
N ILE G 749 51.69 -10.19 -18.30
CA ILE G 749 51.99 -11.55 -17.87
C ILE G 749 53.22 -11.65 -17.01
N ARG G 750 53.05 -12.20 -15.82
CA ARG G 750 54.16 -12.34 -14.89
C ARG G 750 54.83 -13.73 -14.80
N ASN G 751 54.37 -14.73 -15.60
CA ASN G 751 54.87 -16.13 -15.68
C ASN G 751 55.25 -16.72 -14.32
C1 PLM H . -13.29 -27.09 9.36
O1 PLM H . -12.43 -26.89 8.45
O2 PLM H . -13.38 -28.09 10.08
C2 PLM H . -14.33 -25.95 9.56
C3 PLM H . -15.44 -26.04 8.48
C4 PLM H . -16.68 -25.14 8.78
C5 PLM H . -16.40 -23.62 8.71
C6 PLM H . -16.16 -23.12 7.24
C7 PLM H . -17.00 -21.89 6.89
C8 PLM H . -18.47 -22.26 6.61
C9 PLM H . -19.44 -21.27 7.22
CA PLM H . -19.58 -21.41 8.76
CB PLM H . -20.90 -20.88 9.31
CC PLM H . -21.29 -19.46 8.87
CD PLM H . -20.33 -18.34 9.33
CE PLM H . -20.24 -18.22 10.88
CF PLM H . -20.08 -16.76 11.36
CG PLM H . -18.74 -16.14 10.98
C1 PLM I . -2.89 -14.60 27.15
O1 PLM I . -4.05 -14.72 27.64
O2 PLM I . -1.86 -15.03 27.68
C2 PLM I . -2.75 -13.86 25.78
C3 PLM I . -3.96 -12.95 25.44
C4 PLM I . -5.15 -13.72 24.80
C5 PLM I . -6.53 -13.13 25.08
C6 PLM I . -6.99 -13.38 26.54
C7 PLM I . -8.53 -13.37 26.73
C8 PLM I . -9.13 -11.98 27.05
C9 PLM I . -10.30 -11.60 26.11
CA PLM I . -9.82 -10.97 24.78
CB PLM I . -10.20 -9.48 24.64
CC PLM I . -9.28 -8.52 25.45
CD PLM I . -10.06 -7.58 26.41
CE PLM I . -10.45 -8.24 27.77
CF PLM I . -11.99 -8.41 27.94
CG PLM I . -12.36 -9.46 28.99
C1 PLM J . 6.35 9.52 29.65
O1 PLM J . 7.48 10.07 29.82
O2 PLM J . 5.33 9.71 30.34
C2 PLM J . 6.26 8.52 28.46
C3 PLM J . 5.52 9.13 27.23
C4 PLM J . 4.70 8.09 26.41
C5 PLM J . 3.19 8.06 26.76
C6 PLM J . 2.84 7.12 27.90
C7 PLM J . 1.40 7.27 28.40
C8 PLM J . 1.19 8.49 29.34
C9 PLM J . 0.11 9.45 28.84
CA PLM J . -1.33 8.87 28.97
CB PLM J . -2.34 9.69 28.15
CC PLM J . -2.37 9.31 26.64
CD PLM J . -2.66 10.52 25.72
CE PLM J . -4.04 11.20 26.00
CF PLM J . -4.45 12.20 24.89
CG PLM J . -3.71 13.55 24.97
C1 PLM K . 4.65 28.87 12.63
O1 PLM K . 3.63 29.57 12.34
O2 PLM K . 5.34 29.02 13.65
C2 PLM K . 5.07 27.75 11.64
C3 PLM K . 3.87 27.07 10.90
C4 PLM K . 3.26 25.85 11.64
C5 PLM K . 2.49 26.24 12.91
C6 PLM K . 1.50 25.16 13.38
C7 PLM K . 0.86 25.53 14.73
C8 PLM K . -0.58 24.99 14.93
C9 PLM K . -1.65 25.98 14.42
CA PLM K . -3.07 25.63 14.91
CB PLM K . -3.64 24.29 14.38
CC PLM K . -3.89 24.26 12.85
CD PLM K . -5.12 25.08 12.42
CE PLM K . -5.52 24.76 10.97
CF PLM K . -6.68 25.65 10.42
CG PLM K . -6.20 26.87 9.64
C1 PLM L . -6.32 24.85 -8.53
O1 PLM L . -5.59 25.16 -7.51
O2 PLM L . -6.57 23.69 -8.87
C2 PLM L . -6.93 25.98 -9.41
C3 PLM L . -7.17 27.31 -8.65
C4 PLM L . -8.48 27.36 -7.84
C5 PLM L . -8.49 26.42 -6.62
C6 PLM L . -9.37 26.90 -5.46
C7 PLM L . -10.88 27.02 -5.78
C8 PLM L . -11.73 26.96 -4.49
C9 PLM L . -12.23 25.53 -4.17
CA PLM L . -13.56 25.21 -4.88
CB PLM L . -13.61 23.77 -5.47
CC PLM L . -15.04 23.37 -5.90
CD PLM L . -15.78 22.47 -4.88
CE PLM L . -16.31 23.22 -3.63
CF PLM L . -17.31 22.36 -2.78
CG PLM L . -16.66 21.19 -2.04
C1 PLM M . -20.86 10.87 -23.60
O1 PLM M . -20.06 11.76 -24.03
O2 PLM M . -22.01 11.09 -23.17
C2 PLM M . -20.34 9.41 -23.62
C3 PLM M . -20.33 8.78 -22.20
C4 PLM M . -18.97 8.93 -21.46
C5 PLM M . -19.06 8.51 -19.95
C6 PLM M . -18.38 9.48 -18.96
C7 PLM M . -19.04 10.87 -18.90
C8 PLM M . -19.91 11.16 -17.68
C9 PLM M . -21.24 10.39 -17.66
CA PLM M . -22.28 11.02 -16.71
CB PLM M . -21.88 10.92 -15.21
CC PLM M . -23.05 10.46 -14.32
CD PLM M . -23.28 8.93 -14.39
CE PLM M . -22.76 8.17 -13.15
CF PLM M . -23.84 8.07 -12.04
CG PLM M . -23.37 7.30 -10.80
C1 PLM N . -21.80 -14.09 -13.48
O1 PLM N . -20.58 -13.77 -13.39
O2 PLM N . -22.30 -14.93 -14.25
C2 PLM N . -22.73 -13.33 -12.49
C3 PLM N . -22.86 -11.86 -12.95
C4 PLM N . -23.66 -10.98 -11.97
C5 PLM N . -25.18 -11.23 -11.98
C6 PLM N . -25.98 -10.11 -11.28
C7 PLM N . -25.81 -10.12 -9.75
C8 PLM N . -26.58 -8.97 -9.04
C9 PLM N . -25.84 -8.42 -7.81
CA PLM N . -25.80 -9.39 -6.59
CB PLM N . -27.11 -9.42 -5.74
CC PLM N . -27.26 -8.22 -4.76
CD PLM N . -28.28 -7.16 -5.27
CE PLM N . -28.33 -5.85 -4.42
CF PLM N . -27.17 -4.86 -4.74
CG PLM N . -27.60 -3.41 -4.93
#